data_6S3R
#
_entry.id   6S3R
#
_cell.length_a   1.00
_cell.length_b   1.00
_cell.length_c   1.00
_cell.angle_alpha   90.00
_cell.angle_beta   90.00
_cell.angle_gamma   90.00
#
_symmetry.space_group_name_H-M   'P 1'
#
loop_
_entity.id
_entity.type
_entity.pdbx_description
1 polymer 'Flagellar biosynthetic protein FliP'
2 polymer 'Flagellar biosynthetic protein FliR'
3 polymer 'Flagellar biosynthetic protein FliQ'
#
loop_
_entity_poly.entity_id
_entity_poly.type
_entity_poly.pdbx_seq_one_letter_code
_entity_poly.pdbx_strand_id
1 'polypeptide(L)'
;MGALRFVILLLLVMVTPAVLAADPLSIPAITLSNGADGQQEYSVSLQILLIMTALSFIPAFVMLMTSFTRIIIVFSILRQ
ALGLQQTPSNQILTGMALFLTMFIMAPVFDRVNQDALQPYLAEKLSAQDAVAKAQVPIKDFMLAQTRTSDLELFMRLSKR
TDIPTPDAAPLTILVPAFVISELKTAFQIGFMIFIPFLIIDLVVASVLMAMGMMMLSPLIISLPFKIMLFVLVDGWALIV
GTLAGSFGGV
;
A,B,C,D,E
2 'polypeptide(L)'
;MQPMLALTDIQISTWVASFMLPMFRIVALLMTMPVIGTTLVPRRVRLYLAFAITVVVAPALPAMPPVQALDLSGLLLIGE
QIIIGAGMGLSLQMFFHIFVIAGQIISTQMGMGFASMVDPTNGVSSAVIGQFFTMLVTLLFLFMNGHLVVLEVLVESFTT
MPVGGGLLVNNFWELANGLGWALSSGLRLVLPAITALLIINIAFGVMTRAAPQLNIFSIGFPLTLVLGMVILWMSMGDIL
NQYQPIASQALQSLRDMVRARENLYFQGQFGSWSHPQFEKGGGSGGGSGGGSWSHPQFEK
;
F
3 'polypeptide(L)'
;MTPEVAVDLFREALWLTTVLVAILVVPSLLCGLLVAMFQAATQINEQTLSFLPRLLVMLVTLIVIGPWLLKIFMEYMLSL
YTSIPTLIG
;
G,H,I,J,K
#
# COMPACT_ATOMS: atom_id res chain seq x y z
N LEU A 55 4.18 -28.75 -21.70
CA LEU A 55 5.42 -27.99 -21.69
C LEU A 55 5.98 -27.86 -20.29
N SER A 56 5.10 -27.69 -19.31
CA SER A 56 5.51 -27.45 -17.94
C SER A 56 5.75 -28.73 -17.15
N PHE A 57 5.72 -29.89 -17.80
CA PHE A 57 6.05 -31.14 -17.12
C PHE A 57 7.55 -31.20 -16.82
N ILE A 58 8.37 -30.76 -17.77
CA ILE A 58 9.82 -30.87 -17.59
C ILE A 58 10.35 -29.93 -16.51
N PRO A 59 9.96 -28.65 -16.46
CA PRO A 59 10.45 -27.81 -15.35
C PRO A 59 9.92 -28.23 -14.00
N ALA A 60 8.79 -28.95 -13.97
CA ALA A 60 8.20 -29.36 -12.71
C ALA A 60 9.13 -30.28 -11.94
N PHE A 61 9.56 -31.38 -12.57
CA PHE A 61 10.38 -32.37 -11.88
C PHE A 61 11.72 -31.79 -11.44
N VAL A 62 12.07 -30.61 -11.95
CA VAL A 62 13.32 -29.98 -11.53
C VAL A 62 13.12 -29.17 -10.25
N MET A 63 11.96 -28.52 -10.13
CA MET A 63 11.68 -27.78 -8.91
C MET A 63 11.47 -28.72 -7.73
N LEU A 64 10.78 -29.83 -7.95
CA LEU A 64 10.43 -30.72 -6.86
C LEU A 64 11.63 -31.54 -6.41
N MET A 65 12.35 -32.15 -7.34
CA MET A 65 13.38 -33.11 -6.98
C MET A 65 14.68 -32.43 -6.59
N THR A 66 15.01 -31.31 -7.24
CA THR A 66 16.31 -30.68 -7.00
C THR A 66 16.23 -29.67 -5.86
N SER A 67 17.30 -28.88 -5.73
CA SER A 67 17.43 -27.94 -4.62
C SER A 67 16.59 -26.69 -4.81
N PHE A 68 15.96 -26.52 -5.97
CA PHE A 68 15.39 -25.22 -6.35
C PHE A 68 14.45 -24.67 -5.28
N THR A 69 13.64 -25.54 -4.69
CA THR A 69 12.58 -25.08 -3.79
C THR A 69 13.14 -24.28 -2.60
N ARG A 70 13.96 -24.91 -1.76
CA ARG A 70 14.38 -24.20 -0.56
C ARG A 70 15.23 -22.99 -0.91
N ILE A 71 15.93 -23.01 -2.05
CA ILE A 71 16.76 -21.88 -2.42
C ILE A 71 15.89 -20.68 -2.80
N ILE A 72 14.94 -20.88 -3.71
CA ILE A 72 14.07 -19.78 -4.12
C ILE A 72 13.25 -19.30 -2.94
N ILE A 73 12.91 -20.20 -2.01
CA ILE A 73 12.13 -19.77 -0.86
C ILE A 73 12.96 -18.90 0.07
N VAL A 74 14.23 -19.28 0.30
CA VAL A 74 15.07 -18.46 1.15
C VAL A 74 15.33 -17.12 0.49
N PHE A 75 15.45 -17.09 -0.84
CA PHE A 75 15.67 -15.82 -1.51
C PHE A 75 14.42 -14.95 -1.48
N SER A 76 13.23 -15.57 -1.52
CA SER A 76 12.01 -14.78 -1.38
C SER A 76 11.88 -14.22 0.02
N ILE A 77 12.23 -15.01 1.03
CA ILE A 77 12.30 -14.49 2.39
C ILE A 77 13.23 -13.30 2.44
N LEU A 78 14.41 -13.42 1.85
CA LEU A 78 15.38 -12.33 1.82
C LEU A 78 14.79 -11.08 1.20
N ARG A 79 14.34 -11.18 -0.05
CA ARG A 79 13.69 -10.05 -0.71
C ARG A 79 12.63 -9.42 0.17
N GLN A 80 11.91 -10.24 0.95
CA GLN A 80 11.01 -9.69 1.97
C GLN A 80 11.76 -9.31 3.24
N ALA A 81 12.74 -10.13 3.64
CA ALA A 81 13.53 -9.82 4.84
C ALA A 81 14.22 -8.49 4.71
N LEU A 82 14.82 -8.25 3.55
CA LEU A 82 15.49 -6.99 3.25
C LEU A 82 14.45 -5.87 3.28
N GLY A 83 14.90 -4.64 3.08
CA GLY A 83 13.97 -3.53 2.95
C GLY A 83 12.82 -3.89 2.04
N LEU A 84 11.65 -3.29 2.26
CA LEU A 84 10.39 -3.71 1.64
C LEU A 84 10.52 -3.88 0.14
N GLN A 85 11.64 -3.42 -0.41
CA GLN A 85 11.88 -3.44 -1.85
C GLN A 85 11.41 -4.72 -2.51
N GLN A 86 10.71 -4.56 -3.62
CA GLN A 86 10.57 -5.58 -4.64
C GLN A 86 11.58 -5.23 -5.74
N THR A 87 11.52 -5.96 -6.83
CA THR A 87 12.39 -5.82 -7.99
C THR A 87 13.84 -6.10 -7.60
N PRO A 88 14.09 -7.18 -6.86
CA PRO A 88 14.97 -8.23 -7.38
C PRO A 88 14.22 -9.16 -8.32
N SER A 89 12.96 -8.85 -8.58
CA SER A 89 12.17 -9.17 -9.77
C SER A 89 11.76 -10.63 -9.87
N ASN A 90 12.28 -11.52 -9.01
CA ASN A 90 11.94 -12.94 -9.00
C ASN A 90 12.16 -13.59 -10.37
N GLN A 91 12.79 -12.85 -11.29
CA GLN A 91 13.23 -13.37 -12.57
C GLN A 91 14.74 -13.44 -12.63
N ILE A 92 15.44 -12.59 -11.89
CA ILE A 92 16.85 -12.83 -11.62
C ILE A 92 17.03 -13.65 -10.35
N LEU A 93 16.05 -13.65 -9.45
CA LEU A 93 16.11 -14.57 -8.32
C LEU A 93 15.89 -16.01 -8.79
N THR A 94 14.96 -16.22 -9.72
CA THR A 94 14.79 -17.56 -10.26
C THR A 94 16.05 -18.04 -10.95
N GLY A 95 16.69 -17.17 -11.74
CA GLY A 95 17.92 -17.55 -12.40
C GLY A 95 19.06 -17.80 -11.43
N MET A 96 19.17 -16.95 -10.40
CA MET A 96 20.24 -17.14 -9.42
C MET A 96 20.04 -18.43 -8.64
N ALA A 97 18.80 -18.71 -8.24
CA ALA A 97 18.51 -19.97 -7.56
C ALA A 97 18.74 -21.15 -8.48
N LEU A 98 18.50 -21.00 -9.78
CA LEU A 98 18.73 -22.11 -10.70
C LEU A 98 20.23 -22.35 -10.90
N PHE A 99 21.02 -21.29 -10.92
CA PHE A 99 22.47 -21.47 -11.00
C PHE A 99 23.02 -22.09 -9.73
N LEU A 100 22.50 -21.70 -8.57
CA LEU A 100 22.89 -22.36 -7.33
C LEU A 100 22.43 -23.81 -7.33
N THR A 101 21.28 -24.11 -7.93
CA THR A 101 20.84 -25.49 -8.06
C THR A 101 21.81 -26.29 -8.90
N MET A 102 22.27 -25.71 -10.02
CA MET A 102 23.26 -26.40 -10.84
C MET A 102 24.55 -26.64 -10.06
N PHE A 103 25.02 -25.61 -9.34
CA PHE A 103 26.26 -25.74 -8.59
C PHE A 103 26.15 -26.77 -7.48
N ILE A 104 24.98 -26.91 -6.87
CA ILE A 104 24.80 -27.83 -5.76
C ILE A 104 24.52 -29.25 -6.26
N MET A 105 23.78 -29.39 -7.34
CA MET A 105 23.51 -30.68 -7.97
C MET A 105 24.69 -31.17 -8.81
N ALA A 106 25.75 -30.37 -8.94
CA ALA A 106 26.94 -30.83 -9.63
C ALA A 106 27.36 -32.26 -9.30
N PRO A 107 27.48 -32.67 -8.02
CA PRO A 107 27.80 -34.08 -7.77
C PRO A 107 26.68 -35.03 -8.15
N VAL A 108 25.43 -34.64 -7.87
CA VAL A 108 24.30 -35.51 -8.20
C VAL A 108 24.19 -35.67 -9.71
N PHE A 109 24.21 -34.56 -10.45
CA PHE A 109 24.15 -34.66 -11.91
C PHE A 109 25.38 -35.35 -12.47
N ASP A 110 26.53 -35.20 -11.81
CA ASP A 110 27.71 -35.95 -12.22
C ASP A 110 27.47 -37.44 -12.14
N ARG A 111 26.88 -37.90 -11.03
CA ARG A 111 26.59 -39.33 -10.89
C ARG A 111 25.52 -39.78 -11.88
N VAL A 112 24.53 -38.93 -12.15
CA VAL A 112 23.51 -39.28 -13.14
C VAL A 112 24.14 -39.48 -14.50
N ASN A 113 24.95 -38.52 -14.95
CA ASN A 113 25.66 -38.68 -16.21
C ASN A 113 26.57 -39.90 -16.21
N GLN A 114 27.21 -40.19 -15.07
CA GLN A 114 28.04 -41.39 -14.95
C GLN A 114 27.24 -42.64 -15.26
N ASP A 115 26.16 -42.88 -14.51
CA ASP A 115 25.45 -44.14 -14.56
C ASP A 115 24.43 -44.24 -15.68
N ALA A 116 23.96 -43.11 -16.22
CA ALA A 116 22.93 -43.15 -17.26
C ALA A 116 23.42 -42.66 -18.60
N LEU A 117 24.01 -41.47 -18.68
CA LEU A 117 24.27 -40.87 -19.98
C LEU A 117 25.61 -41.28 -20.57
N GLN A 118 26.63 -41.54 -19.74
CA GLN A 118 27.91 -42.03 -20.27
C GLN A 118 27.76 -43.26 -21.14
N PRO A 119 27.02 -44.31 -20.76
CA PRO A 119 26.86 -45.45 -21.66
C PRO A 119 25.77 -45.25 -22.71
N TYR A 120 24.98 -44.19 -22.62
CA TYR A 120 23.82 -44.02 -23.50
C TYR A 120 24.01 -42.89 -24.50
N LEU A 121 25.24 -42.71 -24.97
CA LEU A 121 25.51 -42.05 -26.23
C LEU A 121 25.63 -43.06 -27.37
N ALA A 122 25.47 -44.36 -27.07
CA ALA A 122 25.83 -45.43 -27.98
C ALA A 122 24.63 -46.28 -28.39
N GLU A 123 23.44 -45.67 -28.43
CA GLU A 123 22.22 -46.36 -28.88
C GLU A 123 22.00 -47.66 -28.11
N LYS A 124 22.17 -47.58 -26.78
CA LYS A 124 22.05 -48.79 -25.96
C LYS A 124 20.60 -49.18 -25.73
N LEU A 125 19.82 -48.28 -25.14
CA LEU A 125 18.46 -48.60 -24.73
C LEU A 125 17.67 -47.31 -24.58
N SER A 126 16.34 -47.41 -24.65
CA SER A 126 15.47 -46.24 -24.60
C SER A 126 14.20 -46.56 -23.83
N ALA A 127 13.82 -45.65 -22.93
CA ALA A 127 12.53 -45.70 -22.23
C ALA A 127 12.38 -46.96 -21.39
N GLN A 128 13.48 -47.46 -20.83
CA GLN A 128 13.45 -48.68 -20.02
C GLN A 128 14.40 -48.48 -18.84
N ASP A 129 14.80 -49.59 -18.22
CA ASP A 129 15.49 -49.65 -16.92
C ASP A 129 16.58 -48.61 -16.70
N ALA A 130 17.20 -48.13 -17.78
CA ALA A 130 18.17 -47.05 -17.64
C ALA A 130 17.58 -45.85 -16.92
N VAL A 131 16.28 -45.61 -17.07
CA VAL A 131 15.65 -44.49 -16.37
C VAL A 131 15.67 -44.74 -14.86
N ALA A 132 15.52 -46.00 -14.44
CA ALA A 132 15.64 -46.29 -13.01
C ALA A 132 17.07 -46.21 -12.54
N LYS A 133 18.02 -46.60 -13.40
CA LYS A 133 19.43 -46.42 -13.06
C LYS A 133 19.77 -44.95 -12.89
N ALA A 134 19.04 -44.08 -13.58
CA ALA A 134 19.18 -42.64 -13.36
C ALA A 134 18.40 -42.17 -12.14
N GLN A 135 17.31 -42.87 -11.81
CA GLN A 135 16.52 -42.49 -10.63
C GLN A 135 17.28 -42.78 -9.34
N VAL A 136 18.12 -43.81 -9.33
CA VAL A 136 18.78 -44.21 -8.08
C VAL A 136 19.57 -43.09 -7.43
N PRO A 137 20.46 -42.37 -8.13
CA PRO A 137 21.27 -41.34 -7.45
C PRO A 137 20.45 -40.21 -6.84
N ILE A 138 19.54 -39.62 -7.62
CA ILE A 138 18.68 -38.58 -7.09
C ILE A 138 17.81 -39.12 -5.97
N LYS A 139 17.43 -40.41 -6.05
CA LYS A 139 16.64 -41.02 -4.99
C LYS A 139 17.39 -40.98 -3.66
N ASP A 140 18.62 -41.51 -3.64
CA ASP A 140 19.35 -41.52 -2.37
C ASP A 140 19.72 -40.11 -1.93
N PHE A 141 19.95 -39.20 -2.88
CA PHE A 141 20.19 -37.82 -2.51
C PHE A 141 19.01 -37.25 -1.75
N MET A 142 17.81 -37.33 -2.33
CA MET A 142 16.62 -36.83 -1.64
C MET A 142 16.45 -37.51 -0.29
N LEU A 143 16.65 -38.83 -0.23
CA LEU A 143 16.56 -39.54 1.04
C LEU A 143 17.49 -38.96 2.08
N ALA A 144 18.65 -38.42 1.66
CA ALA A 144 19.61 -37.91 2.61
C ALA A 144 19.08 -36.68 3.37
N GLN A 145 18.03 -36.03 2.86
CA GLN A 145 17.58 -34.77 3.44
C GLN A 145 16.13 -34.77 3.93
N THR A 146 15.30 -35.69 3.47
CA THR A 146 13.94 -35.77 4.00
C THR A 146 14.00 -36.16 5.47
N ARG A 147 13.34 -35.38 6.32
CA ARG A 147 13.28 -35.73 7.73
C ARG A 147 12.54 -37.05 7.90
N THR A 148 12.81 -37.72 9.01
CA THR A 148 12.22 -39.03 9.24
C THR A 148 10.71 -38.94 9.39
N SER A 149 10.23 -37.85 9.99
CA SER A 149 8.80 -37.72 10.28
C SER A 149 7.97 -37.72 9.00
N ASP A 150 8.39 -36.97 7.99
CA ASP A 150 7.63 -36.91 6.74
C ASP A 150 7.57 -38.28 6.08
N LEU A 151 8.69 -39.02 6.12
CA LEU A 151 8.71 -40.36 5.55
C LEU A 151 7.76 -41.28 6.28
N GLU A 152 7.81 -41.29 7.61
CA GLU A 152 6.88 -42.08 8.39
C GLU A 152 5.44 -41.74 8.01
N LEU A 153 5.15 -40.44 7.89
CA LEU A 153 3.79 -40.00 7.61
C LEU A 153 3.33 -40.47 6.24
N PHE A 154 4.19 -40.40 5.24
CA PHE A 154 3.72 -40.76 3.91
C PHE A 154 3.67 -42.28 3.72
N MET A 155 4.52 -43.03 4.41
CA MET A 155 4.32 -44.47 4.47
C MET A 155 2.99 -44.80 5.16
N ARG A 156 2.62 -43.99 6.15
CA ARG A 156 1.36 -44.19 6.85
C ARG A 156 0.16 -43.86 5.97
N LEU A 157 0.28 -42.81 5.15
CA LEU A 157 -0.81 -42.40 4.27
C LEU A 157 -0.94 -43.28 3.05
N SER A 158 0.15 -43.88 2.57
CA SER A 158 0.04 -44.80 1.44
C SER A 158 -0.56 -46.13 1.88
N LYS A 159 -0.23 -46.60 3.08
CA LYS A 159 -0.70 -47.86 3.65
C LYS A 159 -0.28 -49.07 2.83
N ARG A 160 0.71 -48.94 1.97
CA ARG A 160 1.10 -50.02 1.07
C ARG A 160 1.97 -51.02 1.82
N THR A 161 2.63 -51.91 1.07
CA THR A 161 3.58 -52.84 1.66
C THR A 161 4.63 -52.08 2.47
N ASP A 162 5.00 -52.64 3.61
CA ASP A 162 5.90 -51.94 4.53
C ASP A 162 7.26 -51.76 3.88
N ILE A 163 7.74 -50.51 3.87
CA ILE A 163 9.08 -50.20 3.38
C ILE A 163 9.77 -49.28 4.39
N PRO A 164 10.21 -49.80 5.54
CA PRO A 164 10.98 -48.94 6.47
C PRO A 164 12.37 -48.66 5.94
N THR A 165 12.93 -49.64 5.25
CA THR A 165 14.09 -49.43 4.39
C THR A 165 13.78 -48.34 3.36
N PRO A 166 14.79 -47.86 2.59
CA PRO A 166 14.58 -46.67 1.75
C PRO A 166 13.33 -46.64 0.89
N ASP A 167 13.03 -45.45 0.38
CA ASP A 167 11.73 -45.06 -0.15
C ASP A 167 11.21 -46.04 -1.20
N ALA A 168 9.91 -45.94 -1.46
CA ALA A 168 9.29 -46.77 -2.49
C ALA A 168 9.91 -46.48 -3.84
N ALA A 169 10.14 -47.55 -4.61
CA ALA A 169 10.78 -47.43 -5.91
C ALA A 169 10.07 -46.46 -6.87
N PRO A 170 8.73 -46.37 -6.91
CA PRO A 170 8.13 -45.40 -7.84
C PRO A 170 8.56 -43.97 -7.57
N LEU A 171 9.13 -43.70 -6.39
CA LEU A 171 9.65 -42.38 -6.03
C LEU A 171 8.49 -41.40 -5.85
N THR A 172 7.28 -41.85 -6.15
CA THR A 172 6.11 -40.99 -6.05
C THR A 172 5.78 -40.62 -4.61
N ILE A 173 6.23 -41.41 -3.63
CA ILE A 173 5.95 -41.09 -2.24
C ILE A 173 7.19 -40.60 -1.51
N LEU A 174 8.30 -40.37 -2.21
CA LEU A 174 9.43 -39.66 -1.62
C LEU A 174 9.48 -38.21 -2.04
N VAL A 175 9.09 -37.93 -3.29
CA VAL A 175 9.07 -36.55 -3.78
C VAL A 175 8.29 -35.62 -2.85
N PRO A 176 7.03 -35.89 -2.52
CA PRO A 176 6.30 -34.94 -1.65
C PRO A 176 6.87 -34.86 -0.25
N ALA A 177 7.34 -35.97 0.31
CA ALA A 177 8.01 -35.91 1.60
C ALA A 177 9.25 -35.04 1.54
N PHE A 178 10.00 -35.14 0.44
CA PHE A 178 11.15 -34.29 0.25
C PHE A 178 10.77 -32.83 0.20
N VAL A 179 9.72 -32.51 -0.57
CA VAL A 179 9.34 -31.10 -0.74
C VAL A 179 8.76 -30.54 0.56
N ILE A 180 8.10 -31.38 1.35
CA ILE A 180 7.58 -30.93 2.63
C ILE A 180 8.71 -30.63 3.60
N SER A 181 9.67 -31.56 3.76
CA SER A 181 10.85 -31.27 4.56
C SER A 181 11.61 -30.09 3.99
N GLU A 182 11.48 -29.87 2.69
CA GLU A 182 12.15 -28.77 2.00
C GLU A 182 11.58 -27.44 2.44
N LEU A 183 10.26 -27.31 2.38
CA LEU A 183 9.60 -26.11 2.85
C LEU A 183 9.90 -25.90 4.32
N LYS A 184 9.93 -26.96 5.10
CA LYS A 184 10.21 -26.83 6.52
C LYS A 184 11.59 -26.23 6.76
N THR A 185 12.62 -26.80 6.14
CA THR A 185 13.97 -26.29 6.34
C THR A 185 14.14 -24.90 5.72
N ALA A 186 13.46 -24.65 4.60
CA ALA A 186 13.57 -23.36 3.96
C ALA A 186 12.99 -22.26 4.83
N PHE A 187 11.84 -22.51 5.45
CA PHE A 187 11.28 -21.53 6.37
C PHE A 187 12.12 -21.41 7.62
N GLN A 188 12.73 -22.50 8.08
CA GLN A 188 13.72 -22.40 9.16
C GLN A 188 14.77 -21.36 8.83
N ILE A 189 15.52 -21.59 7.75
CA ILE A 189 16.62 -20.68 7.38
C ILE A 189 16.07 -19.28 7.09
N GLY A 190 14.90 -19.20 6.48
CA GLY A 190 14.34 -17.91 6.13
C GLY A 190 14.10 -17.05 7.35
N PHE A 191 13.44 -17.60 8.36
CA PHE A 191 13.23 -16.82 9.56
C PHE A 191 14.54 -16.59 10.31
N MET A 192 15.46 -17.54 10.22
CA MET A 192 16.77 -17.36 10.85
C MET A 192 17.47 -16.12 10.30
N ILE A 193 17.46 -15.94 8.98
CA ILE A 193 18.07 -14.74 8.39
C ILE A 193 17.14 -13.55 8.43
N PHE A 194 15.86 -13.75 8.73
CA PHE A 194 14.90 -12.66 8.83
C PHE A 194 14.99 -11.94 10.18
N ILE A 195 15.41 -12.66 11.23
CA ILE A 195 15.39 -12.08 12.57
C ILE A 195 16.18 -10.77 12.70
N PRO A 196 17.45 -10.69 12.28
CA PRO A 196 18.18 -9.43 12.50
C PRO A 196 17.58 -8.26 11.76
N PHE A 197 16.98 -8.49 10.59
CA PHE A 197 16.28 -7.40 9.92
C PHE A 197 15.05 -6.97 10.71
N LEU A 198 14.40 -7.89 11.41
CA LEU A 198 13.34 -7.49 12.33
C LEU A 198 13.89 -6.63 13.44
N ILE A 199 15.06 -6.98 13.98
CA ILE A 199 15.67 -6.15 15.01
C ILE A 199 15.89 -4.74 14.49
N ILE A 200 16.38 -4.63 13.25
CA ILE A 200 16.63 -3.30 12.69
C ILE A 200 15.33 -2.54 12.51
N ASP A 201 14.28 -3.22 12.00
CA ASP A 201 12.98 -2.57 11.86
C ASP A 201 12.48 -2.03 13.19
N LEU A 202 12.58 -2.84 14.25
CA LEU A 202 12.05 -2.43 15.53
C LEU A 202 12.86 -1.29 16.14
N VAL A 203 14.19 -1.36 16.04
CA VAL A 203 15.01 -0.27 16.55
C VAL A 203 14.69 1.02 15.81
N VAL A 204 14.54 0.95 14.49
CA VAL A 204 14.27 2.14 13.71
C VAL A 204 12.92 2.73 14.11
N ALA A 205 11.88 1.90 14.15
CA ALA A 205 10.55 2.40 14.45
C ALA A 205 10.48 2.95 15.87
N SER A 206 11.14 2.30 16.83
CA SER A 206 11.09 2.76 18.20
C SER A 206 11.89 4.03 18.39
N VAL A 207 12.99 4.19 17.64
CA VAL A 207 13.72 5.45 17.70
C VAL A 207 12.88 6.57 17.10
N LEU A 208 12.25 6.33 15.96
CA LEU A 208 11.45 7.36 15.32
C LEU A 208 10.28 7.79 16.20
N MET A 209 9.54 6.83 16.78
CA MET A 209 8.46 7.20 17.68
C MET A 209 9.01 7.89 18.92
N ALA A 210 10.10 7.37 19.50
CA ALA A 210 10.73 8.03 20.62
C ALA A 210 11.25 9.41 20.26
N MET A 211 11.32 9.73 18.97
CA MET A 211 11.59 11.09 18.54
C MET A 211 10.34 11.92 18.42
N GLY A 212 9.21 11.42 18.91
CA GLY A 212 7.94 12.06 18.62
C GLY A 212 7.66 12.24 17.15
N MET A 213 8.49 11.65 16.29
CA MET A 213 8.48 11.89 14.86
C MET A 213 7.74 10.71 14.21
N MET A 214 6.42 10.76 14.25
CA MET A 214 5.61 9.72 13.67
C MET A 214 5.28 10.05 12.23
N MET A 215 4.51 9.18 11.59
CA MET A 215 4.10 9.31 10.19
C MET A 215 5.29 9.41 9.24
N LEU A 216 6.44 8.88 9.62
CA LEU A 216 7.61 8.89 8.74
C LEU A 216 7.84 7.55 8.06
N SER A 217 6.99 6.55 8.32
CA SER A 217 7.07 5.25 7.67
C SER A 217 8.43 4.61 7.90
N PRO A 218 8.72 4.13 9.11
CA PRO A 218 10.08 3.68 9.43
C PRO A 218 10.65 2.63 8.49
N LEU A 219 9.86 2.08 7.57
CA LEU A 219 10.43 1.16 6.58
C LEU A 219 11.34 1.90 5.61
N ILE A 220 10.99 3.12 5.24
CA ILE A 220 11.78 3.87 4.28
C ILE A 220 13.07 4.37 4.91
N ILE A 221 13.13 4.41 6.23
CA ILE A 221 14.37 4.78 6.90
C ILE A 221 15.16 3.53 7.27
N SER A 222 14.47 2.41 7.47
CA SER A 222 15.15 1.16 7.79
C SER A 222 15.78 0.50 6.58
N LEU A 223 15.29 0.77 5.37
CA LEU A 223 15.88 0.18 4.16
C LEU A 223 17.38 0.43 4.04
N PRO A 224 17.90 1.65 4.18
CA PRO A 224 19.35 1.83 4.06
C PRO A 224 20.13 1.17 5.18
N PHE A 225 19.60 1.11 6.39
CA PHE A 225 20.30 0.41 7.46
C PHE A 225 20.31 -1.10 7.20
N LYS A 226 19.20 -1.64 6.69
CA LYS A 226 19.19 -3.05 6.31
C LYS A 226 20.24 -3.33 5.24
N ILE A 227 20.30 -2.47 4.21
CA ILE A 227 21.29 -2.67 3.15
C ILE A 227 22.70 -2.56 3.71
N MET A 228 22.95 -1.59 4.57
CA MET A 228 24.29 -1.39 5.11
C MET A 228 24.72 -2.60 5.94
N LEU A 229 23.86 -3.05 6.85
CA LEU A 229 24.20 -4.21 7.66
C LEU A 229 24.37 -5.46 6.80
N PHE A 230 23.58 -5.60 5.74
CA PHE A 230 23.72 -6.74 4.84
C PHE A 230 24.95 -6.65 3.97
N VAL A 231 25.53 -5.47 3.82
CA VAL A 231 26.81 -5.33 3.13
C VAL A 231 27.98 -5.58 4.06
N LEU A 232 27.92 -5.07 5.29
CA LEU A 232 29.05 -5.19 6.20
C LEU A 232 29.34 -6.62 6.57
N VAL A 233 28.34 -7.37 7.02
CA VAL A 233 28.53 -8.79 7.32
C VAL A 233 28.71 -9.62 6.06
N ASP A 234 28.74 -8.96 4.90
CA ASP A 234 28.99 -9.53 3.58
C ASP A 234 27.77 -10.30 3.07
N GLY A 235 26.83 -10.61 3.96
CA GLY A 235 25.46 -10.77 3.55
C GLY A 235 25.17 -11.94 2.64
N TRP A 236 25.61 -11.82 1.39
CA TRP A 236 25.21 -12.74 0.34
C TRP A 236 26.08 -13.98 0.30
N ALA A 237 27.39 -13.83 0.55
CA ALA A 237 28.24 -15.01 0.65
C ALA A 237 27.90 -15.83 1.88
N LEU A 238 27.63 -15.16 3.01
CA LEU A 238 27.14 -15.88 4.18
C LEU A 238 25.93 -16.75 3.83
N ILE A 239 24.94 -16.15 3.17
CA ILE A 239 23.69 -16.85 2.94
C ILE A 239 23.86 -17.96 1.91
N VAL A 240 24.64 -17.71 0.85
CA VAL A 240 24.81 -18.73 -0.17
C VAL A 240 25.65 -19.88 0.36
N GLY A 241 26.68 -19.56 1.17
CA GLY A 241 27.44 -20.62 1.82
C GLY A 241 26.60 -21.43 2.79
N THR A 242 25.73 -20.75 3.55
CA THR A 242 24.82 -21.46 4.44
C THR A 242 23.90 -22.38 3.66
N LEU A 243 23.32 -21.90 2.57
CA LEU A 243 22.45 -22.73 1.75
C LEU A 243 23.19 -23.94 1.21
N ALA A 244 24.37 -23.72 0.62
CA ALA A 244 25.08 -24.81 -0.05
C ALA A 244 25.84 -25.70 0.93
N GLY A 245 25.95 -25.31 2.19
CA GLY A 245 26.60 -26.16 3.18
C GLY A 245 25.60 -26.95 4.01
N SER A 246 24.54 -26.28 4.47
CA SER A 246 23.48 -26.99 5.18
C SER A 246 22.73 -27.94 4.26
N PHE A 247 22.92 -27.83 2.95
CA PHE A 247 22.20 -28.68 2.03
C PHE A 247 22.76 -30.09 2.02
N GLY A 248 24.06 -30.24 1.80
CA GLY A 248 24.70 -31.53 1.79
C GLY A 248 25.52 -31.76 3.05
N GLY A 249 26.15 -32.92 3.09
CA GLY A 249 27.07 -33.23 4.17
C GLY A 249 28.42 -32.57 3.96
N VAL A 250 28.93 -31.88 4.97
CA VAL A 250 30.24 -31.25 4.89
C VAL A 250 31.23 -32.00 5.76
N THR B 53 11.52 -23.49 -21.70
CA THR B 53 12.89 -23.41 -21.21
C THR B 53 13.57 -22.19 -21.84
N ALA B 54 12.91 -21.58 -22.83
CA ALA B 54 13.40 -20.31 -23.35
C ALA B 54 13.15 -19.18 -22.36
N LEU B 55 12.03 -19.23 -21.65
CA LEU B 55 11.73 -18.23 -20.63
C LEU B 55 12.64 -18.38 -19.42
N SER B 56 13.09 -19.59 -19.14
CA SER B 56 14.13 -19.80 -18.13
C SER B 56 15.53 -19.71 -18.72
N PHE B 57 15.64 -19.50 -20.03
CA PHE B 57 16.93 -19.43 -20.72
C PHE B 57 17.40 -18.00 -20.86
N ILE B 58 16.63 -17.17 -21.55
CA ILE B 58 17.11 -15.83 -21.88
C ILE B 58 17.30 -15.02 -20.59
N PRO B 59 16.26 -14.76 -19.80
CA PRO B 59 16.44 -13.85 -18.65
C PRO B 59 17.34 -14.42 -17.56
N ALA B 60 17.64 -15.71 -17.59
CA ALA B 60 18.52 -16.30 -16.58
C ALA B 60 19.97 -16.19 -17.00
N PHE B 61 20.27 -16.58 -18.24
CA PHE B 61 21.66 -16.56 -18.70
C PHE B 61 22.15 -15.13 -18.92
N VAL B 62 21.51 -14.38 -19.83
CA VAL B 62 22.12 -13.14 -20.26
C VAL B 62 21.76 -11.96 -19.36
N MET B 63 20.76 -12.09 -18.51
CA MET B 63 20.47 -11.00 -17.59
C MET B 63 21.19 -11.15 -16.25
N LEU B 64 21.88 -12.25 -16.04
CA LEU B 64 22.71 -12.45 -14.84
C LEU B 64 24.20 -12.43 -15.15
N MET B 65 24.61 -13.00 -16.29
CA MET B 65 26.00 -12.98 -16.67
C MET B 65 26.48 -11.60 -17.10
N THR B 66 25.57 -10.70 -17.45
CA THR B 66 25.91 -9.35 -17.84
C THR B 66 25.61 -8.36 -16.71
N SER B 67 25.72 -7.07 -17.01
CA SER B 67 25.67 -6.02 -16.00
C SER B 67 24.27 -5.77 -15.48
N PHE B 68 23.26 -6.47 -16.00
CA PHE B 68 21.87 -6.09 -15.75
C PHE B 68 21.53 -6.02 -14.27
N THR B 69 22.04 -6.98 -13.47
CA THR B 69 21.58 -7.10 -12.10
C THR B 69 21.95 -5.87 -11.28
N ARG B 70 23.22 -5.46 -11.32
CA ARG B 70 23.62 -4.33 -10.49
C ARG B 70 22.94 -3.04 -10.93
N ILE B 71 22.75 -2.86 -12.23
CA ILE B 71 22.11 -1.64 -12.71
C ILE B 71 20.65 -1.60 -12.26
N ILE B 72 19.93 -2.70 -12.44
CA ILE B 72 18.50 -2.69 -12.12
C ILE B 72 18.31 -2.56 -10.61
N ILE B 73 19.20 -3.18 -9.82
CA ILE B 73 19.07 -3.09 -8.37
C ILE B 73 19.38 -1.67 -7.91
N VAL B 74 20.40 -1.04 -8.50
CA VAL B 74 20.72 0.33 -8.12
C VAL B 74 19.58 1.26 -8.49
N PHE B 75 18.96 1.04 -9.65
CA PHE B 75 17.83 1.87 -10.05
C PHE B 75 16.65 1.69 -9.12
N SER B 76 16.42 0.47 -8.63
CA SER B 76 15.33 0.26 -7.67
C SER B 76 15.63 0.93 -6.33
N ILE B 77 16.86 0.76 -5.82
CA ILE B 77 17.25 1.44 -4.59
C ILE B 77 17.14 2.94 -4.77
N LEU B 78 17.29 3.43 -6.00
CA LEU B 78 17.08 4.84 -6.27
C LEU B 78 15.60 5.21 -6.20
N ARG B 79 14.79 4.54 -7.01
CA ARG B 79 13.35 4.78 -7.03
C ARG B 79 12.76 4.82 -5.63
N GLN B 80 13.29 4.01 -4.72
CA GLN B 80 12.84 4.11 -3.33
C GLN B 80 13.58 5.19 -2.58
N ALA B 81 14.86 5.39 -2.88
CA ALA B 81 15.65 6.42 -2.23
C ALA B 81 15.14 7.80 -2.59
N LEU B 82 14.84 8.00 -3.87
CA LEU B 82 14.13 9.17 -4.36
C LEU B 82 12.81 9.24 -3.64
N GLY B 83 12.06 10.33 -3.81
CA GLY B 83 10.79 10.47 -3.15
C GLY B 83 9.96 9.21 -3.26
N LEU B 84 9.08 8.95 -2.28
CA LEU B 84 8.42 7.66 -2.12
C LEU B 84 7.79 7.15 -3.41
N GLN B 85 7.71 8.03 -4.41
CA GLN B 85 7.06 7.76 -5.67
C GLN B 85 7.36 6.35 -6.18
N GLN B 86 6.32 5.70 -6.68
CA GLN B 86 6.43 4.59 -7.61
C GLN B 86 6.12 5.14 -8.99
N THR B 87 6.04 4.26 -9.96
CA THR B 87 5.76 4.56 -11.36
C THR B 87 6.85 5.47 -11.93
N PRO B 88 8.12 5.13 -11.74
CA PRO B 88 8.98 4.87 -12.89
C PRO B 88 8.73 3.48 -13.45
N SER B 89 7.80 2.76 -12.83
CA SER B 89 7.05 1.61 -13.32
C SER B 89 7.89 0.36 -13.41
N ASN B 90 9.19 0.42 -13.11
CA ASN B 90 10.13 -0.70 -13.18
C ASN B 90 10.19 -1.26 -14.59
N GLN B 91 9.38 -0.71 -15.50
CA GLN B 91 9.36 -1.10 -16.89
C GLN B 91 10.26 -0.21 -17.74
N ILE B 92 10.09 1.11 -17.64
CA ILE B 92 11.12 1.98 -18.19
C ILE B 92 12.42 1.80 -17.44
N LEU B 93 12.37 1.36 -16.17
CA LEU B 93 13.60 1.04 -15.46
C LEU B 93 14.25 -0.22 -16.01
N THR B 94 13.46 -1.26 -16.27
CA THR B 94 14.01 -2.45 -16.90
C THR B 94 14.59 -2.14 -18.27
N GLY B 95 13.90 -1.31 -19.05
CA GLY B 95 14.41 -0.94 -20.36
C GLY B 95 15.67 -0.11 -20.29
N MET B 96 15.73 0.83 -19.35
CA MET B 96 16.91 1.67 -19.20
C MET B 96 18.10 0.86 -18.71
N ALA B 97 17.84 -0.10 -17.82
CA ALA B 97 18.90 -1.01 -17.40
C ALA B 97 19.37 -1.87 -18.57
N LEU B 98 18.44 -2.29 -19.43
CA LEU B 98 18.83 -3.09 -20.59
C LEU B 98 19.69 -2.29 -21.56
N PHE B 99 19.36 -1.02 -21.76
CA PHE B 99 20.15 -0.22 -22.69
C PHE B 99 21.49 0.16 -22.09
N LEU B 100 21.54 0.40 -20.78
CA LEU B 100 22.84 0.58 -20.13
C LEU B 100 23.66 -0.70 -20.19
N THR B 101 23.01 -1.85 -20.13
CA THR B 101 23.71 -3.12 -20.32
C THR B 101 24.32 -3.19 -21.71
N MET B 102 23.50 -2.95 -22.75
CA MET B 102 24.01 -2.95 -24.11
C MET B 102 25.17 -1.98 -24.27
N PHE B 103 25.09 -0.84 -23.60
CA PHE B 103 26.14 0.17 -23.71
C PHE B 103 27.42 -0.27 -23.00
N ILE B 104 27.29 -0.96 -21.87
CA ILE B 104 28.46 -1.39 -21.11
C ILE B 104 29.01 -2.70 -21.65
N MET B 105 28.15 -3.61 -22.06
CA MET B 105 28.59 -4.85 -22.70
C MET B 105 29.09 -4.64 -24.12
N ALA B 106 29.26 -3.39 -24.55
CA ALA B 106 29.73 -3.11 -25.91
C ALA B 106 31.08 -3.75 -26.21
N PRO B 107 32.13 -3.59 -25.40
CA PRO B 107 33.39 -4.27 -25.73
C PRO B 107 33.29 -5.78 -25.62
N VAL B 108 32.51 -6.29 -24.66
CA VAL B 108 32.37 -7.73 -24.50
C VAL B 108 31.66 -8.34 -25.71
N PHE B 109 30.56 -7.71 -26.14
CA PHE B 109 29.86 -8.20 -27.32
C PHE B 109 30.69 -8.00 -28.58
N ASP B 110 31.52 -6.95 -28.63
CA ASP B 110 32.44 -6.78 -29.73
C ASP B 110 33.41 -7.96 -29.82
N ARG B 111 34.02 -8.33 -28.69
CA ARG B 111 34.94 -9.45 -28.68
C ARG B 111 34.22 -10.76 -29.00
N VAL B 112 32.96 -10.89 -28.57
CA VAL B 112 32.20 -12.10 -28.85
C VAL B 112 31.95 -12.22 -30.35
N ASN B 113 31.50 -11.13 -30.98
CA ASN B 113 31.27 -11.15 -32.42
C ASN B 113 32.57 -11.25 -33.20
N GLN B 114 33.70 -10.88 -32.58
CA GLN B 114 34.99 -11.12 -33.21
C GLN B 114 35.35 -12.60 -33.21
N ASP B 115 35.42 -13.20 -32.03
CA ASP B 115 35.92 -14.56 -31.88
C ASP B 115 34.89 -15.63 -32.22
N ALA B 116 33.61 -15.31 -32.22
CA ALA B 116 32.58 -16.31 -32.48
C ALA B 116 31.80 -16.06 -33.76
N LEU B 117 31.18 -14.89 -33.90
CA LEU B 117 30.25 -14.69 -35.01
C LEU B 117 30.96 -14.40 -36.32
N GLN B 118 32.00 -13.56 -36.30
CA GLN B 118 32.71 -13.16 -37.52
C GLN B 118 33.06 -14.33 -38.43
N PRO B 119 33.59 -15.46 -37.95
CA PRO B 119 33.79 -16.60 -38.85
C PRO B 119 32.56 -17.46 -39.04
N TYR B 120 31.51 -17.29 -38.23
CA TYR B 120 30.35 -18.17 -38.26
C TYR B 120 29.13 -17.50 -38.88
N LEU B 121 29.36 -16.62 -39.84
CA LEU B 121 28.38 -16.34 -40.89
C LEU B 121 28.52 -17.30 -42.06
N ALA B 122 29.51 -18.19 -42.02
CA ALA B 122 29.89 -19.01 -43.16
C ALA B 122 29.68 -20.50 -42.89
N GLU B 123 28.73 -20.83 -42.01
CA GLU B 123 28.34 -22.22 -41.75
C GLU B 123 29.54 -23.09 -41.39
N LYS B 124 30.40 -22.58 -40.51
CA LYS B 124 31.64 -23.29 -40.20
C LYS B 124 31.39 -24.48 -39.30
N LEU B 125 30.93 -24.25 -38.06
CA LEU B 125 30.60 -25.31 -37.13
C LEU B 125 29.27 -24.98 -36.48
N SER B 126 28.81 -25.88 -35.61
CA SER B 126 27.53 -25.72 -34.94
C SER B 126 27.52 -26.51 -33.64
N ALA B 127 27.12 -25.86 -32.56
CA ALA B 127 26.94 -26.50 -31.25
C ALA B 127 28.21 -27.18 -30.76
N GLN B 128 29.37 -26.58 -31.03
CA GLN B 128 30.64 -27.16 -30.63
C GLN B 128 31.59 -26.04 -30.23
N ASP B 129 32.89 -26.35 -30.19
CA ASP B 129 33.94 -25.60 -29.50
C ASP B 129 33.86 -24.08 -29.68
N ALA B 130 33.29 -23.62 -30.80
CA ALA B 130 33.07 -22.19 -30.96
C ALA B 130 32.28 -21.61 -29.79
N VAL B 131 31.42 -22.41 -29.17
CA VAL B 131 30.70 -21.95 -27.99
C VAL B 131 31.67 -21.69 -26.85
N ALA B 132 32.69 -22.54 -26.71
CA ALA B 132 33.70 -22.29 -25.67
C ALA B 132 34.57 -21.08 -26.02
N LYS B 133 34.88 -20.91 -27.30
CA LYS B 133 35.60 -19.72 -27.74
C LYS B 133 34.80 -18.45 -27.49
N ALA B 134 33.47 -18.55 -27.49
CA ALA B 134 32.61 -17.43 -27.11
C ALA B 134 32.47 -17.29 -25.61
N GLN B 135 32.62 -18.39 -24.87
CA GLN B 135 32.58 -18.30 -23.41
C GLN B 135 33.84 -17.63 -22.86
N VAL B 136 34.97 -17.80 -23.55
CA VAL B 136 36.23 -17.22 -23.06
C VAL B 136 36.10 -15.73 -22.76
N PRO B 137 35.63 -14.88 -23.69
CA PRO B 137 35.57 -13.43 -23.37
C PRO B 137 34.69 -13.10 -22.18
N ILE B 138 33.45 -13.60 -22.17
CA ILE B 138 32.56 -13.31 -21.05
C ILE B 138 33.11 -13.89 -19.75
N LYS B 139 33.84 -15.01 -19.84
CA LYS B 139 34.40 -15.62 -18.63
C LYS B 139 35.48 -14.72 -18.03
N ASP B 140 36.43 -14.25 -18.85
CA ASP B 140 37.46 -13.38 -18.31
C ASP B 140 36.87 -12.04 -17.87
N PHE B 141 35.85 -11.56 -18.57
CA PHE B 141 35.16 -10.35 -18.14
C PHE B 141 34.59 -10.51 -16.74
N MET B 142 33.80 -11.57 -16.53
CA MET B 142 33.26 -11.85 -15.21
C MET B 142 34.37 -11.94 -14.17
N LEU B 143 35.45 -12.66 -14.49
CA LEU B 143 36.59 -12.74 -13.58
C LEU B 143 37.12 -11.37 -13.21
N ALA B 144 37.04 -10.40 -14.13
CA ALA B 144 37.59 -9.09 -13.86
C ALA B 144 36.84 -8.37 -12.74
N GLN B 145 35.69 -8.89 -12.31
CA GLN B 145 34.86 -8.19 -11.34
C GLN B 145 34.43 -8.99 -10.12
N THR B 146 34.49 -10.33 -10.16
CA THR B 146 34.20 -11.10 -8.97
C THR B 146 35.30 -10.88 -7.92
N ARG B 147 34.89 -10.57 -6.70
CA ARG B 147 35.85 -10.36 -5.63
C ARG B 147 36.60 -11.67 -5.33
N THR B 148 37.85 -11.52 -4.88
CA THR B 148 38.67 -12.69 -4.61
C THR B 148 38.05 -13.58 -3.54
N SER B 149 37.48 -12.96 -2.51
CA SER B 149 36.83 -13.71 -1.44
C SER B 149 35.76 -14.64 -1.99
N ASP B 150 35.01 -14.18 -2.98
CA ASP B 150 33.92 -14.98 -3.51
C ASP B 150 34.42 -16.20 -4.28
N LEU B 151 35.39 -16.01 -5.18
CA LEU B 151 35.93 -17.14 -5.91
C LEU B 151 36.59 -18.12 -4.97
N GLU B 152 37.26 -17.62 -3.93
CA GLU B 152 37.79 -18.51 -2.90
C GLU B 152 36.68 -19.32 -2.26
N LEU B 153 35.58 -18.66 -1.89
CA LEU B 153 34.47 -19.34 -1.24
C LEU B 153 33.89 -20.44 -2.12
N PHE B 154 33.72 -20.16 -3.41
CA PHE B 154 33.08 -21.15 -4.26
C PHE B 154 34.02 -22.26 -4.67
N MET B 155 35.32 -21.99 -4.82
CA MET B 155 36.27 -23.07 -5.00
C MET B 155 36.31 -23.95 -3.76
N ARG B 156 36.19 -23.35 -2.58
CA ARG B 156 36.13 -24.13 -1.34
C ARG B 156 34.89 -24.99 -1.28
N LEU B 157 33.74 -24.46 -1.65
CA LEU B 157 32.50 -25.21 -1.59
C LEU B 157 32.35 -26.21 -2.73
N SER B 158 33.15 -26.10 -3.78
CA SER B 158 33.07 -27.10 -4.85
C SER B 158 33.86 -28.35 -4.51
N LYS B 159 35.08 -28.18 -4.01
CA LYS B 159 35.97 -29.23 -3.53
C LYS B 159 36.44 -30.20 -4.61
N ARG B 160 36.12 -29.96 -5.88
CA ARG B 160 36.41 -30.95 -6.91
C ARG B 160 37.89 -31.19 -7.11
N THR B 161 38.60 -30.20 -7.66
CA THR B 161 40.02 -30.30 -7.97
C THR B 161 40.54 -28.87 -8.10
N ASP B 162 41.73 -28.61 -7.59
CA ASP B 162 42.27 -27.27 -7.63
C ASP B 162 42.68 -26.88 -9.04
N ILE B 163 41.85 -26.09 -9.71
CA ILE B 163 42.15 -25.62 -11.06
C ILE B 163 43.33 -24.64 -11.00
N PRO B 164 44.33 -24.78 -11.88
CA PRO B 164 45.48 -23.86 -11.79
C PRO B 164 45.12 -22.41 -12.06
N THR B 165 44.46 -22.14 -13.18
CA THR B 165 44.04 -20.80 -13.53
C THR B 165 42.93 -20.32 -12.60
N PRO B 166 42.85 -19.01 -12.34
CA PRO B 166 41.83 -18.50 -11.41
C PRO B 166 40.41 -18.92 -11.75
N ASP B 167 39.99 -18.83 -13.01
CA ASP B 167 38.67 -19.30 -13.36
C ASP B 167 38.63 -20.83 -13.35
N ALA B 168 37.67 -21.38 -12.62
CA ALA B 168 37.47 -22.82 -12.62
C ALA B 168 36.95 -23.26 -13.97
N ALA B 169 37.32 -24.49 -14.36
CA ALA B 169 37.03 -25.06 -15.66
C ALA B 169 35.59 -24.82 -16.14
N PRO B 170 34.56 -25.04 -15.33
CA PRO B 170 33.20 -24.76 -15.78
C PRO B 170 32.76 -23.34 -15.43
N LEU B 171 31.65 -22.95 -16.04
CA LEU B 171 31.04 -21.65 -15.78
C LEU B 171 30.05 -21.69 -14.63
N THR B 172 29.51 -22.86 -14.30
CA THR B 172 28.48 -22.97 -13.27
C THR B 172 29.00 -22.68 -11.88
N ILE B 173 30.32 -22.56 -11.72
CA ILE B 173 30.90 -22.16 -10.44
C ILE B 173 31.34 -20.69 -10.47
N LEU B 174 31.52 -20.12 -11.66
CA LEU B 174 31.89 -18.71 -11.78
C LEU B 174 30.66 -17.80 -11.81
N VAL B 175 29.57 -18.24 -12.42
CA VAL B 175 28.38 -17.39 -12.51
C VAL B 175 27.78 -17.08 -11.13
N PRO B 176 27.55 -18.05 -10.24
CA PRO B 176 27.12 -17.67 -8.89
C PRO B 176 28.11 -16.77 -8.19
N ALA B 177 29.40 -16.97 -8.42
CA ALA B 177 30.41 -16.07 -7.87
C ALA B 177 30.21 -14.65 -8.39
N PHE B 178 30.05 -14.52 -9.71
CA PHE B 178 29.83 -13.22 -10.31
C PHE B 178 28.58 -12.57 -9.77
N VAL B 179 27.51 -13.34 -9.60
CA VAL B 179 26.23 -12.78 -9.17
C VAL B 179 26.30 -12.32 -7.73
N ILE B 180 26.96 -13.08 -6.86
CA ILE B 180 27.08 -12.64 -5.48
C ILE B 180 27.93 -11.38 -5.39
N SER B 181 29.04 -11.34 -6.12
CA SER B 181 29.87 -10.13 -6.10
C SER B 181 29.11 -8.94 -6.65
N GLU B 182 28.31 -9.17 -7.69
CA GLU B 182 27.52 -8.09 -8.28
C GLU B 182 26.45 -7.60 -7.33
N LEU B 183 25.82 -8.50 -6.58
CA LEU B 183 24.82 -8.06 -5.61
C LEU B 183 25.47 -7.27 -4.48
N LYS B 184 26.64 -7.72 -4.00
CA LYS B 184 27.32 -6.96 -2.97
C LYS B 184 27.67 -5.55 -3.45
N THR B 185 28.18 -5.46 -4.68
CA THR B 185 28.54 -4.14 -5.21
C THR B 185 27.31 -3.29 -5.47
N ALA B 186 26.22 -3.90 -5.95
CA ALA B 186 25.00 -3.16 -6.20
C ALA B 186 24.42 -2.61 -4.92
N PHE B 187 24.46 -3.39 -3.84
CA PHE B 187 23.97 -2.86 -2.58
C PHE B 187 24.90 -1.78 -2.03
N GLN B 188 26.20 -1.91 -2.26
CA GLN B 188 27.11 -0.82 -1.90
C GLN B 188 26.72 0.48 -2.59
N ILE B 189 26.57 0.44 -3.92
CA ILE B 189 26.22 1.65 -4.66
C ILE B 189 24.85 2.17 -4.25
N GLY B 190 23.87 1.27 -4.10
CA GLY B 190 22.52 1.70 -3.78
C GLY B 190 22.45 2.39 -2.43
N PHE B 191 23.11 1.81 -1.42
CA PHE B 191 23.17 2.45 -0.12
C PHE B 191 23.88 3.79 -0.19
N MET B 192 24.98 3.85 -0.95
CA MET B 192 25.75 5.08 -1.06
C MET B 192 24.91 6.20 -1.66
N ILE B 193 24.12 5.88 -2.69
CA ILE B 193 23.22 6.89 -3.28
C ILE B 193 21.98 7.14 -2.43
N PHE B 194 21.65 6.23 -1.51
CA PHE B 194 20.53 6.45 -0.63
C PHE B 194 20.85 7.51 0.43
N ILE B 195 22.07 7.49 0.99
CA ILE B 195 22.38 8.34 2.16
C ILE B 195 21.84 9.76 2.07
N PRO B 196 22.10 10.54 1.00
CA PRO B 196 21.69 11.96 1.04
C PRO B 196 20.18 12.16 1.06
N PHE B 197 19.42 11.30 0.40
CA PHE B 197 17.98 11.40 0.48
C PHE B 197 17.48 11.11 1.89
N LEU B 198 18.15 10.19 2.59
CA LEU B 198 17.86 10.01 4.01
C LEU B 198 18.14 11.28 4.79
N ILE B 199 19.20 12.00 4.43
CA ILE B 199 19.49 13.25 5.11
C ILE B 199 18.36 14.25 4.89
N ILE B 200 17.89 14.37 3.66
CA ILE B 200 16.79 15.30 3.39
C ILE B 200 15.53 14.88 4.13
N ASP B 201 15.25 13.57 4.17
CA ASP B 201 14.08 13.08 4.89
C ASP B 201 14.15 13.46 6.37
N LEU B 202 15.29 13.17 7.01
CA LEU B 202 15.42 13.49 8.42
C LEU B 202 15.32 14.99 8.66
N VAL B 203 15.91 15.81 7.79
CA VAL B 203 15.88 17.26 8.00
C VAL B 203 14.46 17.79 7.84
N VAL B 204 13.75 17.32 6.81
CA VAL B 204 12.39 17.81 6.59
C VAL B 204 11.46 17.36 7.72
N ALA B 205 11.58 16.11 8.15
CA ALA B 205 10.76 15.63 9.25
C ALA B 205 11.08 16.39 10.53
N SER B 206 12.35 16.65 10.79
CA SER B 206 12.74 17.37 11.99
C SER B 206 12.22 18.80 11.97
N VAL B 207 12.22 19.43 10.80
CA VAL B 207 11.73 20.80 10.70
C VAL B 207 10.21 20.85 10.83
N LEU B 208 9.51 19.84 10.29
CA LEU B 208 8.07 19.78 10.45
C LEU B 208 7.70 19.58 11.92
N MET B 209 8.41 18.69 12.61
CA MET B 209 8.15 18.50 14.03
C MET B 209 8.51 19.74 14.83
N ALA B 210 9.64 20.36 14.50
CA ALA B 210 10.09 21.54 15.22
C ALA B 210 9.21 22.75 14.95
N MET B 211 8.40 22.72 13.90
CA MET B 211 7.35 23.70 13.72
C MET B 211 6.10 23.35 14.51
N GLY B 212 6.21 22.40 15.44
CA GLY B 212 5.07 21.92 16.18
C GLY B 212 4.04 21.22 15.33
N MET B 213 4.35 21.01 14.06
CA MET B 213 3.38 20.59 13.05
C MET B 213 3.69 19.16 12.64
N MET B 214 3.16 18.21 13.39
CA MET B 214 3.29 16.81 13.05
C MET B 214 2.11 16.38 12.21
N MET B 215 2.05 15.08 11.91
CA MET B 215 0.98 14.47 11.13
C MET B 215 0.91 15.03 9.72
N LEU B 216 1.97 15.68 9.24
CA LEU B 216 1.98 16.23 7.90
C LEU B 216 2.69 15.31 6.90
N SER B 217 3.16 14.14 7.33
CA SER B 217 3.77 13.16 6.46
C SER B 217 4.98 13.74 5.74
N PRO B 218 6.10 13.94 6.45
CA PRO B 218 7.26 14.60 5.84
C PRO B 218 7.75 13.97 4.54
N LEU B 219 7.27 12.78 4.17
CA LEU B 219 7.70 12.22 2.89
C LEU B 219 7.06 12.96 1.72
N ILE B 220 5.84 13.44 1.88
CA ILE B 220 5.16 14.13 0.80
C ILE B 220 5.72 15.54 0.63
N ILE B 221 6.28 16.11 1.70
CA ILE B 221 6.92 17.41 1.60
C ILE B 221 8.38 17.24 1.16
N SER B 222 8.97 16.07 1.43
CA SER B 222 10.34 15.81 1.04
C SER B 222 10.48 15.39 -0.42
N LEU B 223 9.43 14.82 -1.02
CA LEU B 223 9.50 14.43 -2.43
C LEU B 223 9.98 15.54 -3.36
N PRO B 224 9.48 16.78 -3.27
CA PRO B 224 10.00 17.81 -4.17
C PRO B 224 11.42 18.24 -3.85
N PHE B 225 11.79 18.32 -2.56
CA PHE B 225 13.17 18.64 -2.25
C PHE B 225 14.11 17.54 -2.76
N LYS B 226 13.67 16.29 -2.68
CA LYS B 226 14.48 15.20 -3.22
C LYS B 226 14.63 15.34 -4.73
N ILE B 227 13.54 15.63 -5.43
CA ILE B 227 13.61 15.77 -6.89
C ILE B 227 14.47 16.96 -7.27
N MET B 228 14.33 18.07 -6.55
CA MET B 228 15.11 19.27 -6.83
C MET B 228 16.60 19.00 -6.63
N LEU B 229 16.97 18.45 -5.46
CA LEU B 229 18.37 18.13 -5.22
C LEU B 229 18.89 17.13 -6.23
N PHE B 230 18.07 16.19 -6.69
CA PHE B 230 18.50 15.21 -7.66
C PHE B 230 18.57 15.77 -9.07
N VAL B 231 17.99 16.93 -9.32
CA VAL B 231 18.15 17.58 -10.62
C VAL B 231 19.30 18.59 -10.60
N LEU B 232 19.50 19.28 -9.48
CA LEU B 232 20.55 20.31 -9.43
C LEU B 232 21.94 19.69 -9.52
N VAL B 233 22.19 18.61 -8.77
CA VAL B 233 23.46 17.90 -8.89
C VAL B 233 23.51 17.05 -10.15
N ASP B 234 22.49 17.15 -10.99
CA ASP B 234 22.39 16.51 -12.31
C ASP B 234 22.11 15.02 -12.19
N GLY B 235 22.28 14.46 -11.00
CA GLY B 235 21.50 13.31 -10.59
C GLY B 235 21.70 12.04 -11.39
N TRP B 236 21.24 12.06 -12.63
CA TRP B 236 21.13 10.86 -13.45
C TRP B 236 22.41 10.59 -14.22
N ALA B 237 23.05 11.63 -14.76
CA ALA B 237 24.34 11.41 -15.39
C ALA B 237 25.39 11.02 -14.36
N LEU B 238 25.29 11.58 -13.14
CA LEU B 238 26.19 11.15 -12.06
C LEU B 238 26.08 9.65 -11.84
N ILE B 239 24.87 9.16 -11.62
CA ILE B 239 24.68 7.75 -11.27
C ILE B 239 24.99 6.84 -12.45
N VAL B 240 24.62 7.25 -13.66
CA VAL B 240 24.89 6.40 -14.82
C VAL B 240 26.38 6.33 -15.10
N GLY B 241 27.07 7.47 -15.04
CA GLY B 241 28.52 7.45 -15.17
C GLY B 241 29.18 6.66 -14.06
N THR B 242 28.64 6.74 -12.85
CA THR B 242 29.19 5.95 -11.74
C THR B 242 29.05 4.46 -12.01
N LEU B 243 27.88 4.01 -12.46
CA LEU B 243 27.72 2.62 -12.82
C LEU B 243 28.72 2.21 -13.89
N ALA B 244 28.71 2.93 -15.02
CA ALA B 244 29.55 2.53 -16.15
C ALA B 244 31.05 2.73 -15.87
N GLY B 245 31.40 3.48 -14.83
CA GLY B 245 32.79 3.74 -14.52
C GLY B 245 33.35 2.80 -13.46
N SER B 246 32.63 2.64 -12.35
CA SER B 246 32.99 1.62 -11.38
C SER B 246 32.85 0.22 -11.95
N PHE B 247 32.11 0.07 -13.05
CA PHE B 247 31.94 -1.26 -13.63
C PHE B 247 33.23 -1.76 -14.26
N GLY B 248 33.90 -0.92 -15.06
CA GLY B 248 35.09 -1.31 -15.76
C GLY B 248 36.33 -0.54 -15.32
N GLY B 249 37.48 -1.03 -15.77
CA GLY B 249 38.74 -0.39 -15.46
C GLY B 249 39.03 0.78 -16.36
N VAL B 250 38.93 1.99 -15.82
CA VAL B 250 39.14 3.21 -16.59
C VAL B 250 40.61 3.62 -16.56
N THR C 53 10.08 -12.96 -26.71
CA THR C 53 10.89 -11.90 -26.11
C THR C 53 10.47 -10.53 -26.64
N ALA C 54 10.11 -10.49 -27.93
CA ALA C 54 9.66 -9.24 -28.52
C ALA C 54 8.46 -8.67 -27.78
N LEU C 55 7.59 -9.55 -27.26
CA LEU C 55 6.44 -9.09 -26.51
C LEU C 55 6.86 -8.28 -25.28
N SER C 56 7.91 -8.74 -24.60
CA SER C 56 8.41 -7.99 -23.44
C SER C 56 9.22 -6.78 -23.86
N PHE C 57 9.80 -6.83 -25.07
CA PHE C 57 10.67 -5.73 -25.50
C PHE C 57 9.87 -4.52 -25.97
N ILE C 58 8.79 -4.74 -26.72
CA ILE C 58 8.11 -3.63 -27.40
C ILE C 58 7.68 -2.51 -26.48
N PRO C 59 7.01 -2.76 -25.34
CA PRO C 59 6.59 -1.64 -24.50
C PRO C 59 7.76 -0.84 -23.93
N ALA C 60 8.84 -1.51 -23.56
CA ALA C 60 10.06 -0.79 -23.19
C ALA C 60 10.53 0.08 -24.34
N PHE C 61 10.39 -0.40 -25.58
CA PHE C 61 10.77 0.41 -26.73
C PHE C 61 9.88 1.65 -26.85
N VAL C 62 8.56 1.46 -26.82
CA VAL C 62 7.64 2.58 -27.01
C VAL C 62 7.80 3.59 -25.88
N MET C 63 8.27 3.13 -24.72
CA MET C 63 8.53 4.07 -23.65
C MET C 63 9.83 4.83 -23.87
N LEU C 64 10.93 4.11 -24.13
CA LEU C 64 12.23 4.75 -24.12
C LEU C 64 12.47 5.59 -25.37
N MET C 65 12.07 5.09 -26.53
CA MET C 65 12.36 5.78 -27.78
C MET C 65 11.36 6.88 -28.10
N THR C 66 10.33 7.07 -27.28
CA THR C 66 9.29 8.05 -27.52
C THR C 66 9.13 8.96 -26.30
N SER C 67 8.06 9.75 -26.31
CA SER C 67 7.83 10.75 -25.27
C SER C 67 7.32 10.15 -23.97
N PHE C 68 6.84 8.90 -24.02
CA PHE C 68 6.11 8.30 -22.90
C PHE C 68 6.72 8.59 -21.54
N THR C 69 8.02 8.35 -21.39
CA THR C 69 8.64 8.41 -20.07
C THR C 69 8.58 9.82 -19.50
N ARG C 70 8.65 10.85 -20.35
CA ARG C 70 8.50 12.20 -19.83
C ARG C 70 7.07 12.46 -19.37
N ILE C 71 6.10 11.90 -20.07
CA ILE C 71 4.70 12.20 -19.75
C ILE C 71 4.28 11.47 -18.48
N ILE C 72 4.33 10.12 -18.51
CA ILE C 72 3.81 9.33 -17.41
C ILE C 72 4.43 9.78 -16.09
N ILE C 73 5.76 9.93 -16.06
CA ILE C 73 6.43 10.35 -14.84
C ILE C 73 5.83 11.65 -14.33
N VAL C 74 5.70 12.64 -15.22
CA VAL C 74 5.06 13.89 -14.83
C VAL C 74 3.68 13.61 -14.25
N PHE C 75 2.86 12.86 -14.99
CA PHE C 75 1.55 12.49 -14.48
C PHE C 75 1.68 11.81 -13.12
N SER C 76 2.63 10.88 -13.00
CA SER C 76 2.86 10.24 -11.72
C SER C 76 3.14 11.27 -10.63
N ILE C 77 4.05 12.20 -10.88
CA ILE C 77 4.33 13.23 -9.89
C ILE C 77 3.04 13.97 -9.55
N LEU C 78 2.24 14.27 -10.57
CA LEU C 78 0.97 14.93 -10.34
C LEU C 78 0.10 14.12 -9.39
N ARG C 79 -0.01 12.81 -9.64
CA ARG C 79 -0.83 11.97 -8.78
C ARG C 79 -0.32 12.00 -7.35
N GLN C 80 0.97 12.24 -7.16
CA GLN C 80 1.50 12.49 -5.83
C GLN C 80 1.32 13.94 -5.45
N ALA C 81 1.64 14.86 -6.38
CA ALA C 81 1.52 16.28 -6.11
C ALA C 81 0.08 16.66 -5.77
N LEU C 82 -0.87 16.15 -6.55
CA LEU C 82 -2.28 16.36 -6.32
C LEU C 82 -2.66 15.78 -4.97
N GLY C 83 -3.90 15.96 -4.55
CA GLY C 83 -4.39 15.34 -3.34
C GLY C 83 -3.92 13.92 -3.17
N LEU C 84 -3.67 13.51 -1.93
CA LEU C 84 -3.00 12.27 -1.59
C LEU C 84 -3.58 11.07 -2.32
N GLN C 85 -4.77 11.26 -2.90
CA GLN C 85 -5.51 10.18 -3.54
C GLN C 85 -4.63 9.35 -4.46
N GLN C 86 -4.85 8.05 -4.41
CA GLN C 86 -4.45 7.15 -5.48
C GLN C 86 -5.68 6.90 -6.33
N THR C 87 -5.52 6.10 -7.36
CA THR C 87 -6.58 5.68 -8.27
C THR C 87 -7.12 6.88 -9.06
N PRO C 88 -6.25 7.66 -9.70
CA PRO C 88 -6.36 7.82 -11.15
C PRO C 88 -5.82 6.60 -11.88
N SER C 89 -5.31 5.63 -11.11
CA SER C 89 -5.21 4.19 -11.34
C SER C 89 -4.04 3.79 -12.21
N ASN C 90 -3.25 4.72 -12.75
CA ASN C 90 -2.04 4.43 -13.51
C ASN C 90 -2.30 3.46 -14.66
N GLN C 91 -3.58 3.18 -14.92
CA GLN C 91 -4.02 2.45 -16.10
C GLN C 91 -4.79 3.34 -17.06
N ILE C 92 -5.44 4.37 -16.53
CA ILE C 92 -5.91 5.45 -17.39
C ILE C 92 -4.85 6.53 -17.53
N LEU C 93 -3.95 6.65 -16.55
CA LEU C 93 -2.79 7.52 -16.73
C LEU C 93 -1.87 6.97 -17.82
N THR C 94 -1.68 5.65 -17.83
CA THR C 94 -0.87 5.03 -18.88
C THR C 94 -1.53 5.20 -20.25
N GLY C 95 -2.84 5.01 -20.32
CA GLY C 95 -3.54 5.21 -21.58
C GLY C 95 -3.51 6.65 -22.04
N MET C 96 -3.67 7.59 -21.10
CA MET C 96 -3.64 9.01 -21.46
C MET C 96 -2.26 9.43 -21.93
N ALA C 97 -1.21 8.92 -21.26
CA ALA C 97 0.15 9.19 -21.71
C ALA C 97 0.40 8.57 -23.08
N LEU C 98 -0.16 7.39 -23.33
CA LEU C 98 -0.02 6.78 -24.65
C LEU C 98 -0.70 7.62 -25.73
N PHE C 99 -1.87 8.18 -25.41
CA PHE C 99 -2.55 9.02 -26.39
C PHE C 99 -1.80 10.33 -26.64
N LEU C 100 -1.29 10.95 -25.57
CA LEU C 100 -0.46 12.13 -25.75
C LEU C 100 0.80 11.81 -26.55
N THR C 101 1.38 10.63 -26.33
CA THR C 101 2.56 10.23 -27.08
C THR C 101 2.24 10.06 -28.56
N MET C 102 1.11 9.42 -28.87
CA MET C 102 0.69 9.34 -30.26
C MET C 102 0.50 10.72 -30.86
N PHE C 103 -0.16 11.61 -30.11
CA PHE C 103 -0.44 12.96 -30.60
C PHE C 103 0.84 13.75 -30.84
N ILE C 104 1.87 13.54 -30.03
CA ILE C 104 3.12 14.27 -30.17
C ILE C 104 4.02 13.64 -31.22
N MET C 105 4.00 12.32 -31.34
CA MET C 105 4.78 11.61 -32.35
C MET C 105 4.10 11.59 -33.71
N ALA C 106 2.90 12.15 -33.82
CA ALA C 106 2.24 12.27 -35.12
C ALA C 106 3.16 12.74 -36.23
N PRO C 107 3.96 13.81 -36.07
CA PRO C 107 4.90 14.14 -37.15
C PRO C 107 6.00 13.10 -37.32
N VAL C 108 6.53 12.55 -36.22
CA VAL C 108 7.61 11.56 -36.33
C VAL C 108 7.09 10.29 -36.97
N PHE C 109 5.94 9.80 -36.51
CA PHE C 109 5.33 8.63 -37.15
C PHE C 109 4.93 8.92 -38.57
N ASP C 110 4.55 10.16 -38.88
CA ASP C 110 4.24 10.54 -40.25
C ASP C 110 5.46 10.41 -41.13
N ARG C 111 6.60 10.93 -40.68
CA ARG C 111 7.83 10.82 -41.47
C ARG C 111 8.29 9.37 -41.58
N VAL C 112 8.09 8.58 -40.53
CA VAL C 112 8.45 7.16 -40.59
C VAL C 112 7.62 6.45 -41.64
N ASN C 113 6.31 6.62 -41.60
CA ASN C 113 5.44 6.02 -42.62
C ASN C 113 5.74 6.57 -44.00
N GLN C 114 6.21 7.81 -44.09
CA GLN C 114 6.60 8.39 -45.37
C GLN C 114 7.80 7.65 -45.95
N ASP C 115 8.88 7.54 -45.16
CA ASP C 115 10.13 7.00 -45.68
C ASP C 115 10.24 5.49 -45.60
N ALA C 116 9.42 4.83 -44.77
CA ALA C 116 9.55 3.39 -44.58
C ALA C 116 8.32 2.62 -45.03
N LEU C 117 7.13 2.98 -44.54
CA LEU C 117 5.95 2.16 -44.81
C LEU C 117 5.28 2.49 -46.13
N GLN C 118 5.32 3.74 -46.56
CA GLN C 118 4.75 4.12 -47.85
C GLN C 118 5.32 3.32 -49.02
N PRO C 119 6.64 3.08 -49.12
CA PRO C 119 7.13 2.23 -50.20
C PRO C 119 7.04 0.74 -49.89
N TYR C 120 6.78 0.35 -48.65
CA TYR C 120 6.86 -1.05 -48.24
C TYR C 120 5.49 -1.66 -48.01
N LEU C 121 4.48 -1.19 -48.74
CA LEU C 121 3.25 -1.94 -48.95
C LEU C 121 3.32 -2.80 -50.20
N ALA C 122 4.46 -2.77 -50.91
CA ALA C 122 4.61 -3.46 -52.18
C ALA C 122 5.76 -4.47 -52.14
N GLU C 123 6.01 -5.06 -50.97
CA GLU C 123 6.96 -6.16 -50.83
C GLU C 123 8.33 -5.81 -51.37
N LYS C 124 8.82 -4.61 -51.03
CA LYS C 124 10.08 -4.14 -51.57
C LYS C 124 11.28 -4.82 -50.90
N LEU C 125 11.37 -4.70 -49.57
CA LEU C 125 12.51 -5.25 -48.84
C LEU C 125 12.04 -5.61 -47.44
N SER C 126 12.82 -6.45 -46.76
CA SER C 126 12.49 -6.89 -45.41
C SER C 126 13.76 -7.05 -44.59
N ALA C 127 13.72 -6.57 -43.35
CA ALA C 127 14.78 -6.79 -42.36
C ALA C 127 16.12 -6.25 -42.82
N GLN C 128 16.12 -5.15 -43.56
CA GLN C 128 17.34 -4.60 -44.15
C GLN C 128 17.23 -3.07 -44.11
N ASP C 129 18.05 -2.41 -44.94
CA ASP C 129 18.33 -0.98 -44.93
C ASP C 129 17.13 -0.10 -44.65
N ALA C 130 15.93 -0.51 -45.08
CA ALA C 130 14.72 0.25 -44.78
C ALA C 130 14.57 0.48 -43.28
N VAL C 131 15.00 -0.47 -42.45
CA VAL C 131 14.95 -0.27 -41.01
C VAL C 131 15.87 0.87 -40.60
N ALA C 132 17.03 1.00 -41.26
CA ALA C 132 17.91 2.13 -40.98
C ALA C 132 17.29 3.45 -41.44
N LYS C 133 16.68 3.44 -42.63
CA LYS C 133 16.01 4.64 -43.12
C LYS C 133 14.86 5.06 -42.23
N ALA C 134 14.23 4.10 -41.54
CA ALA C 134 13.22 4.41 -40.53
C ALA C 134 13.85 4.83 -39.21
N GLN C 135 15.08 4.38 -38.94
CA GLN C 135 15.79 4.82 -37.74
C GLN C 135 16.19 6.28 -37.84
N VAL C 136 16.51 6.76 -39.05
CA VAL C 136 17.00 8.13 -39.19
C VAL C 136 16.04 9.17 -38.61
N PRO C 137 14.74 9.15 -38.92
CA PRO C 137 13.86 10.20 -38.36
C PRO C 137 13.76 10.18 -36.85
N ILE C 138 13.52 9.01 -36.24
CA ILE C 138 13.45 8.95 -34.79
C ILE C 138 14.79 9.29 -34.17
N LYS C 139 15.88 8.98 -34.85
CA LYS C 139 17.20 9.32 -34.34
C LYS C 139 17.39 10.84 -34.28
N ASP C 140 17.08 11.53 -35.38
CA ASP C 140 17.19 12.98 -35.39
C ASP C 140 16.23 13.60 -34.36
N PHE C 141 15.03 13.02 -34.24
CA PHE C 141 14.08 13.54 -33.26
C PHE C 141 14.63 13.45 -31.85
N MET C 142 15.06 12.24 -31.44
CA MET C 142 15.66 12.09 -30.13
C MET C 142 16.82 13.05 -29.93
N LEU C 143 17.70 13.17 -30.93
CA LEU C 143 18.77 14.15 -30.87
C LEU C 143 18.27 15.55 -30.57
N ALA C 144 17.08 15.89 -31.07
CA ALA C 144 16.56 17.24 -30.87
C ALA C 144 16.38 17.57 -29.39
N GLN C 145 16.25 16.57 -28.52
CA GLN C 145 15.93 16.82 -27.13
C GLN C 145 16.96 16.31 -26.12
N THR C 146 17.94 15.51 -26.53
CA THR C 146 18.99 15.14 -25.59
C THR C 146 19.86 16.35 -25.29
N ARG C 147 20.11 16.58 -24.01
CA ARG C 147 21.02 17.65 -23.64
C ARG C 147 22.44 17.30 -24.09
N THR C 148 23.24 18.34 -24.34
CA THR C 148 24.58 18.10 -24.86
C THR C 148 25.44 17.37 -23.83
N SER C 149 25.17 17.60 -22.54
CA SER C 149 25.96 16.95 -21.50
C SER C 149 25.82 15.43 -21.55
N ASP C 150 24.61 14.94 -21.81
CA ASP C 150 24.39 13.50 -21.82
C ASP C 150 25.08 12.85 -23.01
N LEU C 151 24.98 13.47 -24.19
CA LEU C 151 25.68 12.94 -25.34
C LEU C 151 27.19 12.97 -25.15
N GLU C 152 27.71 14.05 -24.56
CA GLU C 152 29.14 14.12 -24.28
C GLU C 152 29.56 13.01 -23.33
N LEU C 153 28.79 12.81 -22.26
CA LEU C 153 29.11 11.79 -21.27
C LEU C 153 29.08 10.40 -21.89
N PHE C 154 28.12 10.13 -22.78
CA PHE C 154 28.03 8.79 -23.33
C PHE C 154 29.06 8.54 -24.42
N MET C 155 29.40 9.55 -25.22
CA MET C 155 30.55 9.39 -26.11
C MET C 155 31.83 9.17 -25.33
N ARG C 156 31.98 9.87 -24.20
CA ARG C 156 33.16 9.68 -23.36
C ARG C 156 33.21 8.28 -22.78
N LEU C 157 32.08 7.74 -22.32
CA LEU C 157 32.06 6.42 -21.73
C LEU C 157 32.05 5.31 -22.77
N SER C 158 31.82 5.62 -24.04
CA SER C 158 31.91 4.59 -25.06
C SER C 158 33.33 4.43 -25.58
N LYS C 159 34.05 5.54 -25.78
CA LYS C 159 35.46 5.60 -26.16
C LYS C 159 35.77 4.91 -27.48
N ARG C 160 34.77 4.48 -28.24
CA ARG C 160 35.03 3.69 -29.45
C ARG C 160 35.82 4.47 -30.48
N THR C 161 35.22 5.53 -31.02
CA THR C 161 35.86 6.38 -32.02
C THR C 161 35.02 7.64 -32.17
N ASP C 162 35.69 8.77 -32.34
CA ASP C 162 34.98 10.03 -32.49
C ASP C 162 34.27 10.07 -33.83
N ILE C 163 33.05 10.60 -33.83
CA ILE C 163 32.22 10.70 -35.03
C ILE C 163 32.01 12.18 -35.31
N PRO C 164 32.25 12.65 -36.54
CA PRO C 164 32.09 14.09 -36.82
C PRO C 164 30.66 14.57 -36.69
N THR C 165 29.69 13.83 -37.21
CA THR C 165 28.31 14.24 -37.11
C THR C 165 27.84 14.18 -35.66
N PRO C 166 26.95 15.08 -35.24
CA PRO C 166 26.44 15.01 -33.87
C PRO C 166 25.69 13.72 -33.57
N ASP C 167 25.02 13.15 -34.57
CA ASP C 167 24.31 11.90 -34.35
C ASP C 167 25.29 10.78 -34.06
N ALA C 168 24.98 9.98 -33.05
CA ALA C 168 25.81 8.84 -32.72
C ALA C 168 25.54 7.69 -33.68
N ALA C 169 26.62 7.17 -34.26
CA ALA C 169 26.50 6.05 -35.18
C ALA C 169 25.65 4.90 -34.63
N PRO C 170 25.74 4.50 -33.37
CA PRO C 170 24.79 3.52 -32.85
C PRO C 170 23.58 4.17 -32.20
N LEU C 171 22.43 3.50 -32.36
CA LEU C 171 21.23 3.89 -31.64
C LEU C 171 21.35 3.54 -30.16
N THR C 172 22.18 2.54 -29.84
CA THR C 172 22.22 1.99 -28.49
C THR C 172 23.01 2.88 -27.54
N ILE C 173 23.75 3.86 -28.07
CA ILE C 173 24.39 4.83 -27.20
C ILE C 173 23.56 6.10 -27.14
N LEU C 174 22.76 6.35 -28.17
CA LEU C 174 21.91 7.53 -28.17
C LEU C 174 20.71 7.36 -27.26
N VAL C 175 20.10 6.17 -27.28
CA VAL C 175 18.87 5.95 -26.49
C VAL C 175 19.08 6.22 -25.01
N PRO C 176 20.13 5.70 -24.36
CA PRO C 176 20.28 6.00 -22.92
C PRO C 176 20.53 7.46 -22.62
N ALA C 177 21.23 8.19 -23.51
CA ALA C 177 21.38 9.63 -23.29
C ALA C 177 20.04 10.34 -23.41
N PHE C 178 19.24 9.95 -24.39
CA PHE C 178 17.90 10.50 -24.53
C PHE C 178 17.07 10.21 -23.29
N VAL C 179 17.17 9.00 -22.75
CA VAL C 179 16.36 8.63 -21.60
C VAL C 179 16.81 9.39 -20.36
N ILE C 180 18.11 9.60 -20.21
CA ILE C 180 18.60 10.36 -19.07
C ILE C 180 18.13 11.81 -19.15
N SER C 181 18.24 12.42 -20.34
CA SER C 181 17.74 13.78 -20.51
C SER C 181 16.23 13.83 -20.28
N GLU C 182 15.52 12.78 -20.71
CA GLU C 182 14.08 12.72 -20.54
C GLU C 182 13.70 12.68 -19.07
N LEU C 183 14.37 11.82 -18.29
CA LEU C 183 14.08 11.76 -16.86
C LEU C 183 14.44 13.06 -16.18
N LYS C 184 15.56 13.68 -16.57
CA LYS C 184 15.94 14.95 -15.96
C LYS C 184 14.87 16.02 -16.22
N THR C 185 14.42 16.14 -17.46
CA THR C 185 13.40 17.13 -17.79
C THR C 185 12.07 16.79 -17.13
N ALA C 186 11.73 15.50 -17.06
CA ALA C 186 10.47 15.10 -16.43
C ALA C 186 10.47 15.44 -14.96
N PHE C 187 11.60 15.25 -14.27
CA PHE C 187 11.65 15.60 -12.87
C PHE C 187 11.66 17.10 -12.67
N GLN C 188 12.29 17.85 -13.58
CA GLN C 188 12.17 19.31 -13.55
C GLN C 188 10.71 19.75 -13.62
N ILE C 189 9.99 19.25 -14.62
CA ILE C 189 8.59 19.64 -14.79
C ILE C 189 7.75 19.19 -13.61
N GLY C 190 7.97 17.95 -13.14
CA GLY C 190 7.19 17.45 -12.04
C GLY C 190 7.39 18.26 -10.77
N PHE C 191 8.63 18.65 -10.50
CA PHE C 191 8.88 19.48 -9.32
C PHE C 191 8.23 20.85 -9.47
N MET C 192 8.33 21.44 -10.67
CA MET C 192 7.70 22.74 -10.91
C MET C 192 6.20 22.66 -10.65
N ILE C 193 5.54 21.64 -11.20
CA ILE C 193 4.10 21.47 -10.99
C ILE C 193 3.76 20.94 -9.61
N PHE C 194 4.76 20.53 -8.82
CA PHE C 194 4.51 20.17 -7.44
C PHE C 194 4.45 21.40 -6.54
N ILE C 195 5.33 22.38 -6.76
CA ILE C 195 5.49 23.48 -5.79
C ILE C 195 4.16 24.04 -5.25
N PRO C 196 3.18 24.41 -6.09
CA PRO C 196 1.99 25.07 -5.52
C PRO C 196 1.16 24.17 -4.62
N PHE C 197 1.10 22.87 -4.91
CA PHE C 197 0.39 21.98 -4.00
C PHE C 197 1.08 21.89 -2.65
N LEU C 198 2.41 21.93 -2.65
CA LEU C 198 3.14 22.06 -1.39
C LEU C 198 2.75 23.34 -0.66
N ILE C 199 2.59 24.44 -1.41
CA ILE C 199 2.18 25.69 -0.78
C ILE C 199 0.83 25.53 -0.10
N ILE C 200 -0.13 24.92 -0.81
CA ILE C 200 -1.46 24.71 -0.24
C ILE C 200 -1.38 23.83 1.01
N ASP C 201 -0.58 22.77 0.95
CA ASP C 201 -0.44 21.87 2.10
C ASP C 201 0.11 22.61 3.32
N LEU C 202 1.16 23.40 3.12
CA LEU C 202 1.72 24.15 4.23
C LEU C 202 0.71 25.16 4.76
N VAL C 203 -0.05 25.81 3.88
CA VAL C 203 -1.03 26.80 4.31
C VAL C 203 -2.08 26.13 5.19
N VAL C 204 -2.61 25.00 4.74
CA VAL C 204 -3.70 24.34 5.46
C VAL C 204 -3.20 23.78 6.78
N ALA C 205 -2.03 23.15 6.78
CA ALA C 205 -1.48 22.63 8.03
C ALA C 205 -1.21 23.76 9.01
N SER C 206 -0.71 24.89 8.53
CA SER C 206 -0.42 26.00 9.42
C SER C 206 -1.70 26.60 9.98
N VAL C 207 -2.74 26.67 9.17
CA VAL C 207 -4.02 27.17 9.67
C VAL C 207 -4.61 26.22 10.70
N LEU C 208 -4.55 24.91 10.44
CA LEU C 208 -5.06 23.93 11.38
C LEU C 208 -4.34 24.04 12.72
N MET C 209 -3.01 24.01 12.70
CA MET C 209 -2.27 24.17 13.95
C MET C 209 -2.55 25.52 14.59
N ALA C 210 -2.82 26.54 13.78
CA ALA C 210 -3.07 27.87 14.30
C ALA C 210 -4.44 28.01 14.94
N MET C 211 -5.35 27.07 14.68
CA MET C 211 -6.58 26.98 15.45
C MET C 211 -6.45 26.04 16.62
N GLY C 212 -5.21 25.76 17.03
CA GLY C 212 -4.96 24.81 18.10
C GLY C 212 -5.44 23.40 17.81
N MET C 213 -5.80 23.12 16.56
CA MET C 213 -6.53 21.92 16.19
C MET C 213 -5.53 20.89 15.67
N MET C 214 -4.73 20.35 16.56
CA MET C 214 -3.75 19.34 16.17
C MET C 214 -4.46 18.02 15.89
N MET C 215 -3.79 17.17 15.12
CA MET C 215 -4.24 15.82 14.81
C MET C 215 -5.53 15.80 14.01
N LEU C 216 -5.62 16.66 12.99
CA LEU C 216 -6.70 16.61 12.01
C LEU C 216 -6.21 16.13 10.65
N SER C 217 -4.92 15.83 10.52
CA SER C 217 -4.35 15.33 9.27
C SER C 217 -4.57 16.30 8.12
N PRO C 218 -3.85 17.42 8.10
CA PRO C 218 -4.11 18.46 7.09
C PRO C 218 -4.14 17.97 5.65
N LEU C 219 -3.66 16.77 5.34
CA LEU C 219 -3.76 16.29 3.97
C LEU C 219 -5.19 15.97 3.60
N ILE C 220 -5.97 15.45 4.56
CA ILE C 220 -7.35 15.10 4.30
C ILE C 220 -8.19 16.36 4.09
N ILE C 221 -7.83 17.45 4.78
CA ILE C 221 -8.53 18.71 4.60
C ILE C 221 -8.02 19.43 3.35
N SER C 222 -6.78 19.15 2.95
CA SER C 222 -6.19 19.83 1.80
C SER C 222 -6.56 19.21 0.47
N LEU C 223 -6.93 17.94 0.44
CA LEU C 223 -7.32 17.30 -0.83
C LEU C 223 -8.39 18.08 -1.60
N PRO C 224 -9.46 18.60 -0.99
CA PRO C 224 -10.40 19.40 -1.78
C PRO C 224 -9.86 20.74 -2.22
N PHE C 225 -9.08 21.42 -1.37
CA PHE C 225 -8.50 22.68 -1.80
C PHE C 225 -7.54 22.45 -2.96
N LYS C 226 -6.76 21.36 -2.91
CA LYS C 226 -5.92 21.01 -4.04
C LYS C 226 -6.76 20.79 -5.29
N ILE C 227 -7.85 20.04 -5.17
CA ILE C 227 -8.66 19.74 -6.36
C ILE C 227 -9.29 21.00 -6.92
N MET C 228 -9.82 21.87 -6.04
CA MET C 228 -10.43 23.11 -6.51
C MET C 228 -9.40 23.98 -7.21
N LEU C 229 -8.26 24.23 -6.57
CA LEU C 229 -7.22 25.03 -7.19
C LEU C 229 -6.76 24.43 -8.50
N PHE C 230 -6.78 23.10 -8.61
CA PHE C 230 -6.36 22.45 -9.84
C PHE C 230 -7.44 22.44 -10.90
N VAL C 231 -8.68 22.76 -10.56
CA VAL C 231 -9.70 22.90 -11.60
C VAL C 231 -9.92 24.37 -11.98
N LEU C 232 -9.63 25.30 -11.07
CA LEU C 232 -9.88 26.71 -11.37
C LEU C 232 -8.85 27.27 -12.33
N VAL C 233 -7.57 26.88 -12.17
CA VAL C 233 -6.55 27.26 -13.14
C VAL C 233 -6.60 26.39 -14.39
N ASP C 234 -7.60 25.52 -14.49
CA ASP C 234 -7.88 24.61 -15.60
C ASP C 234 -6.92 23.43 -15.57
N GLY C 235 -5.84 23.53 -14.81
CA GLY C 235 -5.17 22.36 -14.27
C GLY C 235 -4.54 21.44 -15.29
N TRP C 236 -5.38 20.73 -16.04
CA TRP C 236 -4.96 19.66 -16.92
C TRP C 236 -4.62 20.16 -18.31
N ALA C 237 -5.38 21.12 -18.82
CA ALA C 237 -5.02 21.73 -20.09
C ALA C 237 -3.69 22.46 -19.98
N LEU C 238 -3.46 23.13 -18.84
CA LEU C 238 -2.17 23.77 -18.60
C LEU C 238 -1.03 22.76 -18.71
N ILE C 239 -1.12 21.67 -17.94
CA ILE C 239 0.00 20.73 -17.86
C ILE C 239 0.17 20.00 -19.18
N VAL C 240 -0.92 19.66 -19.85
CA VAL C 240 -0.78 18.94 -21.11
C VAL C 240 -0.21 19.85 -22.20
N GLY C 241 -0.62 21.12 -22.22
CA GLY C 241 -0.01 22.05 -23.13
C GLY C 241 1.46 22.28 -22.83
N THR C 242 1.81 22.32 -21.54
CA THR C 242 3.21 22.46 -21.16
C THR C 242 4.03 21.27 -21.62
N LEU C 243 3.52 20.06 -21.40
CA LEU C 243 4.23 18.85 -21.84
C LEU C 243 4.40 18.84 -23.35
N ALA C 244 3.33 19.12 -24.09
CA ALA C 244 3.39 19.02 -25.54
C ALA C 244 4.12 20.20 -26.18
N GLY C 245 4.31 21.29 -25.45
CA GLY C 245 5.04 22.42 -26.00
C GLY C 245 6.51 22.37 -25.68
N SER C 246 6.85 22.07 -24.42
CA SER C 246 8.26 21.93 -24.06
C SER C 246 8.92 20.79 -24.81
N PHE C 247 8.13 19.88 -25.38
CA PHE C 247 8.71 18.71 -26.02
C PHE C 247 9.30 19.05 -27.38
N GLY C 248 8.57 19.81 -28.20
CA GLY C 248 9.04 20.23 -29.49
C GLY C 248 9.36 21.71 -29.52
N GLY C 249 9.96 22.13 -30.64
CA GLY C 249 10.21 23.54 -30.86
C GLY C 249 9.01 24.23 -31.47
N VAL C 250 8.38 25.12 -30.73
CA VAL C 250 7.18 25.79 -31.21
C VAL C 250 7.52 27.14 -31.84
N THR D 53 -1.24 -7.83 -24.00
CA THR D 53 -1.78 -7.43 -25.29
C THR D 53 -3.20 -6.90 -25.16
N ALA D 54 -4.16 -7.81 -24.99
CA ALA D 54 -5.55 -7.40 -24.82
C ALA D 54 -5.71 -6.57 -23.56
N LEU D 55 -4.97 -6.88 -22.51
CA LEU D 55 -5.01 -6.07 -21.30
C LEU D 55 -4.37 -4.71 -21.52
N SER D 56 -3.50 -4.61 -22.52
CA SER D 56 -2.95 -3.30 -22.88
C SER D 56 -3.96 -2.49 -23.70
N PHE D 57 -4.77 -3.16 -24.50
CA PHE D 57 -5.60 -2.45 -25.46
C PHE D 57 -6.99 -2.11 -24.90
N ILE D 58 -7.68 -3.09 -24.34
CA ILE D 58 -9.06 -2.92 -23.88
C ILE D 58 -9.22 -1.74 -22.94
N PRO D 59 -8.43 -1.62 -21.84
CA PRO D 59 -8.64 -0.48 -20.93
C PRO D 59 -8.60 0.87 -21.61
N ALA D 60 -7.54 1.15 -22.38
CA ALA D 60 -7.45 2.46 -23.03
C ALA D 60 -8.68 2.74 -23.89
N PHE D 61 -8.87 1.95 -24.95
CA PHE D 61 -9.92 2.25 -25.92
C PHE D 61 -11.31 2.24 -25.30
N VAL D 62 -11.58 1.30 -24.39
CA VAL D 62 -12.94 1.08 -23.93
C VAL D 62 -13.25 1.82 -22.63
N MET D 63 -12.24 2.41 -21.98
CA MET D 63 -12.49 3.08 -20.71
C MET D 63 -11.93 4.50 -20.72
N LEU D 64 -11.42 5.00 -21.83
CA LEU D 64 -11.06 6.41 -21.93
C LEU D 64 -11.92 7.17 -22.91
N MET D 65 -12.45 6.50 -23.94
CA MET D 65 -13.40 7.13 -24.83
C MET D 65 -14.81 7.15 -24.26
N THR D 66 -15.09 6.27 -23.30
CA THR D 66 -16.41 6.14 -22.70
C THR D 66 -16.50 6.97 -21.41
N SER D 67 -17.58 6.76 -20.67
CA SER D 67 -17.84 7.56 -19.47
C SER D 67 -17.00 7.12 -18.29
N PHE D 68 -16.43 5.91 -18.34
CA PHE D 68 -15.76 5.30 -17.20
C PHE D 68 -14.85 6.29 -16.47
N THR D 69 -14.01 7.00 -17.22
CA THR D 69 -13.01 7.87 -16.61
C THR D 69 -13.64 8.87 -15.66
N ARG D 70 -14.81 9.41 -16.02
CA ARG D 70 -15.48 10.35 -15.13
C ARG D 70 -16.05 9.65 -13.91
N ILE D 71 -16.66 8.48 -14.09
CA ILE D 71 -17.38 7.84 -13.00
C ILE D 71 -16.41 7.37 -11.93
N ILE D 72 -15.50 6.46 -12.30
CA ILE D 72 -14.65 5.82 -11.30
C ILE D 72 -13.90 6.86 -10.48
N ILE D 73 -13.30 7.85 -11.13
CA ILE D 73 -12.60 8.90 -10.42
C ILE D 73 -13.49 9.52 -9.36
N VAL D 74 -14.69 9.95 -9.77
CA VAL D 74 -15.65 10.50 -8.82
C VAL D 74 -15.85 9.54 -7.67
N PHE D 75 -16.12 8.27 -7.97
CA PHE D 75 -16.31 7.28 -6.92
C PHE D 75 -15.10 7.25 -5.99
N SER D 76 -13.90 7.27 -6.57
CA SER D 76 -12.70 7.27 -5.74
C SER D 76 -12.68 8.50 -4.82
N ILE D 77 -13.01 9.68 -5.36
CA ILE D 77 -13.12 10.84 -4.50
C ILE D 77 -14.10 10.55 -3.37
N LEU D 78 -15.25 9.95 -3.71
CA LEU D 78 -16.18 9.49 -2.69
C LEU D 78 -15.47 8.68 -1.62
N ARG D 79 -14.75 7.64 -2.03
CA ARG D 79 -14.10 6.78 -1.05
C ARG D 79 -13.13 7.56 -0.18
N GLN D 80 -12.56 8.64 -0.73
CA GLN D 80 -11.78 9.56 0.09
C GLN D 80 -12.68 10.57 0.78
N ALA D 81 -13.65 11.12 0.05
CA ALA D 81 -14.55 12.12 0.61
C ALA D 81 -15.30 11.57 1.81
N LEU D 82 -15.82 10.35 1.67
CA LEU D 82 -16.48 9.65 2.76
C LEU D 82 -15.48 9.45 3.88
N GLY D 83 -15.93 8.88 4.99
CA GLY D 83 -15.01 8.54 6.05
C GLY D 83 -13.75 7.87 5.53
N LEU D 84 -12.67 8.01 6.29
CA LEU D 84 -11.32 7.61 5.88
C LEU D 84 -11.29 6.19 5.34
N GLN D 85 -12.38 5.47 5.54
CA GLN D 85 -12.48 4.07 5.11
C GLN D 85 -11.95 3.86 3.71
N GLN D 86 -11.12 2.84 3.57
CA GLN D 86 -10.84 2.22 2.30
C GLN D 86 -11.76 1.01 2.20
N THR D 87 -11.58 0.24 1.15
CA THR D 87 -12.21 -1.05 0.97
C THR D 87 -13.74 -0.94 0.86
N PRO D 88 -14.25 -0.06 0.00
CA PRO D 88 -15.18 -0.51 -1.04
C PRO D 88 -14.44 -1.15 -2.20
N SER D 89 -13.14 -1.38 -2.03
CA SER D 89 -12.27 -2.31 -2.73
C SER D 89 -11.87 -1.87 -4.12
N ASN D 90 -12.45 -0.80 -4.67
CA ASN D 90 -12.17 -0.33 -6.04
C ASN D 90 -12.26 -1.47 -7.05
N GLN D 91 -12.84 -2.59 -6.62
CA GLN D 91 -13.14 -3.74 -7.47
C GLN D 91 -14.63 -3.98 -7.58
N ILE D 92 -15.40 -3.48 -6.61
CA ILE D 92 -16.83 -3.27 -6.82
C ILE D 92 -17.10 -1.86 -7.29
N LEU D 93 -16.23 -0.90 -6.99
CA LEU D 93 -16.37 0.42 -7.58
C LEU D 93 -16.12 0.35 -9.08
N THR D 94 -15.12 -0.42 -9.51
CA THR D 94 -14.86 -0.58 -10.93
C THR D 94 -16.02 -1.25 -11.63
N GLY D 95 -16.56 -2.32 -11.06
CA GLY D 95 -17.70 -3.00 -11.67
C GLY D 95 -18.95 -2.15 -11.67
N MET D 96 -19.18 -1.40 -10.59
CA MET D 96 -20.35 -0.54 -10.49
C MET D 96 -20.27 0.59 -11.50
N ALA D 97 -19.11 1.25 -11.60
CA ALA D 97 -18.93 2.27 -12.62
C ALA D 97 -19.00 1.68 -14.01
N LEU D 98 -18.58 0.42 -14.19
CA LEU D 98 -18.71 -0.20 -15.50
C LEU D 98 -20.17 -0.42 -15.87
N PHE D 99 -20.99 -0.82 -14.91
CA PHE D 99 -22.41 -0.97 -15.19
C PHE D 99 -23.04 0.38 -15.49
N LEU D 100 -22.69 1.42 -14.72
CA LEU D 100 -23.20 2.75 -15.01
C LEU D 100 -22.74 3.25 -16.37
N THR D 101 -21.53 2.87 -16.79
CA THR D 101 -21.04 3.28 -18.11
C THR D 101 -21.81 2.58 -19.22
N MET D 102 -21.94 1.25 -19.14
CA MET D 102 -22.76 0.54 -20.11
C MET D 102 -24.19 1.05 -20.11
N PHE D 103 -24.61 1.64 -18.99
CA PHE D 103 -25.97 2.14 -18.87
C PHE D 103 -26.11 3.55 -19.44
N ILE D 104 -25.03 4.33 -19.44
CA ILE D 104 -25.03 5.64 -20.08
C ILE D 104 -24.68 5.52 -21.56
N MET D 105 -23.72 4.66 -21.88
CA MET D 105 -23.37 4.37 -23.26
C MET D 105 -24.46 3.63 -24.01
N ALA D 106 -25.60 3.37 -23.39
CA ALA D 106 -26.67 2.62 -24.03
C ALA D 106 -27.11 3.22 -25.36
N PRO D 107 -27.41 4.52 -25.47
CA PRO D 107 -27.73 5.06 -26.80
C PRO D 107 -26.57 4.99 -27.77
N VAL D 108 -25.35 5.30 -27.30
CA VAL D 108 -24.19 5.25 -28.18
C VAL D 108 -23.98 3.84 -28.72
N PHE D 109 -23.96 2.84 -27.83
CA PHE D 109 -23.76 1.48 -28.27
C PHE D 109 -24.93 0.98 -29.11
N ASP D 110 -26.15 1.46 -28.83
CA ASP D 110 -27.28 1.13 -29.69
C ASP D 110 -27.02 1.61 -31.12
N ARG D 111 -26.55 2.86 -31.26
CA ARG D 111 -26.32 3.40 -32.59
C ARG D 111 -25.13 2.73 -33.27
N VAL D 112 -24.11 2.34 -32.51
CA VAL D 112 -23.00 1.61 -33.11
C VAL D 112 -23.45 0.24 -33.61
N ASN D 113 -24.18 -0.49 -32.79
CA ASN D 113 -24.75 -1.76 -33.20
C ASN D 113 -25.63 -1.63 -34.43
N GLN D 114 -26.40 -0.54 -34.52
CA GLN D 114 -27.25 -0.33 -35.70
C GLN D 114 -26.42 -0.01 -36.94
N ASP D 115 -25.42 0.88 -36.80
CA ASP D 115 -24.65 1.36 -37.93
C ASP D 115 -23.57 0.40 -38.39
N ALA D 116 -23.05 -0.46 -37.51
CA ALA D 116 -21.95 -1.33 -37.87
C ALA D 116 -22.29 -2.81 -37.78
N LEU D 117 -22.79 -3.27 -36.63
CA LEU D 117 -22.87 -4.70 -36.39
C LEU D 117 -24.16 -5.32 -36.91
N GLN D 118 -25.26 -4.55 -36.95
CA GLN D 118 -26.50 -5.06 -37.52
C GLN D 118 -26.35 -5.53 -38.97
N PRO D 119 -25.67 -4.80 -39.86
CA PRO D 119 -25.44 -5.35 -41.21
C PRO D 119 -24.28 -6.32 -41.30
N TYR D 120 -23.48 -6.47 -40.23
CA TYR D 120 -22.26 -7.27 -40.30
C TYR D 120 -22.35 -8.55 -39.49
N LEU D 121 -23.55 -9.09 -39.34
CA LEU D 121 -23.72 -10.50 -39.04
C LEU D 121 -23.75 -11.35 -40.31
N ALA D 122 -23.60 -10.71 -41.47
CA ALA D 122 -23.77 -11.36 -42.77
C ALA D 122 -22.48 -11.36 -43.57
N GLU D 123 -21.33 -11.26 -42.90
CA GLU D 123 -20.02 -11.34 -43.55
C GLU D 123 -19.90 -10.35 -44.71
N LYS D 124 -20.19 -9.08 -44.44
CA LYS D 124 -20.15 -8.07 -45.49
C LYS D 124 -18.73 -7.57 -45.73
N LEU D 125 -18.04 -7.16 -44.68
CA LEU D 125 -16.73 -6.53 -44.81
C LEU D 125 -15.97 -6.69 -43.50
N SER D 126 -14.64 -6.55 -43.59
CA SER D 126 -13.76 -6.77 -42.45
C SER D 126 -12.61 -5.77 -42.46
N ALA D 127 -12.44 -5.05 -41.35
CA ALA D 127 -11.29 -4.19 -41.12
C ALA D 127 -11.17 -3.07 -42.15
N GLN D 128 -12.31 -2.55 -42.60
CA GLN D 128 -12.35 -1.46 -43.58
C GLN D 128 -13.45 -0.50 -43.13
N ASP D 129 -13.92 0.33 -44.07
CA ASP D 129 -14.72 1.53 -43.82
C ASP D 129 -15.77 1.38 -42.71
N ALA D 130 -16.30 0.17 -42.52
CA ALA D 130 -17.20 -0.08 -41.40
C ALA D 130 -16.63 0.43 -40.08
N VAL D 131 -15.31 0.37 -39.90
CA VAL D 131 -14.71 0.86 -38.66
C VAL D 131 -14.93 2.37 -38.52
N ALA D 132 -14.85 3.11 -39.62
CA ALA D 132 -15.12 4.55 -39.55
C ALA D 132 -16.61 4.82 -39.37
N LYS D 133 -17.46 4.00 -40.00
CA LYS D 133 -18.90 4.11 -39.78
C LYS D 133 -19.23 3.92 -38.31
N ALA D 134 -18.47 3.07 -37.62
CA ALA D 134 -18.64 2.90 -36.18
C ALA D 134 -17.97 4.02 -35.39
N GLN D 135 -16.91 4.62 -35.93
CA GLN D 135 -16.23 5.71 -35.25
C GLN D 135 -17.11 6.95 -35.17
N VAL D 136 -17.91 7.19 -36.21
CA VAL D 136 -18.68 8.45 -36.27
C VAL D 136 -19.57 8.68 -35.05
N PRO D 137 -20.39 7.71 -34.60
CA PRO D 137 -21.25 8.00 -33.44
C PRO D 137 -20.49 8.27 -32.16
N ILE D 138 -19.49 7.45 -31.84
CA ILE D 138 -18.67 7.71 -30.66
C ILE D 138 -17.97 9.05 -30.79
N LYS D 139 -17.58 9.43 -32.00
CA LYS D 139 -16.92 10.71 -32.21
C LYS D 139 -17.86 11.87 -31.88
N ASP D 140 -19.08 11.83 -32.41
CA ASP D 140 -20.05 12.88 -32.10
C ASP D 140 -20.37 12.91 -30.62
N PHE D 141 -20.48 11.73 -29.99
CA PHE D 141 -20.76 11.66 -28.57
C PHE D 141 -19.66 12.34 -27.76
N MET D 142 -18.42 11.93 -27.97
CA MET D 142 -17.30 12.55 -27.27
C MET D 142 -17.26 14.06 -27.51
N LEU D 143 -17.50 14.49 -28.76
CA LEU D 143 -17.54 15.91 -29.05
C LEU D 143 -18.61 16.64 -28.24
N ALA D 144 -19.72 15.96 -27.95
CA ALA D 144 -20.81 16.62 -27.23
C ALA D 144 -20.38 17.10 -25.85
N GLN D 145 -19.36 16.48 -25.25
CA GLN D 145 -18.95 16.81 -23.89
C GLN D 145 -17.57 17.43 -23.78
N THR D 146 -16.76 17.39 -24.83
CA THR D 146 -15.46 18.04 -24.79
C THR D 146 -15.62 19.55 -24.78
N ARG D 147 -15.01 20.19 -23.78
CA ARG D 147 -15.07 21.64 -23.69
C ARG D 147 -14.42 22.27 -24.91
N THR D 148 -14.89 23.47 -25.26
CA THR D 148 -14.35 24.15 -26.44
C THR D 148 -12.88 24.48 -26.26
N SER D 149 -12.50 24.90 -25.06
CA SER D 149 -11.11 25.29 -24.81
C SER D 149 -10.14 24.15 -25.10
N ASP D 150 -10.51 22.92 -24.75
CA ASP D 150 -9.59 21.81 -24.95
C ASP D 150 -9.46 21.46 -26.42
N LEU D 151 -10.56 21.46 -27.17
CA LEU D 151 -10.45 21.26 -28.61
C LEU D 151 -9.61 22.34 -29.26
N GLU D 152 -9.79 23.59 -28.85
CA GLU D 152 -8.98 24.67 -29.39
C GLU D 152 -7.51 24.44 -29.08
N LEU D 153 -7.21 24.06 -27.84
CA LEU D 153 -5.82 23.83 -27.44
C LEU D 153 -5.19 22.71 -28.26
N PHE D 154 -5.93 21.64 -28.52
CA PHE D 154 -5.31 20.53 -29.23
C PHE D 154 -5.22 20.78 -30.73
N MET D 155 -6.20 21.47 -31.31
CA MET D 155 -6.07 21.92 -32.69
C MET D 155 -4.88 22.86 -32.83
N ARG D 156 -4.61 23.65 -31.79
CA ARG D 156 -3.46 24.54 -31.81
C ARG D 156 -2.15 23.77 -31.70
N LEU D 157 -2.11 22.75 -30.85
CA LEU D 157 -0.88 22.00 -30.65
C LEU D 157 -0.60 21.02 -31.77
N SER D 158 -1.60 20.67 -32.58
CA SER D 158 -1.33 19.76 -33.70
C SER D 158 -0.87 20.52 -34.94
N LYS D 159 -1.45 21.69 -35.20
CA LYS D 159 -1.06 22.63 -36.23
C LYS D 159 -1.18 22.07 -37.65
N ARG D 160 -1.78 20.89 -37.84
CA ARG D 160 -1.70 20.23 -39.14
C ARG D 160 -2.36 21.04 -40.25
N THR D 161 -3.70 21.09 -40.22
CA THR D 161 -4.51 21.85 -41.17
C THR D 161 -5.81 22.16 -40.46
N ASP D 162 -6.42 23.30 -40.78
CA ASP D 162 -7.71 23.61 -40.20
C ASP D 162 -8.77 22.70 -40.78
N ILE D 163 -9.32 21.80 -39.97
CA ILE D 163 -10.37 20.88 -40.41
C ILE D 163 -11.70 21.43 -39.91
N PRO D 164 -12.60 21.85 -40.79
CA PRO D 164 -13.81 22.56 -40.32
C PRO D 164 -14.79 21.68 -39.59
N THR D 165 -14.87 20.40 -39.94
CA THR D 165 -15.81 19.50 -39.30
C THR D 165 -15.58 19.50 -37.80
N PRO D 166 -16.64 19.60 -36.99
CA PRO D 166 -16.44 19.60 -35.53
C PRO D 166 -15.70 18.38 -35.03
N ASP D 167 -16.01 17.20 -35.55
CA ASP D 167 -15.24 16.03 -35.20
C ASP D 167 -13.83 16.16 -35.73
N ALA D 168 -12.85 15.89 -34.87
CA ALA D 168 -11.46 15.93 -35.30
C ALA D 168 -11.21 14.79 -36.29
N ALA D 169 -10.71 15.14 -37.47
CA ALA D 169 -10.47 14.15 -38.51
C ALA D 169 -9.74 12.92 -37.98
N PRO D 170 -8.68 13.03 -37.18
CA PRO D 170 -8.19 11.84 -36.47
C PRO D 170 -8.82 11.75 -35.09
N LEU D 171 -9.24 10.54 -34.69
CA LEU D 171 -9.69 10.34 -33.32
C LEU D 171 -8.56 10.56 -32.32
N THR D 172 -7.31 10.51 -32.77
CA THR D 172 -6.16 10.59 -31.89
C THR D 172 -5.92 11.98 -31.35
N ILE D 173 -6.61 13.01 -31.85
CA ILE D 173 -6.53 14.33 -31.27
C ILE D 173 -7.82 14.70 -30.53
N LEU D 174 -8.94 14.07 -30.87
CA LEU D 174 -10.18 14.27 -30.14
C LEU D 174 -10.21 13.50 -28.83
N VAL D 175 -9.63 12.30 -28.80
CA VAL D 175 -9.63 11.50 -27.57
C VAL D 175 -8.86 12.17 -26.44
N PRO D 176 -7.66 12.72 -26.64
CA PRO D 176 -6.99 13.39 -25.52
C PRO D 176 -7.74 14.61 -25.02
N ALA D 177 -8.34 15.39 -25.91
CA ALA D 177 -9.16 16.53 -25.46
C ALA D 177 -10.34 16.04 -24.64
N PHE D 178 -10.97 14.96 -25.07
CA PHE D 178 -12.08 14.39 -24.32
C PHE D 178 -11.64 13.92 -22.94
N VAL D 179 -10.47 13.28 -22.87
CA VAL D 179 -9.99 12.77 -21.58
C VAL D 179 -9.63 13.91 -20.66
N ILE D 180 -9.06 14.99 -21.19
CA ILE D 180 -8.73 16.13 -20.34
C ILE D 180 -10.00 16.79 -19.81
N SER D 181 -11.00 16.98 -20.68
CA SER D 181 -12.26 17.54 -20.21
C SER D 181 -12.91 16.61 -19.19
N GLU D 182 -12.80 15.30 -19.41
CA GLU D 182 -13.31 14.32 -18.47
C GLU D 182 -12.66 14.44 -17.11
N LEU D 183 -11.33 14.53 -17.07
CA LEU D 183 -10.65 14.70 -15.80
C LEU D 183 -11.08 15.99 -15.12
N LYS D 184 -11.13 17.10 -15.86
CA LYS D 184 -11.50 18.37 -15.25
C LYS D 184 -12.91 18.30 -14.66
N THR D 185 -13.85 17.71 -15.39
CA THR D 185 -15.23 17.66 -14.91
C THR D 185 -15.39 16.67 -13.77
N ALA D 186 -14.67 15.54 -13.82
CA ALA D 186 -14.75 14.58 -12.74
C ALA D 186 -14.15 15.16 -11.46
N PHE D 187 -13.10 15.97 -11.58
CA PHE D 187 -12.58 16.65 -10.41
C PHE D 187 -13.55 17.70 -9.91
N GLN D 188 -14.22 18.41 -10.81
CA GLN D 188 -15.29 19.33 -10.40
C GLN D 188 -16.32 18.60 -9.55
N ILE D 189 -16.85 17.50 -10.07
CA ILE D 189 -17.90 16.75 -9.37
C ILE D 189 -17.39 16.21 -8.05
N GLY D 190 -16.22 15.58 -8.06
CA GLY D 190 -15.69 14.98 -6.84
C GLY D 190 -15.45 16.01 -5.76
N PHE D 191 -14.99 17.20 -6.16
CA PHE D 191 -14.82 18.27 -5.19
C PHE D 191 -16.16 18.75 -4.66
N MET D 192 -17.15 18.93 -5.54
CA MET D 192 -18.49 19.26 -5.11
C MET D 192 -18.96 18.29 -4.03
N ILE D 193 -18.96 16.99 -4.35
CA ILE D 193 -19.42 15.98 -3.40
C ILE D 193 -18.48 15.79 -2.23
N PHE D 194 -17.28 16.39 -2.27
CA PHE D 194 -16.44 16.37 -1.08
C PHE D 194 -16.85 17.44 -0.08
N ILE D 195 -17.25 18.63 -0.55
CA ILE D 195 -17.47 19.77 0.35
C ILE D 195 -18.21 19.40 1.64
N PRO D 196 -19.41 18.79 1.59
CA PRO D 196 -20.15 18.59 2.86
C PRO D 196 -19.44 17.66 3.83
N PHE D 197 -18.65 16.70 3.34
CA PHE D 197 -17.90 15.86 4.26
C PHE D 197 -16.80 16.64 4.94
N LEU D 198 -16.19 17.60 4.25
CA LEU D 198 -15.30 18.54 4.91
C LEU D 198 -16.03 19.33 5.97
N ILE D 199 -17.28 19.70 5.71
CA ILE D 199 -18.07 20.41 6.71
C ILE D 199 -18.24 19.56 7.96
N ILE D 200 -18.65 18.30 7.78
CA ILE D 200 -18.84 17.42 8.92
C ILE D 200 -17.54 17.23 9.68
N ASP D 201 -16.44 17.06 8.96
CA ASP D 201 -15.14 16.88 9.60
C ASP D 201 -14.78 18.09 10.45
N LEU D 202 -14.94 19.29 9.90
CA LEU D 202 -14.59 20.49 10.65
C LEU D 202 -15.51 20.67 11.85
N VAL D 203 -16.79 20.35 11.72
CA VAL D 203 -17.71 20.47 12.85
C VAL D 203 -17.31 19.51 13.96
N VAL D 204 -16.99 18.27 13.61
CA VAL D 204 -16.61 17.28 14.61
C VAL D 204 -15.32 17.69 15.31
N ALA D 205 -14.33 18.12 14.53
CA ALA D 205 -13.06 18.53 15.13
C ALA D 205 -13.24 19.74 16.03
N SER D 206 -14.10 20.68 15.63
CA SER D 206 -14.33 21.86 16.44
C SER D 206 -15.07 21.52 17.72
N VAL D 207 -16.00 20.58 17.66
CA VAL D 207 -16.70 20.18 18.87
C VAL D 207 -15.75 19.46 19.83
N LEU D 208 -14.98 18.51 19.33
CA LEU D 208 -13.98 17.83 20.16
C LEU D 208 -13.04 18.83 20.81
N MET D 209 -12.39 19.67 19.99
CA MET D 209 -11.48 20.66 20.53
C MET D 209 -12.18 21.61 21.48
N ALA D 210 -13.49 21.81 21.30
CA ALA D 210 -14.25 22.66 22.19
C ALA D 210 -14.60 21.96 23.49
N MET D 211 -14.58 20.64 23.52
CA MET D 211 -14.71 19.90 24.77
C MET D 211 -13.37 19.72 25.47
N GLY D 212 -12.36 20.49 25.07
CA GLY D 212 -11.02 20.31 25.59
C GLY D 212 -10.43 18.95 25.27
N MET D 213 -11.04 18.23 24.35
CA MET D 213 -10.75 16.82 24.10
C MET D 213 -9.86 16.73 22.87
N MET D 214 -8.58 16.99 23.05
CA MET D 214 -7.64 16.82 21.96
C MET D 214 -7.25 15.35 21.82
N MET D 215 -6.73 15.03 20.64
CA MET D 215 -6.08 13.76 20.30
C MET D 215 -7.04 12.59 20.27
N LEU D 216 -8.34 12.84 20.32
CA LEU D 216 -9.31 11.81 20.02
C LEU D 216 -9.47 11.60 18.53
N SER D 217 -8.68 12.29 17.70
CA SER D 217 -8.62 12.05 16.27
C SER D 217 -9.98 12.24 15.62
N PRO D 218 -10.44 13.48 15.45
CA PRO D 218 -11.82 13.73 14.98
C PRO D 218 -12.20 12.98 13.72
N LEU D 219 -11.27 12.34 13.03
CA LEU D 219 -11.62 11.63 11.81
C LEU D 219 -12.29 10.30 12.11
N ILE D 220 -11.78 9.55 13.10
CA ILE D 220 -12.43 8.29 13.46
C ILE D 220 -13.81 8.55 14.04
N ILE D 221 -13.98 9.67 14.73
CA ILE D 221 -15.31 10.03 15.22
C ILE D 221 -16.21 10.45 14.07
N SER D 222 -15.67 11.19 13.11
CA SER D 222 -16.47 11.69 12.00
C SER D 222 -16.94 10.60 11.06
N LEU D 223 -16.21 9.49 10.96
CA LEU D 223 -16.56 8.43 10.02
C LEU D 223 -18.02 7.96 10.14
N PRO D 224 -18.55 7.61 11.31
CA PRO D 224 -19.96 7.23 11.37
C PRO D 224 -20.90 8.39 11.10
N PHE D 225 -20.51 9.62 11.46
CA PHE D 225 -21.34 10.77 11.10
C PHE D 225 -21.41 10.93 9.60
N LYS D 226 -20.29 10.79 8.91
CA LYS D 226 -20.29 10.87 7.46
C LYS D 226 -21.16 9.78 6.86
N ILE D 227 -21.07 8.56 7.40
CA ILE D 227 -21.89 7.47 6.88
C ILE D 227 -23.38 7.75 7.12
N MET D 228 -23.73 8.24 8.31
CA MET D 228 -25.13 8.54 8.61
C MET D 228 -25.66 9.62 7.69
N LEU D 229 -24.95 10.74 7.58
CA LEU D 229 -25.39 11.82 6.71
C LEU D 229 -25.43 11.39 5.26
N PHE D 230 -24.57 10.45 4.86
CA PHE D 230 -24.59 9.97 3.50
C PHE D 230 -25.67 8.93 3.26
N VAL D 231 -26.26 8.37 4.30
CA VAL D 231 -27.39 7.48 4.11
C VAL D 231 -28.72 8.24 4.17
N LEU D 232 -28.83 9.21 5.08
CA LEU D 232 -30.10 9.92 5.24
C LEU D 232 -30.44 10.75 4.01
N VAL D 233 -29.43 11.30 3.32
CA VAL D 233 -29.67 12.04 2.08
C VAL D 233 -29.71 11.11 0.87
N ASP D 234 -29.74 9.80 1.10
CA ASP D 234 -29.86 8.75 0.10
C ASP D 234 -28.55 8.53 -0.66
N GLY D 235 -27.63 9.48 -0.58
CA GLY D 235 -26.24 9.18 -0.80
C GLY D 235 -25.86 8.73 -2.19
N TRP D 236 -26.31 7.53 -2.54
CA TRP D 236 -25.85 6.82 -3.73
C TRP D 236 -26.79 6.99 -4.91
N ALA D 237 -28.10 6.97 -4.66
CA ALA D 237 -29.02 7.34 -5.72
C ALA D 237 -28.81 8.78 -6.16
N LEU D 238 -28.53 9.67 -5.21
CA LEU D 238 -28.22 11.05 -5.54
C LEU D 238 -27.03 11.13 -6.50
N ILE D 239 -25.93 10.47 -6.14
CA ILE D 239 -24.69 10.65 -6.90
C ILE D 239 -24.76 9.92 -8.24
N VAL D 240 -25.41 8.76 -8.27
CA VAL D 240 -25.64 8.10 -9.55
C VAL D 240 -26.52 8.97 -10.45
N GLY D 241 -27.51 9.63 -9.87
CA GLY D 241 -28.34 10.54 -10.65
C GLY D 241 -27.55 11.72 -11.18
N THR D 242 -26.73 12.34 -10.34
CA THR D 242 -25.92 13.47 -10.80
C THR D 242 -24.99 13.05 -11.92
N LEU D 243 -24.33 11.91 -11.79
CA LEU D 243 -23.46 11.43 -12.86
C LEU D 243 -24.24 11.23 -14.14
N ALA D 244 -25.29 10.40 -14.09
CA ALA D 244 -26.00 10.06 -15.32
C ALA D 244 -26.78 11.24 -15.89
N GLY D 245 -26.97 12.31 -15.12
CA GLY D 245 -27.64 13.48 -15.64
C GLY D 245 -26.67 14.47 -16.23
N SER D 246 -25.62 14.80 -15.48
CA SER D 246 -24.60 15.72 -15.98
C SER D 246 -23.87 15.16 -17.18
N PHE D 247 -23.84 13.85 -17.35
CA PHE D 247 -23.10 13.29 -18.46
C PHE D 247 -23.84 13.47 -19.77
N GLY D 248 -25.16 13.29 -19.76
CA GLY D 248 -25.95 13.38 -20.96
C GLY D 248 -26.77 14.66 -21.03
N GLY D 249 -27.40 14.85 -22.18
CA GLY D 249 -28.29 15.98 -22.38
C GLY D 249 -29.72 15.64 -22.00
N VAL D 250 -30.24 16.30 -20.98
CA VAL D 250 -31.58 16.01 -20.50
C VAL D 250 -32.55 17.11 -20.95
N THR E 53 -11.14 -12.42 -20.22
CA THR E 53 -12.16 -11.70 -19.45
C THR E 53 -12.71 -12.57 -18.34
N ALA E 54 -12.17 -13.78 -18.21
CA ALA E 54 -12.66 -14.71 -17.19
C ALA E 54 -12.27 -14.25 -15.79
N LEU E 55 -11.16 -13.51 -15.68
CA LEU E 55 -10.74 -13.02 -14.38
C LEU E 55 -11.59 -11.83 -13.93
N SER E 56 -12.05 -11.03 -14.89
CA SER E 56 -12.97 -9.94 -14.56
C SER E 56 -14.40 -10.46 -14.45
N PHE E 57 -14.66 -11.63 -15.02
CA PHE E 57 -16.02 -12.17 -15.07
C PHE E 57 -16.50 -12.59 -13.68
N ILE E 58 -15.63 -13.19 -12.87
CA ILE E 58 -16.06 -13.77 -11.61
C ILE E 58 -16.66 -12.74 -10.67
N PRO E 59 -15.92 -11.68 -10.23
CA PRO E 59 -16.51 -10.74 -9.27
C PRO E 59 -17.75 -10.05 -9.81
N ALA E 60 -17.66 -9.58 -11.07
CA ALA E 60 -18.75 -8.80 -11.63
C ALA E 60 -20.02 -9.63 -11.79
N PHE E 61 -19.88 -10.88 -12.23
CA PHE E 61 -21.05 -11.67 -12.55
C PHE E 61 -21.62 -12.36 -11.31
N VAL E 62 -20.77 -12.80 -10.38
CA VAL E 62 -21.21 -13.58 -9.24
C VAL E 62 -21.10 -12.78 -7.95
N MET E 63 -19.92 -12.23 -7.66
CA MET E 63 -19.74 -11.51 -6.40
C MET E 63 -20.63 -10.28 -6.30
N LEU E 64 -21.11 -9.78 -7.44
CA LEU E 64 -21.98 -8.61 -7.43
C LEU E 64 -23.44 -9.01 -7.20
N MET E 65 -23.86 -10.13 -7.75
CA MET E 65 -25.26 -10.55 -7.64
C MET E 65 -25.56 -11.30 -6.35
N THR E 66 -24.67 -11.26 -5.36
CA THR E 66 -24.87 -12.02 -4.13
C THR E 66 -24.76 -11.11 -2.91
N SER E 67 -24.74 -11.75 -1.73
CA SER E 67 -24.69 -11.04 -0.47
C SER E 67 -23.32 -10.48 -0.16
N PHE E 68 -22.30 -10.86 -0.95
CA PHE E 68 -20.92 -10.56 -0.63
C PHE E 68 -20.72 -9.09 -0.28
N THR E 69 -21.29 -8.20 -1.10
CA THR E 69 -20.90 -6.79 -1.04
C THR E 69 -21.26 -6.17 0.31
N ARG E 70 -22.51 -6.34 0.76
CA ARG E 70 -22.84 -5.74 2.04
C ARG E 70 -22.12 -6.43 3.19
N ILE E 71 -21.86 -7.73 3.06
CA ILE E 71 -21.14 -8.43 4.12
C ILE E 71 -19.71 -7.92 4.21
N ILE E 72 -19.04 -7.77 3.06
CA ILE E 72 -17.64 -7.37 3.08
C ILE E 72 -17.51 -5.90 3.50
N ILE E 73 -18.51 -5.07 3.14
CA ILE E 73 -18.46 -3.67 3.56
C ILE E 73 -18.71 -3.55 5.06
N VAL E 74 -19.65 -4.33 5.58
CA VAL E 74 -19.88 -4.31 7.02
C VAL E 74 -18.66 -4.83 7.76
N PHE E 75 -17.98 -5.82 7.20
CA PHE E 75 -16.77 -6.34 7.82
C PHE E 75 -15.66 -5.29 7.81
N SER E 76 -15.54 -4.55 6.72
CA SER E 76 -14.51 -3.50 6.67
C SER E 76 -14.83 -2.38 7.65
N ILE E 77 -16.08 -1.93 7.70
CA ILE E 77 -16.47 -0.93 8.69
C ILE E 77 -16.15 -1.44 10.09
N LEU E 78 -16.46 -2.70 10.36
CA LEU E 78 -16.13 -3.30 11.65
C LEU E 78 -14.64 -3.20 11.95
N ARG E 79 -13.82 -3.73 11.04
CA ARG E 79 -12.37 -3.66 11.19
C ARG E 79 -11.91 -2.23 11.47
N GLN E 80 -12.59 -1.25 10.90
CA GLN E 80 -12.32 0.13 11.26
C GLN E 80 -13.05 0.53 12.55
N ALA E 81 -14.32 0.14 12.68
CA ALA E 81 -15.09 0.46 13.88
C ALA E 81 -14.41 -0.12 15.11
N LEU E 82 -13.90 -1.34 14.98
CA LEU E 82 -13.13 -1.98 16.04
C LEU E 82 -11.92 -1.13 16.36
N GLY E 83 -11.17 -1.49 17.39
CA GLY E 83 -9.93 -0.82 17.66
C GLY E 83 -9.13 -0.56 16.41
N LEU E 84 -8.38 0.55 16.42
CA LEU E 84 -7.68 1.09 15.26
C LEU E 84 -6.87 0.02 14.53
N GLN E 85 -6.66 -1.12 15.17
CA GLN E 85 -5.90 -2.22 14.58
C GLN E 85 -6.41 -2.56 13.19
N GLN E 86 -5.47 -2.77 12.29
CA GLN E 86 -5.70 -3.41 11.00
C GLN E 86 -5.42 -4.90 11.16
N THR E 87 -5.41 -5.60 10.05
CA THR E 87 -5.00 -6.99 9.93
C THR E 87 -5.87 -7.94 10.75
N PRO E 88 -7.20 -7.83 10.66
CA PRO E 88 -7.98 -8.99 10.24
C PRO E 88 -7.79 -9.31 8.77
N SER E 89 -6.97 -8.51 8.10
CA SER E 89 -6.15 -8.78 6.93
C SER E 89 -6.89 -8.76 5.61
N ASN E 90 -8.21 -8.66 5.59
CA ASN E 90 -9.01 -8.59 4.36
C ASN E 90 -8.65 -9.72 3.40
N GLN E 91 -7.94 -10.72 3.90
CA GLN E 91 -7.69 -11.99 3.23
C GLN E 91 -8.42 -13.12 3.91
N ILE E 92 -8.54 -13.06 5.24
CA ILE E 92 -9.50 -13.90 5.93
C ILE E 92 -10.83 -13.17 6.10
N LEU E 93 -10.85 -11.83 5.99
CA LEU E 93 -12.14 -11.15 5.90
C LEU E 93 -12.86 -11.52 4.61
N THR E 94 -12.13 -11.61 3.51
CA THR E 94 -12.78 -11.97 2.25
C THR E 94 -13.24 -13.42 2.26
N GLY E 95 -12.44 -14.33 2.82
CA GLY E 95 -12.87 -15.71 2.93
C GLY E 95 -14.06 -15.85 3.86
N MET E 96 -14.03 -15.16 4.99
CA MET E 96 -15.12 -15.22 5.95
C MET E 96 -16.41 -14.67 5.34
N ALA E 97 -16.30 -13.56 4.61
CA ALA E 97 -17.46 -13.00 3.94
C ALA E 97 -17.96 -13.92 2.83
N LEU E 98 -17.06 -14.62 2.14
CA LEU E 98 -17.48 -15.55 1.11
C LEU E 98 -18.23 -16.73 1.71
N PHE E 99 -17.80 -17.20 2.88
CA PHE E 99 -18.48 -18.34 3.48
C PHE E 99 -19.81 -17.92 4.09
N LEU E 100 -19.89 -16.72 4.66
CA LEU E 100 -21.20 -16.17 5.01
C LEU E 100 -22.10 -16.08 3.79
N THR E 101 -21.56 -15.60 2.67
CA THR E 101 -22.34 -15.51 1.44
C THR E 101 -22.87 -16.86 1.02
N MET E 102 -22.05 -17.89 1.11
CA MET E 102 -22.51 -19.23 0.75
C MET E 102 -23.60 -19.72 1.70
N PHE E 103 -23.41 -19.52 3.01
CA PHE E 103 -24.42 -19.93 3.96
C PHE E 103 -25.74 -19.22 3.73
N ILE E 104 -25.69 -17.97 3.30
CA ILE E 104 -26.92 -17.19 3.09
C ILE E 104 -27.56 -17.49 1.74
N MET E 105 -26.76 -17.78 0.73
CA MET E 105 -27.27 -18.17 -0.58
C MET E 105 -27.66 -19.63 -0.66
N ALA E 106 -27.45 -20.39 0.42
CA ALA E 106 -27.91 -21.78 0.45
C ALA E 106 -29.30 -22.00 -0.12
N PRO E 107 -30.35 -21.29 0.30
CA PRO E 107 -31.65 -21.51 -0.35
C PRO E 107 -31.70 -21.07 -1.79
N VAL E 108 -31.08 -19.92 -2.10
CA VAL E 108 -31.05 -19.44 -3.48
C VAL E 108 -30.36 -20.46 -4.38
N PHE E 109 -29.18 -20.91 -3.97
CA PHE E 109 -28.45 -21.88 -4.79
C PHE E 109 -29.17 -23.21 -4.82
N ASP E 110 -29.91 -23.56 -3.77
CA ASP E 110 -30.71 -24.78 -3.80
C ASP E 110 -31.78 -24.69 -4.88
N ARG E 111 -32.47 -23.56 -4.96
CA ARG E 111 -33.46 -23.36 -6.03
C ARG E 111 -32.80 -23.39 -7.40
N VAL E 112 -31.64 -22.74 -7.53
CA VAL E 112 -30.93 -22.72 -8.81
C VAL E 112 -30.59 -24.14 -9.24
N ASN E 113 -30.02 -24.93 -8.34
CA ASN E 113 -29.72 -26.32 -8.63
C ASN E 113 -30.97 -27.12 -8.97
N GLN E 114 -32.07 -26.88 -8.25
CA GLN E 114 -33.32 -27.57 -8.55
C GLN E 114 -33.77 -27.34 -9.99
N ASP E 115 -33.80 -26.08 -10.42
CA ASP E 115 -34.43 -25.76 -11.69
C ASP E 115 -33.47 -25.72 -12.87
N ALA E 116 -32.15 -25.77 -12.64
CA ALA E 116 -31.19 -25.70 -13.73
C ALA E 116 -30.31 -26.93 -13.85
N LEU E 117 -29.65 -27.34 -12.77
CA LEU E 117 -28.63 -28.38 -12.87
C LEU E 117 -29.22 -29.77 -12.72
N GLN E 118 -30.27 -29.90 -11.91
CA GLN E 118 -30.90 -31.20 -11.69
C GLN E 118 -31.45 -31.83 -12.97
N PRO E 119 -32.10 -31.10 -13.87
CA PRO E 119 -32.39 -31.69 -15.19
C PRO E 119 -31.20 -31.69 -16.12
N TYR E 120 -30.19 -30.86 -15.86
CA TYR E 120 -29.06 -30.74 -16.76
C TYR E 120 -27.82 -31.46 -16.23
N LEU E 121 -28.02 -32.58 -15.56
CA LEU E 121 -26.94 -33.55 -15.45
C LEU E 121 -26.84 -34.42 -16.70
N ALA E 122 -27.80 -34.31 -17.62
CA ALA E 122 -28.04 -35.31 -18.65
C ALA E 122 -27.89 -34.78 -20.08
N GLU E 123 -27.00 -33.79 -20.28
CA GLU E 123 -26.70 -33.27 -21.62
C GLU E 123 -27.96 -32.76 -22.32
N LYS E 124 -28.74 -31.94 -21.62
CA LYS E 124 -30.03 -31.51 -22.17
C LYS E 124 -29.86 -30.37 -23.17
N LEU E 125 -29.29 -29.25 -22.71
CA LEU E 125 -29.21 -28.04 -23.52
C LEU E 125 -28.01 -27.23 -23.07
N SER E 126 -27.52 -26.38 -23.96
CA SER E 126 -26.28 -25.65 -23.73
C SER E 126 -26.41 -24.20 -24.15
N ALA E 127 -26.22 -23.29 -23.19
CA ALA E 127 -26.09 -21.85 -23.45
C ALA E 127 -27.38 -21.22 -23.96
N GLN E 128 -28.53 -21.73 -23.53
CA GLN E 128 -29.82 -21.23 -24.00
C GLN E 128 -30.75 -21.14 -22.78
N ASP E 129 -32.06 -21.08 -23.06
CA ASP E 129 -33.14 -20.70 -22.14
C ASP E 129 -32.98 -21.17 -20.69
N ALA E 130 -32.42 -22.36 -20.48
CA ALA E 130 -32.18 -22.84 -19.12
C ALA E 130 -31.42 -21.81 -18.30
N VAL E 131 -30.57 -20.99 -18.93
CA VAL E 131 -29.89 -19.92 -18.22
C VAL E 131 -30.91 -18.92 -17.66
N ALA E 132 -32.00 -18.68 -18.39
CA ALA E 132 -33.03 -17.77 -17.89
C ALA E 132 -33.89 -18.45 -16.82
N LYS E 133 -34.15 -19.75 -16.99
CA LYS E 133 -34.84 -20.49 -15.95
C LYS E 133 -34.07 -20.51 -14.64
N ALA E 134 -32.74 -20.42 -14.71
CA ALA E 134 -31.92 -20.25 -13.51
C ALA E 134 -31.80 -18.79 -13.09
N GLN E 135 -31.94 -17.86 -14.03
CA GLN E 135 -31.93 -16.45 -13.68
C GLN E 135 -33.16 -16.06 -12.87
N VAL E 136 -34.27 -16.77 -13.07
CA VAL E 136 -35.52 -16.40 -12.38
C VAL E 136 -35.37 -16.38 -10.87
N PRO E 137 -34.90 -17.44 -10.19
CA PRO E 137 -34.88 -17.40 -8.72
C PRO E 137 -33.94 -16.35 -8.16
N ILE E 138 -32.75 -16.20 -8.75
CA ILE E 138 -31.83 -15.18 -8.25
C ILE E 138 -32.39 -13.79 -8.52
N LYS E 139 -33.14 -13.62 -9.62
CA LYS E 139 -33.76 -12.34 -9.91
C LYS E 139 -34.81 -11.99 -8.86
N ASP E 140 -35.65 -12.95 -8.50
CA ASP E 140 -36.66 -12.71 -7.47
C ASP E 140 -36.01 -12.44 -6.13
N PHE E 141 -34.95 -13.18 -5.81
CA PHE E 141 -34.21 -12.93 -4.58
C PHE E 141 -33.66 -11.51 -4.55
N MET E 142 -33.06 -11.06 -5.66
CA MET E 142 -32.52 -9.71 -5.69
C MET E 142 -33.62 -8.66 -5.55
N LEU E 143 -34.77 -8.87 -6.19
CA LEU E 143 -35.89 -7.96 -6.00
C LEU E 143 -36.29 -7.88 -4.54
N ALA E 144 -36.23 -9.01 -3.82
CA ALA E 144 -36.71 -9.03 -2.45
C ALA E 144 -36.02 -7.98 -1.57
N GLN E 145 -34.83 -7.51 -1.98
CA GLN E 145 -34.05 -6.61 -1.14
C GLN E 145 -33.75 -5.25 -1.76
N THR E 146 -33.98 -5.08 -3.06
CA THR E 146 -33.78 -3.77 -3.67
C THR E 146 -34.89 -2.82 -3.22
N ARG E 147 -34.51 -1.62 -2.78
CA ARG E 147 -35.50 -0.64 -2.39
C ARG E 147 -36.34 -0.22 -3.58
N THR E 148 -37.57 0.23 -3.30
CA THR E 148 -38.44 0.70 -4.37
C THR E 148 -37.88 1.95 -5.03
N SER E 149 -37.20 2.80 -4.24
CA SER E 149 -36.68 4.05 -4.78
C SER E 149 -35.62 3.81 -5.85
N ASP E 150 -34.72 2.85 -5.62
CA ASP E 150 -33.65 2.61 -6.57
C ASP E 150 -34.15 1.94 -7.84
N LEU E 151 -35.08 1.00 -7.71
CA LEU E 151 -35.72 0.43 -8.90
C LEU E 151 -36.42 1.52 -9.71
N GLU E 152 -37.17 2.39 -9.03
CA GLU E 152 -37.82 3.50 -9.71
C GLU E 152 -36.80 4.38 -10.41
N LEU E 153 -35.68 4.66 -9.73
CA LEU E 153 -34.64 5.51 -10.31
C LEU E 153 -34.08 4.91 -11.59
N PHE E 154 -33.80 3.61 -11.57
CA PHE E 154 -33.18 3.02 -12.77
C PHE E 154 -34.18 2.79 -13.88
N MET E 155 -35.44 2.53 -13.55
CA MET E 155 -36.46 2.48 -14.59
C MET E 155 -36.66 3.86 -15.21
N ARG E 156 -36.50 4.91 -14.41
CA ARG E 156 -36.58 6.27 -14.92
C ARG E 156 -35.37 6.62 -15.78
N LEU E 157 -34.18 6.18 -15.37
CA LEU E 157 -32.97 6.49 -16.11
C LEU E 157 -32.77 5.61 -17.33
N SER E 158 -33.53 4.53 -17.47
CA SER E 158 -33.46 3.74 -18.69
C SER E 158 -34.39 4.28 -19.76
N LYS E 159 -35.62 4.64 -19.39
CA LYS E 159 -36.66 5.20 -20.25
C LYS E 159 -37.04 4.28 -21.40
N ARG E 160 -36.67 2.99 -21.36
CA ARG E 160 -36.96 2.11 -22.49
C ARG E 160 -38.46 1.91 -22.71
N THR E 161 -39.13 1.23 -21.78
CA THR E 161 -40.55 0.94 -21.87
C THR E 161 -40.99 0.33 -20.56
N ASP E 162 -42.14 0.77 -20.05
CA ASP E 162 -42.63 0.28 -18.76
C ASP E 162 -42.83 -1.23 -18.82
N ILE E 163 -41.98 -1.98 -18.12
CA ILE E 163 -42.16 -3.42 -18.02
C ILE E 163 -43.37 -3.72 -17.15
N PRO E 164 -44.28 -4.58 -17.57
CA PRO E 164 -45.48 -4.83 -16.74
C PRO E 164 -45.15 -5.36 -15.36
N THR E 165 -44.37 -6.42 -15.27
CA THR E 165 -44.04 -6.99 -13.97
C THR E 165 -43.14 -6.04 -13.18
N PRO E 166 -43.20 -6.11 -11.84
CA PRO E 166 -42.29 -5.28 -11.04
C PRO E 166 -40.82 -5.61 -11.30
N ASP E 167 -40.52 -6.85 -11.67
CA ASP E 167 -39.15 -7.22 -12.00
C ASP E 167 -38.73 -6.57 -13.30
N ALA E 168 -37.47 -6.15 -13.36
CA ALA E 168 -36.92 -5.58 -14.58
C ALA E 168 -36.58 -6.70 -15.55
N ALA E 169 -37.26 -6.69 -16.70
CA ALA E 169 -37.08 -7.78 -17.67
C ALA E 169 -35.61 -8.03 -18.02
N PRO E 170 -34.79 -7.02 -18.34
CA PRO E 170 -33.35 -7.30 -18.43
C PRO E 170 -32.73 -7.35 -17.04
N LEU E 171 -31.67 -8.14 -16.87
CA LEU E 171 -31.02 -8.23 -15.57
C LEU E 171 -30.12 -7.03 -15.31
N THR E 172 -29.54 -6.47 -16.38
CA THR E 172 -28.52 -5.43 -16.26
C THR E 172 -29.05 -4.12 -15.71
N ILE E 173 -30.36 -4.00 -15.55
CA ILE E 173 -30.93 -2.86 -14.85
C ILE E 173 -31.35 -3.22 -13.44
N LEU E 174 -31.50 -4.52 -13.13
CA LEU E 174 -31.79 -4.93 -11.77
C LEU E 174 -30.53 -5.06 -10.93
N VAL E 175 -29.42 -5.49 -11.53
CA VAL E 175 -28.19 -5.68 -10.76
C VAL E 175 -27.64 -4.38 -10.20
N PRO E 176 -27.49 -3.30 -10.98
CA PRO E 176 -27.00 -2.06 -10.36
C PRO E 176 -27.95 -1.48 -9.34
N ALA E 177 -29.27 -1.60 -9.53
CA ALA E 177 -30.20 -1.20 -8.49
C ALA E 177 -29.98 -2.01 -7.22
N PHE E 178 -29.78 -3.32 -7.38
CA PHE E 178 -29.46 -4.18 -6.24
C PHE E 178 -28.20 -3.70 -5.55
N VAL E 179 -27.17 -3.35 -6.32
CA VAL E 179 -25.89 -2.97 -5.73
C VAL E 179 -26.01 -1.63 -5.00
N ILE E 180 -26.82 -0.72 -5.52
CA ILE E 180 -26.96 0.57 -4.85
C ILE E 180 -27.75 0.42 -3.55
N SER E 181 -28.89 -0.27 -3.60
CA SER E 181 -29.62 -0.55 -2.37
C SER E 181 -28.75 -1.33 -1.40
N GLU E 182 -27.84 -2.15 -1.95
CA GLU E 182 -26.94 -2.96 -1.14
C GLU E 182 -25.94 -2.08 -0.41
N LEU E 183 -25.33 -1.14 -1.10
CA LEU E 183 -24.38 -0.23 -0.45
C LEU E 183 -25.08 0.62 0.58
N LYS E 184 -26.30 1.08 0.27
CA LYS E 184 -27.05 1.88 1.25
C LYS E 184 -27.31 1.08 2.53
N THR E 185 -27.80 -0.15 2.38
CA THR E 185 -28.04 -0.99 3.55
C THR E 185 -26.75 -1.31 4.29
N ALA E 186 -25.67 -1.52 3.56
CA ALA E 186 -24.40 -1.86 4.19
C ALA E 186 -23.88 -0.70 5.02
N PHE E 187 -24.00 0.53 4.51
CA PHE E 187 -23.58 1.67 5.29
C PHE E 187 -24.52 1.91 6.47
N GLN E 188 -25.80 1.56 6.33
CA GLN E 188 -26.71 1.61 7.47
C GLN E 188 -26.21 0.71 8.59
N ILE E 189 -26.01 -0.58 8.28
CA ILE E 189 -25.50 -1.53 9.27
C ILE E 189 -24.17 -1.05 9.84
N GLY E 190 -23.31 -0.50 8.98
CA GLY E 190 -22.00 -0.06 9.43
C GLY E 190 -22.09 1.04 10.47
N PHE E 191 -22.90 2.07 10.19
CA PHE E 191 -23.11 3.12 11.18
C PHE E 191 -23.65 2.55 12.48
N MET E 192 -24.64 1.66 12.37
CA MET E 192 -25.23 1.06 13.56
C MET E 192 -24.17 0.39 14.42
N ILE E 193 -23.42 -0.55 13.84
CA ILE E 193 -22.39 -1.26 14.59
C ILE E 193 -21.25 -0.37 15.04
N PHE E 194 -21.03 0.76 14.38
CA PHE E 194 -20.00 1.68 14.83
C PHE E 194 -20.41 2.40 16.10
N ILE E 195 -21.71 2.70 16.26
CA ILE E 195 -22.15 3.54 17.39
C ILE E 195 -21.47 3.20 18.72
N PRO E 196 -21.53 1.97 19.24
CA PRO E 196 -21.00 1.73 20.59
C PRO E 196 -19.49 1.91 20.68
N PHE E 197 -18.76 1.61 19.62
CA PHE E 197 -17.32 1.86 19.62
C PHE E 197 -17.04 3.36 19.72
N LEU E 198 -17.82 4.18 19.02
CA LEU E 198 -17.71 5.62 19.20
C LEU E 198 -18.02 6.02 20.65
N ILE E 199 -19.00 5.36 21.26
CA ILE E 199 -19.32 5.64 22.65
C ILE E 199 -18.12 5.38 23.55
N ILE E 200 -17.45 4.24 23.34
CA ILE E 200 -16.30 3.92 24.19
C ILE E 200 -15.16 4.88 23.94
N ASP E 201 -14.91 5.23 22.67
CA ASP E 201 -13.88 6.23 22.38
C ASP E 201 -14.15 7.52 23.14
N LEU E 202 -15.40 7.99 23.10
CA LEU E 202 -15.74 9.24 23.75
C LEU E 202 -15.57 9.14 25.27
N VAL E 203 -16.04 8.05 25.87
CA VAL E 203 -15.95 7.90 27.32
C VAL E 203 -14.49 7.88 27.76
N VAL E 204 -13.68 7.04 27.11
CA VAL E 204 -12.28 6.92 27.50
C VAL E 204 -11.56 8.25 27.31
N ALA E 205 -11.82 8.93 26.18
CA ALA E 205 -11.14 10.21 25.95
C ALA E 205 -11.55 11.25 26.98
N SER E 206 -12.83 11.26 27.34
CA SER E 206 -13.31 12.18 28.36
C SER E 206 -12.59 11.96 29.67
N VAL E 207 -12.49 10.70 30.11
CA VAL E 207 -11.80 10.42 31.37
C VAL E 207 -10.32 10.79 31.25
N LEU E 208 -9.69 10.48 30.11
CA LEU E 208 -8.26 10.71 29.95
C LEU E 208 -7.92 12.20 30.03
N MET E 209 -8.67 13.04 29.32
CA MET E 209 -8.43 14.47 29.45
C MET E 209 -8.91 14.98 30.80
N ALA E 210 -9.84 14.27 31.43
CA ALA E 210 -10.33 14.65 32.75
C ALA E 210 -9.29 14.40 33.85
N MET E 211 -8.35 13.49 33.61
CA MET E 211 -7.21 13.34 34.50
C MET E 211 -6.01 14.15 34.05
N GLY E 212 -6.25 15.23 33.29
CA GLY E 212 -5.17 16.03 32.77
C GLY E 212 -4.17 15.26 31.94
N MET E 213 -4.54 14.07 31.46
CA MET E 213 -3.63 13.23 30.69
C MET E 213 -3.79 13.61 29.22
N MET E 214 -2.96 14.55 28.78
CA MET E 214 -2.91 14.92 27.39
C MET E 214 -1.92 14.03 26.65
N MET E 215 -2.01 14.08 25.33
CA MET E 215 -1.08 13.39 24.42
C MET E 215 -0.93 11.90 24.73
N LEU E 216 -1.96 11.29 25.33
CA LEU E 216 -1.93 9.86 25.59
C LEU E 216 -2.72 9.08 24.54
N SER E 217 -3.39 9.78 23.63
CA SER E 217 -4.06 9.18 22.48
C SER E 217 -5.06 8.15 22.95
N PRO E 218 -6.19 8.58 23.52
CA PRO E 218 -7.14 7.64 24.13
C PRO E 218 -7.62 6.54 23.19
N LEU E 219 -7.23 6.55 21.91
CA LEU E 219 -7.50 5.38 21.07
C LEU E 219 -6.54 4.26 21.40
N ILE E 220 -5.29 4.60 21.76
CA ILE E 220 -4.33 3.60 22.18
C ILE E 220 -4.78 2.94 23.48
N ILE E 221 -5.53 3.69 24.31
CA ILE E 221 -6.10 3.09 25.51
C ILE E 221 -7.41 2.38 25.19
N SER E 222 -8.15 2.86 24.20
CA SER E 222 -9.47 2.32 23.93
C SER E 222 -9.45 1.04 23.12
N LEU E 223 -8.35 0.72 22.44
CA LEU E 223 -8.28 -0.54 21.71
C LEU E 223 -8.52 -1.76 22.60
N PRO E 224 -7.82 -1.95 23.72
CA PRO E 224 -8.15 -3.09 24.58
C PRO E 224 -9.56 -3.01 25.14
N PHE E 225 -10.01 -1.83 25.55
CA PHE E 225 -11.39 -1.69 26.00
C PHE E 225 -12.36 -2.03 24.90
N LYS E 226 -12.07 -1.58 23.67
CA LYS E 226 -12.93 -1.92 22.55
C LYS E 226 -13.03 -3.42 22.37
N ILE E 227 -11.90 -4.14 22.40
CA ILE E 227 -11.94 -5.56 22.11
C ILE E 227 -12.55 -6.33 23.29
N MET E 228 -12.34 -5.85 24.52
CA MET E 228 -12.97 -6.50 25.67
C MET E 228 -14.48 -6.34 25.61
N LEU E 229 -14.95 -5.12 25.37
CA LEU E 229 -16.39 -4.89 25.27
C LEU E 229 -16.97 -5.57 24.04
N PHE E 230 -16.14 -5.85 23.05
CA PHE E 230 -16.57 -6.58 21.86
C PHE E 230 -16.60 -8.09 22.08
N VAL E 231 -15.82 -8.60 23.03
CA VAL E 231 -15.83 -10.02 23.32
C VAL E 231 -16.88 -10.37 24.37
N LEU E 232 -17.02 -9.56 25.41
CA LEU E 232 -18.02 -9.83 26.43
C LEU E 232 -19.42 -9.87 25.82
N VAL E 233 -19.75 -8.91 24.94
CA VAL E 233 -21.05 -8.92 24.26
C VAL E 233 -21.12 -10.00 23.19
N ASP E 234 -20.07 -10.82 23.05
CA ASP E 234 -19.98 -11.96 22.15
C ASP E 234 -19.74 -11.54 20.70
N GLY E 235 -19.92 -10.26 20.39
CA GLY E 235 -19.24 -9.68 19.25
C GLY E 235 -19.67 -10.17 17.88
N TRP E 236 -19.34 -11.43 17.59
CA TRP E 236 -19.42 -11.93 16.22
C TRP E 236 -20.64 -12.79 15.97
N ALA E 237 -21.05 -13.59 16.95
CA ALA E 237 -22.38 -14.18 16.85
C ALA E 237 -23.41 -13.10 16.60
N LEU E 238 -23.29 -11.97 17.32
CA LEU E 238 -24.22 -10.86 17.13
C LEU E 238 -24.18 -10.33 15.70
N ILE E 239 -23.01 -9.88 15.26
CA ILE E 239 -22.93 -9.19 13.97
C ILE E 239 -23.28 -10.12 12.83
N VAL E 240 -22.79 -11.36 12.88
CA VAL E 240 -23.08 -12.30 11.80
C VAL E 240 -24.55 -12.70 11.82
N GLY E 241 -25.15 -12.78 13.01
CA GLY E 241 -26.58 -13.01 13.07
C GLY E 241 -27.38 -11.85 12.51
N THR E 242 -26.92 -10.62 12.76
CA THR E 242 -27.60 -9.46 12.20
C THR E 242 -27.53 -9.48 10.69
N LEU E 243 -26.38 -9.81 10.12
CA LEU E 243 -26.29 -9.90 8.67
C LEU E 243 -27.22 -11.00 8.14
N ALA E 244 -27.13 -12.20 8.70
CA ALA E 244 -27.93 -13.32 8.22
C ALA E 244 -29.42 -13.12 8.44
N GLY E 245 -29.81 -12.30 9.41
CA GLY E 245 -31.22 -12.06 9.66
C GLY E 245 -31.75 -10.93 8.81
N SER E 246 -31.06 -9.79 8.81
CA SER E 246 -31.44 -8.68 7.95
C SER E 246 -31.49 -9.07 6.49
N PHE E 247 -30.72 -10.07 6.09
CA PHE E 247 -30.69 -10.41 4.67
C PHE E 247 -31.97 -11.11 4.24
N GLY E 248 -32.42 -12.09 5.02
CA GLY E 248 -33.58 -12.88 4.66
C GLY E 248 -34.84 -12.43 5.38
N GLY E 249 -35.97 -12.97 4.92
CA GLY E 249 -37.24 -12.73 5.56
C GLY E 249 -37.56 -13.79 6.58
N VAL E 250 -37.50 -13.43 7.86
CA VAL E 250 -37.70 -14.38 8.94
C VAL E 250 -39.10 -14.24 9.52
N ILE F 10 2.44 -38.86 -26.69
CA ILE F 10 1.83 -39.14 -25.39
C ILE F 10 1.02 -40.43 -25.51
N GLN F 11 -0.27 -40.28 -25.82
CA GLN F 11 -1.22 -41.40 -25.91
C GLN F 11 -1.36 -42.15 -24.58
N ILE F 12 -0.97 -41.50 -23.48
CA ILE F 12 -1.03 -42.12 -22.16
C ILE F 12 -1.90 -41.33 -21.19
N SER F 13 -2.18 -40.04 -21.46
CA SER F 13 -2.92 -39.20 -20.54
C SER F 13 -4.41 -39.55 -20.57
N THR F 14 -4.72 -40.71 -19.98
CA THR F 14 -6.11 -41.11 -19.78
C THR F 14 -6.42 -41.37 -18.32
N TRP F 15 -5.51 -42.00 -17.58
CA TRP F 15 -5.74 -42.25 -16.16
C TRP F 15 -5.20 -41.14 -15.27
N VAL F 16 -4.23 -40.36 -15.75
CA VAL F 16 -3.67 -39.29 -14.95
C VAL F 16 -4.70 -38.17 -14.75
N ALA F 17 -5.58 -37.96 -15.73
CA ALA F 17 -6.62 -36.95 -15.65
C ALA F 17 -7.95 -37.53 -15.23
N SER F 18 -8.01 -38.82 -14.92
CA SER F 18 -9.27 -39.46 -14.55
C SER F 18 -9.85 -38.81 -13.30
N PHE F 19 -9.14 -38.90 -12.18
CA PHE F 19 -9.64 -38.33 -10.94
C PHE F 19 -9.78 -36.82 -11.05
N MET F 20 -8.65 -36.10 -11.10
CA MET F 20 -8.56 -34.66 -11.35
C MET F 20 -9.23 -33.82 -10.25
N LEU F 21 -9.98 -34.47 -9.37
CA LEU F 21 -10.73 -33.82 -8.29
C LEU F 21 -9.91 -33.59 -7.01
N PRO F 22 -9.26 -34.64 -6.47
CA PRO F 22 -8.48 -34.42 -5.25
C PRO F 22 -7.34 -33.46 -5.46
N MET F 23 -6.83 -33.38 -6.70
CA MET F 23 -5.87 -32.36 -7.04
C MET F 23 -6.42 -30.97 -6.74
N PHE F 24 -7.67 -30.71 -7.16
CA PHE F 24 -8.27 -29.42 -6.91
C PHE F 24 -8.46 -29.18 -5.42
N ARG F 25 -8.89 -30.21 -4.70
CA ARG F 25 -9.08 -30.05 -3.25
C ARG F 25 -7.78 -29.69 -2.55
N ILE F 26 -6.71 -30.43 -2.85
CA ILE F 26 -5.44 -30.20 -2.15
C ILE F 26 -4.80 -28.89 -2.60
N VAL F 27 -4.94 -28.55 -3.89
CA VAL F 27 -4.48 -27.24 -4.36
C VAL F 27 -5.18 -26.14 -3.58
N ALA F 28 -6.50 -26.23 -3.47
CA ALA F 28 -7.26 -25.21 -2.75
C ALA F 28 -6.79 -25.09 -1.30
N LEU F 29 -6.49 -26.23 -0.66
CA LEU F 29 -5.94 -26.15 0.69
C LEU F 29 -4.61 -25.43 0.69
N LEU F 30 -3.71 -25.80 -0.22
CA LEU F 30 -2.35 -25.26 -0.18
C LEU F 30 -2.32 -23.76 -0.50
N MET F 31 -3.24 -23.29 -1.35
CA MET F 31 -3.23 -21.87 -1.70
C MET F 31 -3.69 -21.01 -0.53
N THR F 32 -4.59 -21.53 0.29
CA THR F 32 -5.18 -20.75 1.39
C THR F 32 -4.59 -21.10 2.75
N MET F 33 -3.51 -21.86 2.79
CA MET F 33 -2.84 -22.16 4.03
C MET F 33 -1.90 -21.01 4.39
N PRO F 34 -1.61 -20.80 5.67
CA PRO F 34 -0.77 -19.66 6.05
C PRO F 34 0.71 -19.81 5.77
N VAL F 35 1.23 -21.04 5.68
CA VAL F 35 2.66 -21.21 5.50
C VAL F 35 2.98 -21.63 4.07
N ILE F 36 2.29 -22.67 3.57
CA ILE F 36 2.58 -23.14 2.23
C ILE F 36 2.15 -22.11 1.19
N GLY F 37 1.11 -21.35 1.49
CA GLY F 37 0.53 -20.47 0.50
C GLY F 37 0.57 -18.99 0.82
N THR F 38 1.70 -18.51 1.33
CA THR F 38 1.83 -17.12 1.75
C THR F 38 2.67 -16.27 0.78
N THR F 39 2.68 -16.65 -0.50
CA THR F 39 3.36 -15.96 -1.59
C THR F 39 4.87 -15.88 -1.44
N LEU F 40 5.45 -16.45 -0.37
CA LEU F 40 6.87 -16.69 -0.35
C LEU F 40 7.23 -17.95 -1.13
N VAL F 41 6.26 -18.85 -1.25
CA VAL F 41 6.38 -20.04 -2.10
C VAL F 41 5.82 -19.71 -3.47
N PRO F 42 6.58 -19.90 -4.55
CA PRO F 42 6.05 -19.61 -5.88
C PRO F 42 4.98 -20.60 -6.29
N ARG F 43 4.03 -20.13 -7.09
CA ARG F 43 2.84 -20.91 -7.41
C ARG F 43 3.19 -22.21 -8.14
N ARG F 44 4.29 -22.22 -8.89
CA ARG F 44 4.69 -23.45 -9.55
C ARG F 44 5.01 -24.54 -8.53
N VAL F 45 5.75 -24.18 -7.48
CA VAL F 45 6.09 -25.13 -6.43
C VAL F 45 4.84 -25.67 -5.79
N ARG F 46 3.89 -24.80 -5.45
CA ARG F 46 2.67 -25.23 -4.76
C ARG F 46 1.84 -26.15 -5.66
N LEU F 47 1.63 -25.75 -6.91
CA LEU F 47 0.81 -26.57 -7.80
C LEU F 47 1.42 -27.95 -8.01
N TYR F 48 2.72 -28.00 -8.29
CA TYR F 48 3.32 -29.32 -8.52
C TYR F 48 3.46 -30.12 -7.23
N LEU F 49 3.59 -29.43 -6.09
CA LEU F 49 3.56 -30.10 -4.80
C LEU F 49 2.22 -30.80 -4.59
N ALA F 50 1.13 -30.10 -4.87
CA ALA F 50 -0.18 -30.72 -4.77
C ALA F 50 -0.32 -31.87 -5.75
N PHE F 51 0.26 -31.74 -6.94
CA PHE F 51 0.24 -32.85 -7.88
C PHE F 51 0.94 -34.08 -7.31
N ALA F 52 2.08 -33.87 -6.65
CA ALA F 52 2.80 -34.99 -6.03
C ALA F 52 1.99 -35.60 -4.90
N ILE F 53 1.43 -34.77 -4.02
CA ILE F 53 0.61 -35.29 -2.94
C ILE F 53 -0.56 -36.09 -3.49
N THR F 54 -1.10 -35.67 -4.63
CA THR F 54 -2.26 -36.36 -5.18
C THR F 54 -1.89 -37.65 -5.89
N VAL F 55 -0.68 -37.75 -6.47
CA VAL F 55 -0.29 -39.05 -6.98
C VAL F 55 0.15 -39.98 -5.84
N VAL F 56 0.40 -39.44 -4.65
CA VAL F 56 0.56 -40.29 -3.48
C VAL F 56 -0.79 -40.82 -3.02
N VAL F 57 -1.71 -39.91 -2.72
CA VAL F 57 -2.96 -40.27 -2.05
C VAL F 57 -4.01 -40.80 -3.02
N ALA F 58 -3.78 -40.70 -4.33
CA ALA F 58 -4.79 -41.11 -5.29
C ALA F 58 -5.19 -42.58 -5.19
N PRO F 59 -4.29 -43.52 -4.86
CA PRO F 59 -4.75 -44.87 -4.54
C PRO F 59 -5.65 -44.88 -3.31
N ALA F 60 -6.56 -45.85 -3.29
CA ALA F 60 -7.48 -46.10 -2.17
C ALA F 60 -8.56 -45.03 -2.03
N LEU F 61 -8.95 -44.40 -3.15
CA LEU F 61 -10.03 -43.43 -3.16
C LEU F 61 -10.87 -43.63 -4.41
N PRO F 62 -12.18 -43.48 -4.32
CA PRO F 62 -13.04 -43.57 -5.51
C PRO F 62 -13.05 -42.26 -6.30
N ALA F 63 -13.63 -42.32 -7.50
CA ALA F 63 -13.41 -41.29 -8.51
C ALA F 63 -14.64 -40.47 -8.87
N MET F 64 -15.73 -41.12 -9.34
CA MET F 64 -16.90 -40.43 -9.88
C MET F 64 -16.54 -39.52 -11.06
N PRO F 65 -16.31 -40.10 -12.24
CA PRO F 65 -15.73 -39.33 -13.33
C PRO F 65 -16.65 -38.23 -13.81
N PRO F 66 -16.11 -37.07 -14.19
CA PRO F 66 -16.93 -35.97 -14.74
C PRO F 66 -17.05 -35.98 -16.25
N VAL F 67 -16.79 -37.13 -16.89
CA VAL F 67 -16.08 -37.16 -18.17
C VAL F 67 -16.55 -36.13 -19.20
N GLN F 68 -17.76 -36.31 -19.77
CA GLN F 68 -18.31 -35.34 -20.73
C GLN F 68 -19.82 -35.50 -20.71
N ALA F 69 -20.51 -34.61 -19.98
CA ALA F 69 -21.96 -34.57 -19.93
C ALA F 69 -22.37 -33.34 -19.12
N LEU F 70 -23.46 -32.66 -19.50
CA LEU F 70 -23.70 -31.32 -18.96
C LEU F 70 -22.52 -30.43 -19.31
N ASP F 71 -22.62 -29.70 -20.43
CA ASP F 71 -21.50 -29.04 -21.12
C ASP F 71 -20.27 -28.84 -20.25
N LEU F 72 -20.42 -28.45 -18.98
CA LEU F 72 -19.38 -28.68 -17.97
C LEU F 72 -20.05 -28.87 -16.61
N SER F 73 -19.99 -30.11 -16.08
CA SER F 73 -20.55 -30.47 -14.77
C SER F 73 -19.47 -30.77 -13.74
N GLY F 74 -18.37 -31.37 -14.19
CA GLY F 74 -17.19 -31.49 -13.38
C GLY F 74 -16.82 -30.13 -12.81
N LEU F 75 -17.30 -29.06 -13.44
CA LEU F 75 -17.07 -27.72 -12.91
C LEU F 75 -17.87 -27.48 -11.63
N LEU F 76 -19.12 -27.95 -11.60
CA LEU F 76 -19.87 -27.93 -10.34
C LEU F 76 -19.12 -28.72 -9.28
N LEU F 77 -18.63 -29.91 -9.64
CA LEU F 77 -17.96 -30.76 -8.64
C LEU F 77 -16.65 -30.14 -8.17
N ILE F 78 -15.91 -29.51 -9.08
CA ILE F 78 -14.68 -28.81 -8.73
C ILE F 78 -14.98 -27.63 -7.81
N GLY F 79 -16.07 -26.91 -8.06
CA GLY F 79 -16.47 -25.86 -7.15
C GLY F 79 -16.71 -26.39 -5.74
N GLU F 80 -17.43 -27.51 -5.66
CA GLU F 80 -17.65 -28.16 -4.36
C GLU F 80 -16.33 -28.41 -3.63
N GLN F 81 -15.38 -29.04 -4.32
CA GLN F 81 -14.14 -29.43 -3.65
C GLN F 81 -13.28 -28.21 -3.31
N ILE F 82 -13.25 -27.21 -4.20
CA ILE F 82 -12.51 -25.99 -3.89
C ILE F 82 -13.09 -25.34 -2.65
N ILE F 83 -14.41 -25.37 -2.50
CA ILE F 83 -15.04 -24.81 -1.31
C ILE F 83 -14.56 -25.56 -0.07
N ILE F 84 -14.56 -26.89 -0.13
CA ILE F 84 -14.16 -27.66 1.05
C ILE F 84 -12.71 -27.37 1.42
N GLY F 85 -11.82 -27.35 0.42
CA GLY F 85 -10.41 -27.13 0.70
C GLY F 85 -10.12 -25.74 1.22
N ALA F 86 -10.73 -24.73 0.60
CA ALA F 86 -10.57 -23.37 1.09
C ALA F 86 -11.12 -23.22 2.49
N GLY F 87 -12.19 -23.96 2.81
CA GLY F 87 -12.69 -23.95 4.18
C GLY F 87 -11.65 -24.47 5.16
N MET F 88 -11.02 -25.59 4.82
CA MET F 88 -9.92 -26.10 5.65
C MET F 88 -8.85 -25.04 5.84
N GLY F 89 -8.40 -24.44 4.74
CA GLY F 89 -7.32 -23.47 4.81
C GLY F 89 -7.66 -22.28 5.68
N LEU F 90 -8.84 -21.71 5.48
CA LEU F 90 -9.26 -20.57 6.30
C LEU F 90 -9.42 -20.96 7.76
N SER F 91 -9.94 -22.16 8.01
CA SER F 91 -10.14 -22.61 9.38
C SER F 91 -8.84 -22.68 10.14
N LEU F 92 -7.76 -23.08 9.48
CA LEU F 92 -6.48 -23.07 10.18
C LEU F 92 -5.66 -21.81 9.90
N GLN F 93 -6.19 -20.87 9.11
CA GLN F 93 -5.56 -19.57 8.95
C GLN F 93 -5.94 -18.61 10.08
N MET F 94 -7.21 -18.65 10.48
CA MET F 94 -7.61 -17.85 11.63
C MET F 94 -6.80 -18.25 12.88
N PHE F 95 -6.31 -19.48 12.91
CA PHE F 95 -5.42 -19.92 13.97
C PHE F 95 -4.19 -19.02 14.08
N PHE F 96 -3.47 -18.85 12.97
CA PHE F 96 -2.32 -17.94 12.98
C PHE F 96 -2.73 -16.50 13.22
N HIS F 97 -3.92 -16.12 12.74
CA HIS F 97 -4.33 -14.75 12.97
C HIS F 97 -4.62 -14.46 14.44
N ILE F 98 -4.85 -15.50 15.25
CA ILE F 98 -4.87 -15.30 16.71
C ILE F 98 -3.62 -14.54 17.15
N PHE F 99 -2.45 -15.10 16.84
CA PHE F 99 -1.20 -14.49 17.28
C PHE F 99 -0.89 -13.21 16.52
N VAL F 100 -1.30 -13.13 15.26
CA VAL F 100 -1.17 -11.86 14.55
C VAL F 100 -1.88 -10.75 15.31
N ILE F 101 -3.12 -11.00 15.73
CA ILE F 101 -3.91 -9.99 16.43
C ILE F 101 -3.32 -9.69 17.79
N ALA F 102 -2.82 -10.71 18.48
CA ALA F 102 -2.18 -10.48 19.78
C ALA F 102 -0.99 -9.54 19.63
N GLY F 103 -0.06 -9.88 18.72
CA GLY F 103 1.08 -9.03 18.48
C GLY F 103 0.69 -7.62 18.10
N GLN F 104 -0.35 -7.47 17.28
CA GLN F 104 -0.70 -6.13 16.84
C GLN F 104 -1.38 -5.31 17.92
N ILE F 105 -2.16 -5.93 18.80
CA ILE F 105 -2.66 -5.18 19.94
C ILE F 105 -1.50 -4.66 20.77
N ILE F 106 -0.48 -5.50 20.99
CA ILE F 106 0.67 -5.02 21.75
C ILE F 106 1.37 -3.88 21.00
N SER F 107 1.53 -4.02 19.69
CA SER F 107 2.25 -3.01 18.92
C SER F 107 1.53 -1.67 18.96
N THR F 108 0.22 -1.68 18.74
CA THR F 108 -0.58 -0.47 18.84
C THR F 108 -0.46 0.16 20.21
N GLN F 109 -0.61 -0.63 21.27
CA GLN F 109 -0.53 -0.06 22.61
C GLN F 109 0.84 0.51 22.91
N MET F 110 1.90 -0.04 22.31
CA MET F 110 3.22 0.57 22.48
C MET F 110 3.26 1.96 21.86
N GLY F 111 2.51 2.17 20.78
CA GLY F 111 2.46 3.46 20.13
C GLY F 111 2.91 3.42 18.69
N MET F 112 2.86 2.23 18.07
CA MET F 112 3.26 2.07 16.68
C MET F 112 2.07 2.06 15.74
N GLY F 113 0.98 2.73 16.11
CA GLY F 113 -0.21 2.71 15.28
C GLY F 113 -0.82 4.08 15.06
N PHE F 114 0.02 5.12 14.99
CA PHE F 114 -0.48 6.45 14.66
C PHE F 114 -0.74 6.62 13.18
N ALA F 115 -0.71 5.54 12.43
CA ALA F 115 -1.13 5.51 11.04
C ALA F 115 -2.60 5.23 10.88
N SER F 116 -3.33 5.06 11.98
CA SER F 116 -4.74 4.70 11.89
C SER F 116 -5.57 5.86 11.36
N MET F 117 -5.61 6.97 12.08
CA MET F 117 -6.60 8.00 11.83
C MET F 117 -6.18 8.94 10.70
N VAL F 118 -5.62 8.39 9.63
CA VAL F 118 -5.45 9.17 8.40
C VAL F 118 -5.89 8.36 7.18
N ASP F 119 -5.24 7.23 6.98
CA ASP F 119 -5.10 6.41 5.80
C ASP F 119 -4.61 7.14 4.53
N PRO F 120 -3.83 8.25 4.62
CA PRO F 120 -2.54 8.30 3.91
C PRO F 120 -1.41 8.00 4.86
N THR F 121 -0.69 6.88 4.70
CA THR F 121 0.31 6.57 5.70
C THR F 121 1.06 5.31 5.34
N ASN F 122 2.08 5.01 6.15
CA ASN F 122 2.70 3.70 6.12
C ASN F 122 1.69 2.60 6.41
N GLY F 123 0.80 2.85 7.36
CA GLY F 123 -0.08 1.84 7.89
C GLY F 123 0.33 1.44 9.30
N VAL F 124 -0.60 0.79 9.99
CA VAL F 124 -0.28 0.28 11.32
C VAL F 124 0.81 -0.76 11.10
N SER F 125 2.04 -0.42 11.47
CA SER F 125 3.19 -1.21 11.08
C SER F 125 3.09 -2.62 11.63
N SER F 126 2.83 -3.58 10.75
CA SER F 126 2.73 -4.98 11.12
C SER F 126 3.99 -5.77 10.83
N ALA F 127 4.78 -5.35 9.85
CA ALA F 127 6.07 -5.98 9.61
C ALA F 127 6.93 -5.96 10.87
N VAL F 128 6.70 -5.00 11.76
CA VAL F 128 7.56 -4.84 12.92
C VAL F 128 7.22 -5.86 14.01
N ILE F 129 5.93 -6.12 14.24
CA ILE F 129 5.49 -7.04 15.29
C ILE F 129 4.63 -8.16 14.73
N GLY F 130 3.71 -7.86 13.82
CA GLY F 130 2.87 -8.90 13.26
C GLY F 130 3.69 -9.96 12.55
N GLN F 131 4.66 -9.54 11.74
CA GLN F 131 5.57 -10.49 11.10
C GLN F 131 6.38 -11.25 12.14
N PHE F 132 6.75 -10.59 13.23
CA PHE F 132 7.48 -11.20 14.32
C PHE F 132 6.72 -12.40 14.89
N PHE F 133 5.49 -12.18 15.35
CA PHE F 133 4.70 -13.25 15.93
C PHE F 133 4.31 -14.28 14.88
N THR F 134 4.09 -13.85 13.64
CA THR F 134 3.82 -14.81 12.57
C THR F 134 5.00 -15.73 12.34
N MET F 135 6.23 -15.22 12.48
CA MET F 135 7.39 -16.09 12.36
C MET F 135 7.48 -17.05 13.53
N LEU F 136 7.31 -16.54 14.75
CA LEU F 136 7.15 -17.40 15.91
C LEU F 136 6.26 -18.58 15.61
N VAL F 137 5.03 -18.28 15.19
CA VAL F 137 4.01 -19.31 15.08
C VAL F 137 4.31 -20.23 13.91
N THR F 138 4.85 -19.69 12.82
CA THR F 138 5.20 -20.55 11.70
C THR F 138 6.24 -21.58 12.13
N LEU F 139 7.27 -21.12 12.84
CA LEU F 139 8.30 -22.04 13.33
C LEU F 139 7.68 -23.09 14.26
N LEU F 140 7.03 -22.65 15.33
CA LEU F 140 6.46 -23.59 16.29
C LEU F 140 5.52 -24.57 15.62
N PHE F 141 4.61 -24.07 14.78
CA PHE F 141 3.69 -24.91 14.02
C PHE F 141 4.43 -25.94 13.18
N LEU F 142 5.51 -25.53 12.53
CA LEU F 142 6.24 -26.46 11.68
C LEU F 142 6.93 -27.54 12.50
N PHE F 143 7.37 -27.21 13.70
CA PHE F 143 8.13 -28.20 14.49
C PHE F 143 7.19 -29.17 15.19
N MET F 144 6.03 -28.69 15.65
CA MET F 144 4.99 -29.63 16.02
C MET F 144 4.61 -30.49 14.82
N ASN F 145 3.88 -31.57 15.09
CA ASN F 145 3.33 -32.35 14.00
C ASN F 145 2.31 -31.57 13.17
N GLY F 146 2.05 -30.30 13.53
CA GLY F 146 1.01 -29.50 12.92
C GLY F 146 0.97 -29.51 11.41
N HIS F 147 2.02 -28.96 10.79
CA HIS F 147 2.10 -28.94 9.33
C HIS F 147 1.81 -30.31 8.73
N LEU F 148 2.11 -31.37 9.46
CA LEU F 148 1.85 -32.72 8.98
C LEU F 148 0.41 -33.15 9.25
N VAL F 149 -0.11 -32.93 10.46
CA VAL F 149 -1.40 -33.50 10.82
C VAL F 149 -2.49 -33.02 9.87
N VAL F 150 -2.41 -31.76 9.44
CA VAL F 150 -3.37 -31.21 8.48
C VAL F 150 -3.49 -32.13 7.28
N LEU F 151 -2.36 -32.52 6.71
CA LEU F 151 -2.38 -33.45 5.59
C LEU F 151 -3.11 -34.73 5.95
N GLU F 152 -2.73 -35.35 7.08
CA GLU F 152 -3.47 -36.51 7.56
C GLU F 152 -4.95 -36.21 7.60
N VAL F 153 -5.31 -35.07 8.18
CA VAL F 153 -6.71 -34.65 8.24
C VAL F 153 -7.32 -34.70 6.85
N LEU F 154 -6.68 -34.04 5.89
CA LEU F 154 -7.23 -34.01 4.54
C LEU F 154 -7.44 -35.41 3.98
N VAL F 155 -6.54 -36.34 4.31
CA VAL F 155 -6.72 -37.71 3.83
C VAL F 155 -8.05 -38.26 4.32
N GLU F 156 -8.30 -38.15 5.63
CA GLU F 156 -9.57 -38.62 6.16
C GLU F 156 -10.74 -37.88 5.54
N SER F 157 -10.51 -36.67 5.02
CA SER F 157 -11.55 -35.96 4.30
C SER F 157 -12.13 -36.82 3.18
N PHE F 158 -11.27 -37.43 2.37
CA PHE F 158 -11.77 -38.21 1.25
C PHE F 158 -12.51 -39.46 1.69
N THR F 159 -12.63 -39.72 3.00
CA THR F 159 -13.43 -40.82 3.48
C THR F 159 -14.65 -40.38 4.28
N THR F 160 -14.81 -39.08 4.53
CA THR F 160 -15.99 -38.60 5.22
C THR F 160 -16.96 -37.91 4.28
N MET F 161 -16.47 -37.17 3.30
CA MET F 161 -17.29 -36.44 2.33
C MET F 161 -16.67 -36.56 0.95
N PRO F 162 -16.50 -37.78 0.45
CA PRO F 162 -15.50 -37.99 -0.61
C PRO F 162 -15.76 -37.24 -1.91
N VAL F 163 -16.73 -37.68 -2.71
CA VAL F 163 -16.92 -37.22 -4.08
C VAL F 163 -18.30 -37.69 -4.52
N GLY F 164 -18.88 -36.97 -5.49
CA GLY F 164 -20.13 -37.41 -6.09
C GLY F 164 -21.18 -36.33 -5.97
N GLY F 165 -22.25 -36.61 -5.23
CA GLY F 165 -23.01 -35.50 -4.67
C GLY F 165 -22.14 -34.63 -3.80
N GLY F 166 -21.08 -35.20 -3.24
CA GLY F 166 -20.11 -34.47 -2.47
C GLY F 166 -20.59 -34.18 -1.07
N LEU F 167 -21.91 -33.99 -0.92
CA LEU F 167 -22.52 -33.62 0.35
C LEU F 167 -21.75 -32.47 0.99
N LEU F 168 -21.76 -31.32 0.29
CA LEU F 168 -20.73 -30.32 0.49
C LEU F 168 -20.65 -29.90 1.95
N VAL F 169 -21.51 -28.98 2.37
CA VAL F 169 -22.14 -28.90 3.68
C VAL F 169 -22.85 -27.55 3.69
N ASN F 170 -23.81 -27.35 4.59
CA ASN F 170 -24.23 -26.00 4.92
C ASN F 170 -23.80 -25.58 6.32
N ASN F 171 -22.61 -26.00 6.75
CA ASN F 171 -22.15 -25.69 8.10
C ASN F 171 -21.30 -24.43 8.19
N PHE F 172 -21.08 -23.73 7.07
CA PHE F 172 -20.11 -22.63 6.98
C PHE F 172 -20.17 -21.70 8.18
N TRP F 173 -21.38 -21.51 8.70
CA TRP F 173 -21.67 -20.69 9.88
C TRP F 173 -20.60 -20.85 10.95
N GLU F 174 -20.22 -22.09 11.25
CA GLU F 174 -19.19 -22.36 12.25
C GLU F 174 -17.96 -21.51 12.00
N LEU F 175 -17.29 -21.71 10.87
CA LEU F 175 -16.09 -20.94 10.59
C LEU F 175 -16.42 -19.50 10.25
N ALA F 176 -17.67 -19.19 9.92
CA ALA F 176 -18.06 -17.79 9.77
C ALA F 176 -18.15 -17.13 11.14
N ASN F 177 -18.49 -17.90 12.17
CA ASN F 177 -18.31 -17.44 13.54
C ASN F 177 -16.89 -17.52 13.97
N GLY F 178 -16.00 -17.91 13.07
CA GLY F 178 -14.64 -18.24 13.46
C GLY F 178 -13.94 -17.09 14.14
N LEU F 179 -13.68 -16.02 13.39
CA LEU F 179 -12.83 -14.94 13.85
C LEU F 179 -13.13 -14.54 15.29
N GLY F 180 -14.39 -14.66 15.72
CA GLY F 180 -14.76 -14.38 17.10
C GLY F 180 -13.80 -14.98 18.10
N TRP F 181 -13.73 -16.32 18.18
CA TRP F 181 -12.84 -16.91 19.18
C TRP F 181 -11.39 -16.51 18.92
N ALA F 182 -11.03 -16.31 17.65
CA ALA F 182 -9.71 -15.79 17.34
C ALA F 182 -9.43 -14.54 18.16
N LEU F 183 -10.27 -13.51 17.99
CA LEU F 183 -10.17 -12.33 18.82
C LEU F 183 -10.08 -12.73 20.29
N SER F 184 -11.05 -13.54 20.74
CA SER F 184 -11.04 -14.01 22.12
C SER F 184 -9.69 -14.61 22.47
N SER F 185 -9.26 -15.60 21.68
CA SER F 185 -7.98 -16.25 21.98
C SER F 185 -6.86 -15.23 22.03
N GLY F 186 -6.84 -14.30 21.07
CA GLY F 186 -5.81 -13.29 21.05
C GLY F 186 -5.69 -12.58 22.38
N LEU F 187 -6.84 -12.17 22.93
CA LEU F 187 -6.83 -11.50 24.23
C LEU F 187 -6.13 -12.34 25.28
N ARG F 188 -6.53 -13.61 25.40
CA ARG F 188 -5.97 -14.44 26.46
C ARG F 188 -4.48 -14.67 26.28
N LEU F 189 -3.91 -14.30 25.13
CA LEU F 189 -2.46 -14.41 24.99
C LEU F 189 -1.76 -13.19 25.54
N VAL F 190 -2.35 -12.00 25.37
CA VAL F 190 -1.67 -10.76 25.70
C VAL F 190 -2.30 -10.04 26.88
N LEU F 191 -3.32 -10.63 27.50
CA LEU F 191 -3.91 -10.01 28.70
C LEU F 191 -2.89 -9.67 29.77
N PRO F 192 -1.91 -10.52 30.11
CA PRO F 192 -0.91 -10.08 31.08
C PRO F 192 -0.02 -8.97 30.55
N ALA F 193 0.13 -8.86 29.23
CA ALA F 193 0.92 -7.77 28.67
C ALA F 193 0.09 -6.50 28.55
N ILE F 194 -1.06 -6.60 27.88
CA ILE F 194 -1.93 -5.45 27.63
C ILE F 194 -2.12 -4.64 28.92
N THR F 195 -2.63 -5.30 29.96
CA THR F 195 -2.90 -4.62 31.22
C THR F 195 -1.67 -3.84 31.68
N ALA F 196 -0.51 -4.51 31.69
CA ALA F 196 0.73 -3.84 32.06
C ALA F 196 0.88 -2.53 31.29
N LEU F 197 0.84 -2.62 29.96
CA LEU F 197 0.96 -1.41 29.14
C LEU F 197 -0.05 -0.36 29.58
N LEU F 198 -1.31 -0.76 29.74
CA LEU F 198 -2.33 0.18 30.20
C LEU F 198 -1.86 0.90 31.44
N ILE F 199 -1.48 0.14 32.47
CA ILE F 199 -1.01 0.74 33.71
C ILE F 199 0.07 1.77 33.42
N ILE F 200 1.08 1.37 32.63
CA ILE F 200 2.18 2.28 32.30
C ILE F 200 1.61 3.58 31.77
N ASN F 201 0.78 3.51 30.73
CA ASN F 201 0.14 4.69 30.20
C ASN F 201 -0.48 5.51 31.32
N ILE F 202 -1.40 4.89 32.07
CA ILE F 202 -2.06 5.60 33.16
C ILE F 202 -1.03 6.08 34.16
N ALA F 203 -0.05 5.24 34.47
CA ALA F 203 1.04 5.65 35.35
C ALA F 203 1.66 6.94 34.85
N PHE F 204 2.07 6.94 33.58
CA PHE F 204 2.64 8.15 33.01
C PHE F 204 1.64 9.28 33.06
N GLY F 205 0.36 8.99 32.78
CA GLY F 205 -0.66 10.01 32.91
C GLY F 205 -0.64 10.73 34.24
N VAL F 206 -0.43 10.00 35.33
CA VAL F 206 -0.40 10.63 36.65
C VAL F 206 0.70 11.67 36.70
N MET F 207 1.88 11.33 36.16
CA MET F 207 2.95 12.31 36.05
C MET F 207 2.44 13.58 35.39
N THR F 208 1.81 13.44 34.22
CA THR F 208 1.28 14.60 33.52
C THR F 208 0.26 15.32 34.36
N ARG F 209 -0.55 14.59 35.14
CA ARG F 209 -1.49 15.25 36.03
C ARG F 209 -0.78 15.90 37.20
N ALA F 210 0.28 15.25 37.71
CA ALA F 210 0.97 15.79 38.87
C ALA F 210 1.80 17.00 38.49
N ALA F 211 2.68 16.84 37.50
CA ALA F 211 3.47 17.95 36.99
C ALA F 211 2.94 18.34 35.61
N PRO F 212 2.44 19.57 35.44
CA PRO F 212 1.97 19.99 34.12
C PRO F 212 3.11 20.15 33.14
N GLN F 213 2.81 20.66 31.94
CA GLN F 213 3.79 20.86 30.86
C GLN F 213 4.73 19.67 30.70
N LEU F 214 4.23 18.48 31.02
CA LEU F 214 4.90 17.24 30.63
C LEU F 214 4.33 16.88 29.27
N ASN F 215 5.01 17.30 28.22
CA ASN F 215 4.59 16.92 26.88
C ASN F 215 4.92 15.45 26.67
N ILE F 216 3.91 14.63 26.37
CA ILE F 216 4.16 13.20 26.37
C ILE F 216 4.09 12.61 24.96
N PHE F 217 4.24 13.47 23.96
CA PHE F 217 4.91 13.01 22.75
C PHE F 217 6.41 13.05 22.96
N SER F 218 6.86 13.80 23.96
CA SER F 218 8.28 13.90 24.25
C SER F 218 8.73 12.80 25.20
N ILE F 219 7.94 12.52 26.24
CA ILE F 219 8.40 11.67 27.33
C ILE F 219 7.52 10.42 27.46
N GLY F 220 6.26 10.54 27.06
CA GLY F 220 5.36 9.41 27.22
C GLY F 220 5.73 8.23 26.35
N PHE F 221 5.97 8.49 25.08
CA PHE F 221 6.17 7.41 24.13
C PHE F 221 7.56 6.77 24.18
N PRO F 222 8.64 7.52 24.39
CA PRO F 222 9.92 6.84 24.65
C PRO F 222 9.84 5.87 25.83
N LEU F 223 9.22 6.31 26.92
CA LEU F 223 9.05 5.43 28.08
C LEU F 223 8.19 4.22 27.72
N THR F 224 7.06 4.46 27.06
CA THR F 224 6.17 3.36 26.71
C THR F 224 6.85 2.36 25.80
N LEU F 225 7.72 2.81 24.90
CA LEU F 225 8.40 1.87 24.01
C LEU F 225 9.52 1.11 24.73
N VAL F 226 10.30 1.81 25.55
CA VAL F 226 11.32 1.14 26.35
C VAL F 226 10.70 0.03 27.18
N LEU F 227 9.55 0.32 27.82
CA LEU F 227 8.92 -0.69 28.65
C LEU F 227 8.14 -1.71 27.84
N GLY F 228 7.66 -1.35 26.64
CA GLY F 228 6.95 -2.30 25.82
C GLY F 228 7.83 -3.36 25.22
N MET F 229 9.07 -3.01 24.88
CA MET F 229 10.00 -4.04 24.44
C MET F 229 10.28 -5.05 25.56
N VAL F 230 10.50 -4.53 26.78
CA VAL F 230 10.71 -5.41 27.93
C VAL F 230 9.51 -6.31 28.15
N ILE F 231 8.31 -5.75 28.03
CA ILE F 231 7.10 -6.54 28.27
C ILE F 231 6.93 -7.60 27.18
N LEU F 232 7.26 -7.28 25.94
CA LEU F 232 7.29 -8.29 24.89
C LEU F 232 8.23 -9.41 25.24
N TRP F 233 9.46 -9.06 25.65
CA TRP F 233 10.44 -10.09 25.98
C TRP F 233 9.95 -10.96 27.15
N MET F 234 9.24 -10.36 28.11
CA MET F 234 8.76 -11.13 29.25
C MET F 234 7.65 -12.08 28.82
N SER F 235 6.70 -11.62 28.01
CA SER F 235 5.62 -12.50 27.58
C SER F 235 6.11 -13.60 26.63
N MET F 236 7.21 -13.35 25.94
CA MET F 236 7.75 -14.38 25.05
C MET F 236 8.22 -15.61 25.84
N GLY F 237 8.45 -15.47 27.14
CA GLY F 237 8.74 -16.65 27.94
C GLY F 237 7.56 -17.59 28.01
N ASP F 238 6.38 -17.07 28.36
CA ASP F 238 5.20 -17.91 28.50
C ASP F 238 4.60 -18.31 27.16
N ILE F 239 4.98 -17.63 26.07
CA ILE F 239 4.33 -17.83 24.77
C ILE F 239 4.14 -19.30 24.40
N LEU F 240 5.06 -20.18 24.83
CA LEU F 240 4.98 -21.57 24.39
C LEU F 240 3.90 -22.33 25.15
N ASN F 241 3.89 -22.19 26.48
CA ASN F 241 2.86 -22.85 27.27
C ASN F 241 1.49 -22.25 27.00
N GLN F 242 1.44 -20.99 26.57
CA GLN F 242 0.17 -20.43 26.14
C GLN F 242 -0.23 -20.93 24.76
N TYR F 243 0.76 -21.24 23.91
CA TYR F 243 0.46 -21.69 22.56
C TYR F 243 -0.06 -23.11 22.55
N GLN F 244 0.51 -23.97 23.39
CA GLN F 244 0.23 -25.41 23.27
C GLN F 244 -1.25 -25.78 23.23
N PRO F 245 -2.14 -25.26 24.10
CA PRO F 245 -3.55 -25.64 23.96
C PRO F 245 -4.23 -25.08 22.72
N ILE F 246 -3.80 -23.92 22.24
CA ILE F 246 -4.47 -23.28 21.11
C ILE F 246 -4.31 -24.12 19.85
N ALA F 247 -3.09 -24.61 19.59
CA ALA F 247 -2.90 -25.47 18.44
C ALA F 247 -3.73 -26.73 18.53
N SER F 248 -3.83 -27.32 19.73
CA SER F 248 -4.67 -28.49 19.91
C SER F 248 -6.11 -28.20 19.54
N GLN F 249 -6.64 -27.08 20.04
CA GLN F 249 -8.03 -26.74 19.76
C GLN F 249 -8.25 -26.48 18.27
N ALA F 250 -7.29 -25.83 17.60
CA ALA F 250 -7.47 -25.54 16.19
C ALA F 250 -7.41 -26.81 15.35
N LEU F 251 -6.49 -27.72 15.68
CA LEU F 251 -6.42 -28.96 14.93
C LEU F 251 -7.63 -29.84 15.19
N GLN F 252 -8.20 -29.81 16.40
CA GLN F 252 -9.45 -30.51 16.62
C GLN F 252 -10.60 -29.85 15.87
N SER F 253 -10.56 -28.53 15.72
CA SER F 253 -11.57 -27.85 14.91
C SER F 253 -11.52 -28.34 13.47
N LEU F 254 -10.32 -28.47 12.91
CA LEU F 254 -10.22 -29.07 11.58
C LEU F 254 -10.74 -30.51 11.58
N ARG F 255 -10.34 -31.28 12.59
CA ARG F 255 -10.75 -32.68 12.68
C ARG F 255 -12.26 -32.83 12.63
N ASP F 256 -12.97 -32.01 13.39
CA ASP F 256 -14.43 -32.15 13.39
C ASP F 256 -15.06 -31.46 12.18
N MET F 257 -14.40 -30.46 11.62
CA MET F 257 -14.93 -29.82 10.42
C MET F 257 -15.01 -30.81 9.26
N VAL F 258 -13.99 -31.64 9.10
CA VAL F 258 -14.04 -32.58 7.98
C VAL F 258 -14.62 -33.93 8.40
N ARG F 259 -14.22 -34.45 9.56
CA ARG F 259 -14.65 -35.79 9.97
C ARG F 259 -16.16 -35.85 10.17
N ALA F 260 -16.75 -34.80 10.74
CA ALA F 260 -18.19 -34.76 10.85
C ALA F 260 -18.82 -34.54 9.47
N ARG F 261 -20.04 -35.03 9.33
CA ARG F 261 -20.83 -34.87 8.10
C ARG F 261 -20.12 -35.46 6.90
N MET G 1 14.82 -28.77 14.96
CA MET G 1 14.68 -27.50 15.68
C MET G 1 13.45 -27.53 16.59
N THR G 2 13.67 -27.34 17.88
CA THR G 2 12.63 -27.43 18.89
C THR G 2 12.02 -26.07 19.16
N PRO G 3 10.76 -26.04 19.58
CA PRO G 3 10.16 -24.78 20.00
C PRO G 3 10.98 -24.07 21.07
N GLU G 4 11.66 -24.86 21.90
CA GLU G 4 12.65 -24.33 22.83
C GLU G 4 13.73 -23.52 22.13
N VAL G 5 14.20 -24.01 20.98
CA VAL G 5 15.22 -23.28 20.21
C VAL G 5 14.62 -22.00 19.63
N ALA G 6 13.38 -22.05 19.15
CA ALA G 6 12.75 -20.84 18.64
C ALA G 6 12.63 -19.80 19.73
N VAL G 7 12.32 -20.23 20.95
CA VAL G 7 12.25 -19.29 22.07
C VAL G 7 13.64 -18.75 22.41
N ASP G 8 14.66 -19.60 22.34
CA ASP G 8 16.03 -19.10 22.48
C ASP G 8 16.30 -17.97 21.50
N LEU G 9 16.02 -18.20 20.22
CA LEU G 9 16.32 -17.21 19.20
C LEU G 9 15.55 -15.92 19.44
N PHE G 10 14.27 -16.02 19.77
CA PHE G 10 13.52 -14.80 19.97
C PHE G 10 13.89 -14.09 21.26
N ARG G 11 14.44 -14.82 22.23
CA ARG G 11 14.97 -14.13 23.40
C ARG G 11 16.24 -13.36 23.04
N GLU G 12 17.12 -13.96 22.22
CA GLU G 12 18.23 -13.18 21.68
C GLU G 12 17.73 -11.91 21.01
N ALA G 13 16.80 -12.07 20.07
CA ALA G 13 16.35 -10.94 19.28
C ALA G 13 15.74 -9.85 20.14
N LEU G 14 14.84 -10.24 21.05
CA LEU G 14 14.12 -9.24 21.83
C LEU G 14 15.02 -8.58 22.86
N TRP G 15 15.96 -9.31 23.46
CA TRP G 15 16.86 -8.65 24.39
C TRP G 15 17.79 -7.69 23.65
N LEU G 16 18.28 -8.09 22.48
CA LEU G 16 19.10 -7.18 21.70
C LEU G 16 18.31 -5.93 21.31
N THR G 17 17.05 -6.12 20.91
CA THR G 17 16.23 -4.98 20.51
C THR G 17 15.99 -4.04 21.68
N THR G 18 15.64 -4.57 22.86
CA THR G 18 15.37 -3.69 23.97
C THR G 18 16.63 -2.99 24.46
N VAL G 19 17.79 -3.66 24.42
CA VAL G 19 18.99 -2.97 24.86
C VAL G 19 19.42 -1.93 23.84
N LEU G 20 19.26 -2.19 22.54
CA LEU G 20 19.55 -1.17 21.54
C LEU G 20 18.64 0.03 21.71
N VAL G 21 17.34 -0.21 21.91
CA VAL G 21 16.41 0.89 22.04
C VAL G 21 16.69 1.71 23.28
N ALA G 22 16.99 1.04 24.41
CA ALA G 22 17.36 1.78 25.61
C ALA G 22 18.61 2.62 25.36
N ILE G 23 19.66 2.00 24.83
CA ILE G 23 20.92 2.71 24.59
C ILE G 23 20.69 3.94 23.71
N LEU G 24 19.83 3.81 22.70
CA LEU G 24 19.63 4.92 21.78
C LEU G 24 18.71 5.99 22.35
N VAL G 25 17.75 5.62 23.19
CA VAL G 25 16.64 6.49 23.51
C VAL G 25 16.82 7.16 24.87
N VAL G 26 17.32 6.46 25.87
CA VAL G 26 17.34 6.97 27.25
C VAL G 26 18.00 8.35 27.38
N PRO G 27 19.08 8.68 26.66
CA PRO G 27 19.57 10.06 26.74
C PRO G 27 18.58 11.08 26.20
N SER G 28 17.88 10.75 25.11
CA SER G 28 16.86 11.66 24.62
C SER G 28 15.72 11.81 25.63
N LEU G 29 15.32 10.71 26.26
CA LEU G 29 14.30 10.79 27.30
C LEU G 29 14.77 11.67 28.46
N LEU G 30 16.06 11.58 28.80
CA LEU G 30 16.57 12.37 29.92
C LEU G 30 16.62 13.84 29.57
N CYS G 31 16.99 14.17 28.34
CA CYS G 31 16.96 15.57 27.92
C CYS G 31 15.53 16.08 27.83
N GLY G 32 14.58 15.21 27.51
CA GLY G 32 13.19 15.59 27.59
C GLY G 32 12.75 15.87 29.02
N LEU G 33 13.19 15.05 29.96
CA LEU G 33 12.91 15.33 31.37
C LEU G 33 13.57 16.62 31.82
N LEU G 34 14.71 16.98 31.24
CA LEU G 34 15.39 18.20 31.64
C LEU G 34 14.72 19.44 31.04
N VAL G 35 14.26 19.36 29.80
CA VAL G 35 13.45 20.48 29.30
C VAL G 35 12.12 20.53 30.04
N ALA G 36 11.67 19.40 30.60
CA ALA G 36 10.50 19.43 31.47
C ALA G 36 10.80 20.17 32.77
N MET G 37 11.97 19.91 33.36
CA MET G 37 12.50 20.79 34.39
C MET G 37 12.37 22.25 33.99
N PHE G 38 12.97 22.62 32.85
CA PHE G 38 13.01 24.02 32.47
C PHE G 38 11.62 24.61 32.33
N GLN G 39 10.70 23.89 31.68
CA GLN G 39 9.33 24.35 31.53
C GLN G 39 8.54 24.31 32.84
N ALA G 40 9.03 23.61 33.85
CA ALA G 40 8.36 23.60 35.14
C ALA G 40 8.86 24.69 36.08
N ALA G 41 10.11 25.13 35.91
CA ALA G 41 10.61 26.22 36.73
C ALA G 41 9.82 27.49 36.48
N THR G 42 9.91 28.02 35.26
CA THR G 42 9.03 29.08 34.80
C THR G 42 7.92 28.46 33.96
N GLN G 43 6.69 28.96 34.13
CA GLN G 43 5.52 28.27 33.58
C GLN G 43 5.47 28.36 32.06
N ILE G 44 6.51 27.87 31.39
CA ILE G 44 6.59 27.93 29.93
C ILE G 44 5.86 26.70 29.40
N ASN G 45 4.58 26.87 29.05
CA ASN G 45 3.80 25.77 28.49
C ASN G 45 4.07 25.78 26.99
N GLU G 46 5.18 25.17 26.59
CA GLU G 46 5.61 25.15 25.21
C GLU G 46 5.57 23.73 24.66
N GLN G 47 5.83 23.59 23.37
CA GLN G 47 5.57 22.32 22.69
C GLN G 47 6.77 21.79 21.93
N THR G 48 7.80 22.60 21.69
CA THR G 48 8.86 22.22 20.78
C THR G 48 10.27 22.49 21.27
N LEU G 49 10.46 23.38 22.25
CA LEU G 49 11.75 23.41 22.91
C LEU G 49 11.98 22.15 23.71
N SER G 50 10.97 21.28 23.77
CA SER G 50 11.10 19.92 24.27
C SER G 50 11.40 18.92 23.18
N PHE G 51 11.18 19.26 21.91
CA PHE G 51 11.51 18.31 20.85
C PHE G 51 12.91 18.55 20.30
N LEU G 52 13.28 19.82 20.10
CA LEU G 52 14.57 20.08 19.45
C LEU G 52 15.75 19.51 20.24
N PRO G 53 15.91 19.77 21.53
CA PRO G 53 17.03 19.16 22.25
C PRO G 53 17.00 17.64 22.24
N ARG G 54 15.81 17.05 22.28
CA ARG G 54 15.72 15.59 22.23
C ARG G 54 16.26 15.05 20.92
N LEU G 55 15.93 15.69 19.81
CA LEU G 55 16.45 15.25 18.53
C LEU G 55 17.96 15.47 18.43
N LEU G 56 18.44 16.62 18.90
CA LEU G 56 19.87 16.88 18.87
C LEU G 56 20.63 15.82 19.67
N VAL G 57 20.14 15.50 20.86
CA VAL G 57 20.81 14.51 21.69
C VAL G 57 20.68 13.11 21.10
N MET G 58 19.57 12.80 20.44
CA MET G 58 19.46 11.51 19.77
C MET G 58 20.49 11.38 18.66
N LEU G 59 20.65 12.41 17.84
CA LEU G 59 21.62 12.33 16.75
C LEU G 59 23.05 12.30 17.28
N VAL G 60 23.32 13.07 18.33
CA VAL G 60 24.65 13.02 18.95
C VAL G 60 24.92 11.66 19.55
N THR G 61 23.90 11.04 20.15
CA THR G 61 24.06 9.71 20.72
C THR G 61 24.32 8.68 19.62
N LEU G 62 23.62 8.78 18.49
CA LEU G 62 23.92 7.91 17.37
C LEU G 62 25.37 8.07 16.92
N ILE G 63 25.81 9.32 16.73
CA ILE G 63 27.17 9.57 16.27
C ILE G 63 28.18 8.99 17.24
N VAL G 64 27.97 9.21 18.54
CA VAL G 64 28.93 8.78 19.54
C VAL G 64 28.94 7.26 19.65
N ILE G 65 27.77 6.65 19.85
CA ILE G 65 27.70 5.20 20.01
C ILE G 65 28.21 4.51 18.74
N GLY G 66 27.50 4.68 17.63
CA GLY G 66 28.04 4.39 16.33
C GLY G 66 28.75 3.07 16.18
N PRO G 67 30.08 3.15 16.05
CA PRO G 67 30.87 1.95 15.68
C PRO G 67 30.68 0.76 16.60
N TRP G 68 30.61 0.94 17.92
CA TRP G 68 30.53 -0.24 18.77
C TRP G 68 29.14 -0.85 18.82
N LEU G 69 28.09 -0.04 18.66
CA LEU G 69 26.77 -0.59 18.43
C LEU G 69 26.74 -1.39 17.13
N LEU G 70 27.33 -0.83 16.08
CA LEU G 70 27.41 -1.55 14.81
C LEU G 70 28.18 -2.86 14.96
N LYS G 71 29.22 -2.87 15.79
CA LYS G 71 30.00 -4.09 15.98
C LYS G 71 29.20 -5.16 16.73
N ILE G 72 28.54 -4.75 17.81
CA ILE G 72 27.63 -5.65 18.53
C ILE G 72 26.64 -6.27 17.56
N PHE G 73 25.99 -5.44 16.75
CA PHE G 73 25.01 -5.99 15.82
C PHE G 73 25.66 -6.88 14.77
N MET G 74 26.86 -6.52 14.31
CA MET G 74 27.49 -7.29 13.25
C MET G 74 27.80 -8.70 13.71
N GLU G 75 28.33 -8.86 14.93
CA GLU G 75 28.69 -10.20 15.33
C GLU G 75 27.52 -10.93 16.00
N TYR G 76 26.45 -10.22 16.38
CA TYR G 76 25.18 -10.94 16.59
C TYR G 76 24.69 -11.56 15.29
N MET G 77 24.66 -10.77 14.22
CA MET G 77 24.26 -11.30 12.91
C MET G 77 25.20 -12.42 12.47
N LEU G 78 26.49 -12.27 12.75
CA LEU G 78 27.44 -13.30 12.37
C LEU G 78 27.23 -14.59 13.16
N SER G 79 26.95 -14.47 14.46
CA SER G 79 26.59 -15.64 15.25
C SER G 79 25.39 -16.36 14.67
N LEU G 80 24.32 -15.62 14.38
CA LEU G 80 23.13 -16.24 13.81
C LEU G 80 23.44 -16.94 12.50
N TYR G 81 24.12 -16.25 11.59
CA TYR G 81 24.33 -16.80 10.25
C TYR G 81 25.41 -17.87 10.21
N THR G 82 26.22 -18.01 11.27
CA THR G 82 27.13 -19.14 11.36
C THR G 82 26.49 -20.33 12.06
N SER G 83 25.52 -20.09 12.95
CA SER G 83 24.88 -21.18 13.66
C SER G 83 23.69 -21.76 12.92
N ILE G 84 23.18 -21.07 11.90
CA ILE G 84 22.02 -21.58 11.14
C ILE G 84 22.18 -23.05 10.75
N PRO G 85 23.26 -23.46 10.07
CA PRO G 85 23.31 -24.86 9.59
C PRO G 85 23.38 -25.90 10.69
N THR G 86 23.69 -25.50 11.92
CA THR G 86 23.66 -26.44 13.03
C THR G 86 22.27 -26.52 13.63
N LEU G 87 21.67 -25.38 13.94
CA LEU G 87 20.34 -25.35 14.54
C LEU G 87 19.25 -25.78 13.57
N ILE G 88 19.55 -25.92 12.28
CA ILE G 88 18.62 -26.55 11.36
C ILE G 88 18.31 -27.97 11.81
N GLY G 89 19.34 -28.71 12.21
CA GLY G 89 19.15 -30.08 12.66
C GLY G 89 20.36 -30.65 13.38
N MET H 1 35.10 -2.34 0.98
CA MET H 1 34.51 -1.37 1.89
C MET H 1 34.42 -1.93 3.31
N THR H 2 35.08 -1.24 4.24
CA THR H 2 35.18 -1.69 5.62
C THR H 2 34.06 -1.10 6.46
N PRO H 3 33.68 -1.79 7.54
CA PRO H 3 32.71 -1.21 8.48
C PRO H 3 33.15 0.15 8.98
N GLU H 4 34.47 0.34 9.09
CA GLU H 4 35.03 1.64 9.37
C GLU H 4 34.59 2.69 8.35
N VAL H 5 34.57 2.32 7.08
CA VAL H 5 34.12 3.25 6.04
C VAL H 5 32.62 3.53 6.18
N ALA H 6 31.83 2.51 6.50
CA ALA H 6 30.41 2.74 6.71
C ALA H 6 30.18 3.70 7.86
N VAL H 7 30.98 3.59 8.92
CA VAL H 7 30.86 4.52 10.03
C VAL H 7 31.30 5.92 9.61
N ASP H 8 32.34 6.02 8.79
CA ASP H 8 32.71 7.31 8.22
C ASP H 8 31.52 7.95 7.53
N LEU H 9 30.88 7.20 6.62
CA LEU H 9 29.77 7.75 5.84
C LEU H 9 28.63 8.17 6.75
N PHE H 10 28.28 7.34 7.72
CA PHE H 10 27.14 7.72 8.56
C PHE H 10 27.50 8.85 9.51
N ARG H 11 28.78 9.04 9.81
CA ARG H 11 29.16 10.23 10.57
C ARG H 11 29.01 11.49 9.72
N GLU H 12 29.42 11.42 8.45
CA GLU H 12 29.10 12.52 7.53
C GLU H 12 27.61 12.82 7.54
N ALA H 13 26.80 11.80 7.31
CA ALA H 13 25.36 12.00 7.17
C ALA H 13 24.75 12.59 8.44
N LEU H 14 25.08 12.01 9.59
CA LEU H 14 24.44 12.44 10.82
C LEU H 14 24.93 13.81 11.27
N TRP H 15 26.21 14.14 11.05
CA TRP H 15 26.64 15.49 11.40
C TRP H 15 26.01 16.53 10.48
N LEU H 16 25.91 16.21 9.18
CA LEU H 16 25.23 17.13 8.27
C LEU H 16 23.78 17.30 8.68
N THR H 17 23.11 16.22 9.05
CA THR H 17 21.70 16.30 9.45
C THR H 17 21.54 17.14 10.70
N THR H 18 22.37 16.92 11.71
CA THR H 18 22.19 17.68 12.94
C THR H 18 22.54 19.15 12.75
N VAL H 19 23.53 19.47 11.90
CA VAL H 19 23.84 20.87 11.70
C VAL H 19 22.76 21.54 10.86
N LEU H 20 22.19 20.85 9.88
CA LEU H 20 21.08 21.41 9.12
C LEU H 20 19.89 21.66 10.03
N VAL H 21 19.56 20.69 10.88
CA VAL H 21 18.39 20.83 11.75
C VAL H 21 18.60 21.97 12.74
N ALA H 22 19.81 22.07 13.32
CA ALA H 22 20.08 23.20 14.21
C ALA H 22 19.94 24.53 13.47
N ILE H 23 20.59 24.65 12.31
CA ILE H 23 20.55 25.89 11.55
C ILE H 23 19.11 26.29 11.24
N LEU H 24 18.27 25.30 10.90
CA LEU H 24 16.90 25.62 10.51
C LEU H 24 16.00 25.91 11.71
N VAL H 25 16.26 25.27 12.85
CA VAL H 25 15.29 25.22 13.93
C VAL H 25 15.60 26.21 15.04
N VAL H 26 16.87 26.39 15.40
CA VAL H 26 17.23 27.18 16.58
C VAL H 26 16.63 28.59 16.59
N PRO H 27 16.52 29.31 15.47
CA PRO H 27 15.80 30.60 15.53
C PRO H 27 14.33 30.45 15.88
N SER H 28 13.67 29.41 15.35
CA SER H 28 12.29 29.18 15.73
C SER H 28 12.17 28.84 17.22
N LEU H 29 13.10 28.02 17.73
CA LEU H 29 13.11 27.72 19.15
C LEU H 29 13.32 28.99 19.98
N LEU H 30 14.15 29.90 19.50
CA LEU H 30 14.41 31.12 20.24
C LEU H 30 13.21 32.04 20.24
N CYS H 31 12.50 32.12 19.12
CA CYS H 31 11.28 32.91 19.09
C CYS H 31 10.19 32.26 19.95
N GLY H 32 10.21 30.93 20.06
CA GLY H 32 9.32 30.29 21.00
C GLY H 32 9.67 30.63 22.44
N LEU H 33 10.96 30.66 22.77
CA LEU H 33 11.36 31.10 24.10
C LEU H 33 10.98 32.56 24.35
N LEU H 34 10.96 33.38 23.30
CA LEU H 34 10.61 34.79 23.48
C LEU H 34 9.11 34.99 23.65
N VAL H 35 8.30 34.23 22.91
CA VAL H 35 6.87 34.27 23.21
C VAL H 35 6.59 33.65 24.57
N ALA H 36 7.48 32.76 25.04
CA ALA H 36 7.36 32.28 26.40
C ALA H 36 7.66 33.38 27.42
N MET H 37 8.70 34.18 27.16
CA MET H 37 8.86 35.46 27.85
C MET H 37 7.55 36.22 27.90
N PHE H 38 6.96 36.50 26.73
CA PHE H 38 5.79 37.36 26.69
C PHE H 38 4.64 36.78 27.51
N GLN H 39 4.39 35.47 27.38
CA GLN H 39 3.34 34.82 28.14
C GLN H 39 3.68 34.67 29.62
N ALA H 40 4.95 34.84 30.00
CA ALA H 40 5.31 34.79 31.41
C ALA H 40 5.27 36.15 32.08
N ALA H 41 5.44 37.23 31.32
CA ALA H 41 5.33 38.56 31.89
C ALA H 41 3.93 38.80 32.42
N THR H 42 2.95 38.83 31.52
CA THR H 42 1.54 38.80 31.87
C THR H 42 1.02 37.38 31.71
N GLN H 43 0.18 36.94 32.65
CA GLN H 43 -0.15 35.53 32.76
C GLN H 43 -1.03 35.08 31.60
N ILE H 44 -0.55 35.23 30.37
CA ILE H 44 -1.32 34.86 29.19
C ILE H 44 -1.06 33.39 28.92
N ASN H 45 -1.96 32.54 29.43
CA ASN H 45 -1.85 31.09 29.20
C ASN H 45 -2.52 30.81 27.86
N GLU H 46 -1.76 31.02 26.78
CA GLU H 46 -2.27 30.86 25.43
C GLU H 46 -1.56 29.71 24.73
N GLN H 47 -2.03 29.37 23.53
CA GLN H 47 -1.59 28.14 22.88
C GLN H 47 -1.04 28.35 21.48
N THR H 48 -1.27 29.52 20.87
CA THR H 48 -0.98 29.69 19.45
C THR H 48 -0.26 30.97 19.09
N LEU H 49 -0.30 32.00 19.94
CA LEU H 49 0.63 33.09 19.72
C LEU H 49 2.06 32.66 19.97
N SER H 50 2.23 31.42 20.41
CA SER H 50 3.52 30.75 20.46
C SER H 50 3.81 29.93 19.22
N PHE H 51 2.80 29.61 18.41
CA PHE H 51 3.08 28.87 17.19
C PHE H 51 3.26 29.79 16.00
N LEU H 52 2.44 30.83 15.88
CA LEU H 52 2.51 31.67 14.69
C LEU H 52 3.88 32.32 14.50
N PRO H 53 4.45 33.02 15.50
CA PRO H 53 5.78 33.59 15.29
C PRO H 53 6.84 32.54 14.99
N ARG H 54 6.73 31.35 15.59
CA ARG H 54 7.71 30.31 15.31
C ARG H 54 7.66 29.89 13.85
N LEU H 55 6.46 29.75 13.29
CA LEU H 55 6.35 29.40 11.87
C LEU H 55 6.85 30.53 10.98
N LEU H 56 6.50 31.77 11.31
CA LEU H 56 6.97 32.90 10.51
C LEU H 56 8.49 32.95 10.49
N VAL H 57 9.12 32.78 11.66
CA VAL H 57 10.57 32.83 11.73
C VAL H 57 11.20 31.62 11.04
N MET H 58 10.55 30.45 11.10
CA MET H 58 11.07 29.31 10.37
C MET H 58 11.07 29.55 8.87
N LEU H 59 9.97 30.09 8.34
CA LEU H 59 9.92 30.34 6.90
C LEU H 59 10.89 31.46 6.50
N VAL H 60 11.02 32.49 7.33
CA VAL H 60 11.99 33.55 7.05
C VAL H 60 13.40 33.00 7.09
N THR H 61 13.69 32.09 8.02
CA THR H 61 15.00 31.47 8.10
C THR H 61 15.29 30.62 6.88
N LEU H 62 14.29 29.87 6.41
CA LEU H 62 14.47 29.12 5.16
C LEU H 62 14.79 30.06 4.01
N ILE H 63 14.01 31.14 3.86
CA ILE H 63 14.22 32.07 2.76
C ILE H 63 15.62 32.69 2.83
N VAL H 64 16.04 33.09 4.03
CA VAL H 64 17.33 33.76 4.18
C VAL H 64 18.47 32.78 3.94
N ILE H 65 18.46 31.66 4.65
CA ILE H 65 19.54 30.68 4.53
C ILE H 65 19.61 30.16 3.10
N GLY H 66 18.57 29.44 2.65
CA GLY H 66 18.35 29.21 1.24
C GLY H 66 19.55 28.76 0.46
N PRO H 67 20.05 29.66 -0.39
CA PRO H 67 21.07 29.27 -1.38
C PRO H 67 22.32 28.63 -0.80
N TRP H 68 22.85 29.12 0.33
CA TRP H 68 24.10 28.54 0.80
C TRP H 68 23.90 27.21 1.52
N LEU H 69 22.75 27.00 2.16
CA LEU H 69 22.41 25.67 2.63
C LEU H 69 22.28 24.70 1.45
N LEU H 70 21.61 25.14 0.39
CA LEU H 70 21.51 24.32 -0.81
C LEU H 70 22.87 24.01 -1.40
N LYS H 71 23.81 24.96 -1.34
CA LYS H 71 25.13 24.72 -1.89
C LYS H 71 25.90 23.71 -1.05
N ILE H 72 25.88 23.88 0.27
CA ILE H 72 26.46 22.89 1.17
C ILE H 72 25.94 21.50 0.84
N PHE H 73 24.61 21.36 0.74
CA PHE H 73 24.07 20.05 0.46
C PHE H 73 24.46 19.56 -0.92
N MET H 74 24.53 20.46 -1.90
CA MET H 74 24.82 20.04 -3.26
C MET H 74 26.20 19.44 -3.36
N GLU H 75 27.19 20.06 -2.74
CA GLU H 75 28.54 19.54 -2.89
C GLU H 75 28.86 18.48 -1.85
N TYR H 76 28.05 18.35 -0.78
CA TYR H 76 28.08 17.09 -0.04
C TYR H 76 27.62 15.93 -0.91
N MET H 77 26.48 16.10 -1.59
CA MET H 77 25.98 15.08 -2.50
C MET H 77 26.98 14.81 -3.62
N LEU H 78 27.63 15.87 -4.10
CA LEU H 78 28.62 15.69 -5.17
C LEU H 78 29.84 14.94 -4.68
N SER H 79 30.30 15.23 -3.45
CA SER H 79 31.39 14.47 -2.87
C SER H 79 31.03 12.99 -2.79
N LEU H 80 29.86 12.67 -2.24
CA LEU H 80 29.44 11.28 -2.14
C LEU H 80 29.41 10.60 -3.51
N TYR H 81 28.74 11.23 -4.48
CA TYR H 81 28.55 10.58 -5.76
C TYR H 81 29.79 10.59 -6.64
N THR H 82 30.82 11.36 -6.30
CA THR H 82 32.10 11.24 -6.99
C THR H 82 33.02 10.24 -6.30
N SER H 83 32.85 10.03 -4.99
CA SER H 83 33.71 9.09 -4.28
C SER H 83 33.17 7.67 -4.29
N ILE H 84 31.91 7.47 -4.68
CA ILE H 84 31.34 6.11 -4.71
C ILE H 84 32.25 5.11 -5.42
N PRO H 85 32.70 5.34 -6.66
CA PRO H 85 33.47 4.30 -7.37
C PRO H 85 34.81 3.99 -6.73
N THR H 86 35.31 4.86 -5.85
CA THR H 86 36.55 4.55 -5.15
C THR H 86 36.28 3.74 -3.90
N LEU H 87 35.34 4.21 -3.07
CA LEU H 87 35.02 3.52 -1.83
C LEU H 87 34.31 2.19 -2.05
N ILE H 88 33.87 1.91 -3.28
CA ILE H 88 33.40 0.56 -3.60
C ILE H 88 34.50 -0.46 -3.36
N GLY H 89 35.73 -0.14 -3.78
CA GLY H 89 36.85 -1.04 -3.59
C GLY H 89 38.20 -0.39 -3.84
N MET I 1 18.50 25.13 -16.22
CA MET I 1 17.99 25.65 -14.96
C MET I 1 19.09 25.67 -13.91
N THR I 2 19.35 26.86 -13.37
CA THR I 2 20.44 27.08 -12.42
C THR I 2 19.93 26.95 -10.99
N PRO I 3 20.80 26.57 -10.06
CA PRO I 3 20.42 26.58 -8.65
C PRO I 3 19.89 27.93 -8.21
N GLU I 4 20.41 28.99 -8.83
CA GLU I 4 19.85 30.32 -8.64
C GLU I 4 18.38 30.38 -8.98
N VAL I 5 17.97 29.73 -10.08
CA VAL I 5 16.57 29.69 -10.45
C VAL I 5 15.75 28.88 -9.45
N ALA I 6 16.30 27.77 -8.97
CA ALA I 6 15.59 27.00 -7.95
C ALA I 6 15.38 27.83 -6.69
N VAL I 7 16.36 28.65 -6.31
CA VAL I 7 16.20 29.52 -5.16
C VAL I 7 15.16 30.60 -5.45
N ASP I 8 15.15 31.13 -6.68
CA ASP I 8 14.08 32.04 -7.07
C ASP I 8 12.72 31.42 -6.82
N LEU I 9 12.51 30.21 -7.34
CA LEU I 9 11.21 29.55 -7.22
C LEU I 9 10.84 29.33 -5.77
N PHE I 10 11.78 28.84 -4.97
CA PHE I 10 11.42 28.58 -3.58
C PHE I 10 11.24 29.85 -2.78
N ARG I 11 11.84 30.96 -3.22
CA ARG I 11 11.53 32.22 -2.57
C ARG I 11 10.12 32.68 -2.91
N GLU I 12 9.70 32.52 -4.17
CA GLU I 12 8.28 32.73 -4.49
C GLU I 12 7.39 31.90 -3.58
N ALA I 13 7.65 30.60 -3.53
CA ALA I 13 6.77 29.70 -2.80
C ALA I 13 6.72 30.06 -1.32
N LEU I 14 7.88 30.27 -0.70
CA LEU I 14 7.90 30.50 0.74
C LEU I 14 7.35 31.86 1.10
N TRP I 15 7.58 32.89 0.28
CA TRP I 15 6.98 34.18 0.60
C TRP I 15 5.47 34.13 0.43
N LEU I 16 4.98 33.45 -0.61
CA LEU I 16 3.55 33.29 -0.76
C LEU I 16 2.96 32.53 0.42
N THR I 17 3.64 31.48 0.86
CA THR I 17 3.14 30.68 1.98
C THR I 17 3.08 31.51 3.26
N THR I 18 4.15 32.26 3.56
CA THR I 18 4.14 33.02 4.80
C THR I 18 3.13 34.16 4.75
N VAL I 19 2.92 34.78 3.59
CA VAL I 19 1.93 35.84 3.55
C VAL I 19 0.52 35.28 3.63
N LEU I 20 0.27 34.12 3.01
CA LEU I 20 -1.04 33.48 3.15
C LEU I 20 -1.30 33.10 4.60
N VAL I 21 -0.30 32.52 5.27
CA VAL I 21 -0.50 32.08 6.64
C VAL I 21 -0.72 33.27 7.55
N ALA I 22 0.04 34.36 7.36
CA ALA I 22 -0.19 35.55 8.16
C ALA I 22 -1.60 36.08 7.93
N ILE I 23 -1.99 36.25 6.66
CA ILE I 23 -3.30 36.80 6.33
C ILE I 23 -4.41 35.96 6.98
N LEU I 24 -4.25 34.64 6.97
CA LEU I 24 -5.30 33.78 7.49
C LEU I 24 -5.30 33.71 9.01
N VAL I 25 -4.14 33.83 9.65
CA VAL I 25 -4.00 33.47 11.05
C VAL I 25 -4.01 34.69 11.97
N VAL I 26 -3.37 35.79 11.59
CA VAL I 26 -3.18 36.93 12.49
C VAL I 26 -4.48 37.42 13.14
N PRO I 27 -5.63 37.48 12.45
CA PRO I 27 -6.86 37.83 13.17
C PRO I 27 -7.24 36.82 14.24
N SER I 28 -7.05 35.53 13.98
CA SER I 28 -7.32 34.54 15.02
C SER I 28 -6.36 34.71 16.19
N LEU I 29 -5.09 34.98 15.91
CA LEU I 29 -4.14 35.24 16.97
C LEU I 29 -4.54 36.46 17.79
N LEU I 30 -5.07 37.49 17.13
CA LEU I 30 -5.47 38.70 17.83
C LEU I 30 -6.68 38.46 18.71
N CYS I 31 -7.64 37.68 18.22
CA CYS I 31 -8.79 37.33 19.06
C CYS I 31 -8.37 36.44 20.21
N GLY I 32 -7.34 35.62 20.01
CA GLY I 32 -6.78 34.87 21.13
C GLY I 32 -6.14 35.79 22.16
N LEU I 33 -5.41 36.80 21.70
CA LEU I 33 -4.87 37.79 22.62
C LEU I 33 -5.98 38.55 23.35
N LEU I 34 -7.12 38.74 22.70
CA LEU I 34 -8.22 39.47 23.33
C LEU I 34 -8.97 38.62 24.35
N VAL I 35 -9.16 37.33 24.06
CA VAL I 35 -9.69 36.47 25.12
C VAL I 35 -8.66 36.30 26.22
N ALA I 36 -7.37 36.47 25.92
CA ALA I 36 -6.36 36.51 26.97
C ALA I 36 -6.52 37.75 27.84
N MET I 37 -6.76 38.91 27.21
CA MET I 37 -7.27 40.07 27.95
C MET I 37 -8.39 39.68 28.89
N PHE I 38 -9.46 39.09 28.34
CA PHE I 38 -10.65 38.82 29.14
C PHE I 38 -10.32 37.92 30.33
N GLN I 39 -9.55 36.86 30.08
CA GLN I 39 -9.16 35.94 31.15
C GLN I 39 -8.14 36.54 32.11
N ALA I 40 -7.50 37.65 31.74
CA ALA I 40 -6.58 38.31 32.65
C ALA I 40 -7.24 39.37 33.50
N ALA I 41 -8.34 39.96 33.02
CA ALA I 41 -9.07 40.93 33.83
C ALA I 41 -9.61 40.28 35.09
N THR I 42 -10.54 39.34 34.92
CA THR I 42 -10.98 38.46 35.99
C THR I 42 -10.25 37.13 35.84
N GLN I 43 -9.85 36.56 36.98
CA GLN I 43 -8.91 35.43 36.96
C GLN I 43 -9.58 34.17 36.43
N ILE I 44 -10.10 34.21 35.21
CA ILE I 44 -10.80 33.07 34.62
C ILE I 44 -9.72 32.21 33.95
N ASN I 45 -9.26 31.19 34.68
CA ASN I 45 -8.26 30.26 34.13
C ASN I 45 -9.05 29.20 33.38
N GLU I 46 -9.41 29.51 32.14
CA GLU I 46 -10.22 28.64 31.31
C GLU I 46 -9.41 28.16 30.11
N GLN I 47 -9.99 27.24 29.33
CA GLN I 47 -9.23 26.54 28.31
C GLN I 47 -9.86 26.60 26.92
N THR I 48 -11.12 27.01 26.82
CA THR I 48 -11.83 26.88 25.55
C THR I 48 -12.63 28.10 25.13
N LEU I 49 -12.96 29.01 26.05
CA LEU I 49 -13.44 30.29 25.57
C LEU I 49 -12.34 31.08 24.88
N SER I 50 -11.13 30.53 24.88
CA SER I 50 -10.04 31.00 24.06
C SER I 50 -9.95 30.28 22.72
N PHE I 51 -10.59 29.11 22.58
CA PHE I 51 -10.55 28.44 21.28
C PHE I 51 -11.75 28.80 20.43
N LEU I 52 -12.93 28.86 21.01
CA LEU I 52 -14.12 29.09 20.19
C LEU I 52 -14.06 30.39 19.41
N PRO I 53 -13.81 31.56 20.04
CA PRO I 53 -13.72 32.78 19.24
C PRO I 53 -12.63 32.74 18.19
N ARG I 54 -11.51 32.07 18.47
CA ARG I 54 -10.45 31.98 17.48
C ARG I 54 -10.92 31.22 16.25
N LEU I 55 -11.64 30.13 16.45
CA LEU I 55 -12.15 29.38 15.31
C LEU I 55 -13.21 30.17 14.55
N LEU I 56 -14.10 30.85 15.28
CA LEU I 56 -15.12 31.66 14.61
C LEU I 56 -14.47 32.73 13.75
N VAL I 57 -13.47 33.42 14.29
CA VAL I 57 -12.81 34.47 13.54
C VAL I 57 -12.00 33.91 12.39
N MET I 58 -11.41 32.72 12.55
CA MET I 58 -10.70 32.10 11.43
C MET I 58 -11.66 31.79 10.29
N LEU I 59 -12.82 31.22 10.59
CA LEU I 59 -13.76 30.90 9.53
C LEU I 59 -14.33 32.16 8.89
N VAL I 60 -14.61 33.19 9.69
CA VAL I 60 -15.09 34.46 9.16
C VAL I 60 -14.02 35.08 8.27
N THR I 61 -12.74 34.97 8.67
CA THR I 61 -11.66 35.52 7.87
C THR I 61 -11.53 34.77 6.54
N LEU I 62 -11.68 33.45 6.57
CA LEU I 62 -11.69 32.70 5.32
C LEU I 62 -12.82 33.17 4.42
N ILE I 63 -14.03 33.28 4.96
CA ILE I 63 -15.18 33.69 4.15
C ILE I 63 -14.95 35.08 3.55
N VAL I 64 -14.45 36.01 4.36
CA VAL I 64 -14.27 37.38 3.91
C VAL I 64 -13.17 37.45 2.87
N ILE I 65 -11.98 36.94 3.20
CA ILE I 65 -10.85 37.01 2.29
C ILE I 65 -11.17 36.27 1.00
N GLY I 66 -11.34 34.95 1.07
CA GLY I 66 -11.99 34.20 0.02
C GLY I 66 -11.51 34.49 -1.39
N PRO I 67 -12.38 35.15 -2.15
CA PRO I 67 -12.14 35.30 -3.59
C PRO I 67 -10.81 35.92 -3.96
N TRP I 68 -10.34 36.96 -3.26
CA TRP I 68 -9.12 37.60 -3.70
C TRP I 68 -7.87 36.82 -3.30
N LEU I 69 -7.91 36.09 -2.18
CA LEU I 69 -6.85 35.14 -1.90
C LEU I 69 -6.81 34.05 -2.97
N LEU I 70 -7.98 33.54 -3.35
CA LEU I 70 -8.04 32.55 -4.42
C LEU I 70 -7.49 33.11 -5.72
N LYS I 71 -7.73 34.39 -6.00
CA LYS I 71 -7.23 34.98 -7.24
C LYS I 71 -5.72 35.12 -7.22
N ILE I 72 -5.17 35.63 -6.11
CA ILE I 72 -3.72 35.67 -5.92
C ILE I 72 -3.11 34.30 -6.18
N PHE I 73 -3.67 33.27 -5.55
CA PHE I 73 -3.10 31.94 -5.74
C PHE I 73 -3.27 31.46 -7.18
N MET I 74 -4.41 31.78 -7.80
CA MET I 74 -4.66 31.28 -9.14
C MET I 74 -3.65 31.81 -10.13
N GLU I 75 -3.34 33.10 -10.05
CA GLU I 75 -2.42 33.64 -11.04
C GLU I 75 -0.95 33.51 -10.61
N TYR I 76 -0.69 33.19 -9.33
CA TYR I 76 0.62 32.62 -9.02
C TYR I 76 0.81 31.28 -9.70
N MET I 77 -0.18 30.39 -9.55
CA MET I 77 -0.13 29.09 -10.23
C MET I 77 -0.05 29.26 -11.74
N LEU I 78 -0.76 30.24 -12.27
CA LEU I 78 -0.74 30.48 -13.71
C LEU I 78 0.62 30.99 -14.17
N SER I 79 1.23 31.88 -13.39
CA SER I 79 2.59 32.31 -13.69
C SER I 79 3.55 31.12 -13.75
N LEU I 80 3.53 30.28 -12.71
CA LEU I 80 4.40 29.12 -12.68
C LEU I 80 4.18 28.23 -13.90
N TYR I 81 2.92 27.88 -14.17
CA TYR I 81 2.65 26.90 -15.22
C TYR I 81 2.76 27.50 -16.63
N THR I 82 2.84 28.82 -16.77
CA THR I 82 3.16 29.41 -18.07
C THR I 82 4.66 29.60 -18.25
N SER I 83 5.40 29.77 -17.15
CA SER I 83 6.85 29.97 -17.26
C SER I 83 7.63 28.66 -17.27
N ILE I 84 7.01 27.54 -16.90
CA ILE I 84 7.72 26.26 -16.90
C ILE I 84 8.50 26.01 -18.18
N PRO I 85 7.91 26.08 -19.38
CA PRO I 85 8.66 25.71 -20.59
C PRO I 85 9.81 26.63 -20.91
N THR I 86 9.86 27.82 -20.31
CA THR I 86 11.01 28.70 -20.51
C THR I 86 12.12 28.38 -19.51
N LEU I 87 11.76 28.30 -18.23
CA LEU I 87 12.75 28.01 -17.20
C LEU I 87 13.29 26.60 -17.26
N ILE I 88 12.67 25.72 -18.05
CA ILE I 88 13.27 24.42 -18.33
C ILE I 88 14.64 24.59 -18.97
N GLY I 89 14.75 25.51 -19.92
CA GLY I 89 16.01 25.76 -20.60
C GLY I 89 16.03 27.04 -21.41
N MET J 1 -17.56 26.38 -14.93
CA MET J 1 -17.51 26.75 -13.52
C MET J 1 -16.42 27.79 -13.27
N THR J 2 -16.83 28.93 -12.75
CA THR J 2 -15.94 30.06 -12.53
C THR J 2 -15.38 30.04 -11.13
N PRO J 3 -14.19 30.62 -10.93
CA PRO J 3 -13.65 30.76 -9.58
C PRO J 3 -14.62 31.47 -8.66
N GLU J 4 -15.41 32.38 -9.22
CA GLU J 4 -16.52 33.00 -8.50
C GLU J 4 -17.48 31.96 -7.94
N VAL J 5 -17.79 30.93 -8.74
CA VAL J 5 -18.68 29.88 -8.27
C VAL J 5 -18.01 29.04 -7.18
N ALA J 6 -16.72 28.77 -7.31
CA ALA J 6 -16.02 28.06 -6.25
C ALA J 6 -16.04 28.85 -4.94
N VAL J 7 -15.92 30.17 -5.04
CA VAL J 7 -16.00 30.99 -3.83
C VAL J 7 -17.42 30.97 -3.28
N ASP J 8 -18.43 31.00 -4.15
CA ASP J 8 -19.80 30.81 -3.68
C ASP J 8 -19.93 29.54 -2.85
N LEU J 9 -19.48 28.41 -3.41
CA LEU J 9 -19.62 27.13 -2.73
C LEU J 9 -18.89 27.14 -1.39
N PHE J 10 -17.67 27.64 -1.36
CA PHE J 10 -16.95 27.60 -0.10
C PHE J 10 -17.50 28.61 0.90
N ARG J 11 -18.19 29.64 0.44
CA ARG J 11 -18.88 30.50 1.39
C ARG J 11 -20.09 29.79 1.99
N GLU J 12 -20.84 29.05 1.17
CA GLU J 12 -21.87 28.17 1.74
C GLU J 12 -21.27 27.26 2.80
N ALA J 13 -20.21 26.53 2.44
CA ALA J 13 -19.66 25.54 3.34
C ALA J 13 -19.17 26.16 4.63
N LEU J 14 -18.41 27.24 4.54
CA LEU J 14 -17.81 27.82 5.72
C LEU J 14 -18.84 28.51 6.60
N TRP J 15 -19.86 29.15 6.01
CA TRP J 15 -20.88 29.73 6.88
C TRP J 15 -21.70 28.65 7.57
N LEU J 16 -22.01 27.57 6.86
CA LEU J 16 -22.71 26.46 7.49
C LEU J 16 -21.87 25.87 8.62
N THR J 17 -20.57 25.72 8.38
CA THR J 17 -19.70 25.15 9.41
C THR J 17 -19.63 26.04 10.63
N THR J 18 -19.46 27.35 10.44
CA THR J 18 -19.33 28.22 11.60
C THR J 18 -20.65 28.34 12.35
N VAL J 19 -21.80 28.30 11.66
CA VAL J 19 -23.05 28.38 12.39
C VAL J 19 -23.33 27.07 13.12
N LEU J 20 -22.98 25.93 12.52
CA LEU J 20 -23.13 24.65 13.23
C LEU J 20 -22.25 24.62 14.46
N VAL J 21 -21.00 25.06 14.33
CA VAL J 21 -20.08 25.02 15.46
C VAL J 21 -20.54 25.96 16.57
N ALA J 22 -20.99 27.15 16.21
CA ALA J 22 -21.53 28.05 17.22
C ALA J 22 -22.73 27.42 17.93
N ILE J 23 -23.70 26.93 17.15
CA ILE J 23 -24.91 26.35 17.73
C ILE J 23 -24.56 25.22 18.68
N LEU J 24 -23.57 24.40 18.32
CA LEU J 24 -23.23 23.25 19.16
C LEU J 24 -22.40 23.63 20.37
N VAL J 25 -21.57 24.66 20.27
CA VAL J 25 -20.52 24.90 21.24
C VAL J 25 -20.88 25.99 22.25
N VAL J 26 -21.52 27.07 21.81
CA VAL J 26 -21.74 28.25 22.66
C VAL J 26 -22.40 27.91 24.00
N PRO J 27 -23.38 26.99 24.09
CA PRO J 27 -23.87 26.63 25.42
C PRO J 27 -22.81 25.97 26.30
N SER J 28 -21.96 25.12 25.73
CA SER J 28 -20.87 24.55 26.51
C SER J 28 -19.90 25.62 26.96
N LEU J 29 -19.59 26.57 26.08
CA LEU J 29 -18.73 27.69 26.47
C LEU J 29 -19.36 28.50 27.59
N LEU J 30 -20.68 28.67 27.56
CA LEU J 30 -21.34 29.46 28.60
C LEU J 30 -21.34 28.72 29.93
N CYS J 31 -21.54 27.40 29.91
CA CYS J 31 -21.44 26.65 31.14
C CYS J 31 -20.02 26.62 31.67
N GLY J 32 -19.04 26.68 30.77
CA GLY J 32 -17.66 26.85 31.21
C GLY J 32 -17.43 28.19 31.87
N LEU J 33 -18.01 29.25 31.30
CA LEU J 33 -17.93 30.56 31.95
C LEU J 33 -18.64 30.56 33.31
N LEU J 34 -19.68 29.74 33.46
CA LEU J 34 -20.41 29.71 34.71
C LEU J 34 -19.67 28.91 35.78
N VAL J 35 -19.03 27.80 35.40
CA VAL J 35 -18.16 27.14 36.36
C VAL J 35 -16.94 28.01 36.66
N ALA J 36 -16.58 28.90 35.73
CA ALA J 36 -15.55 29.89 36.03
C ALA J 36 -16.03 30.89 37.08
N MET J 37 -17.27 31.37 36.94
CA MET J 37 -17.95 32.04 38.04
C MET J 37 -17.76 31.29 39.35
N PHE J 38 -18.18 30.02 39.38
CA PHE J 38 -18.18 29.27 40.63
C PHE J 38 -16.77 29.19 41.22
N GLN J 39 -15.78 28.88 40.38
CA GLN J 39 -14.40 28.81 40.84
C GLN J 39 -13.80 30.17 41.17
N ALA J 40 -14.43 31.26 40.74
CA ALA J 40 -13.95 32.58 41.10
C ALA J 40 -14.57 33.12 42.38
N ALA J 41 -15.78 32.67 42.72
CA ALA J 41 -16.41 33.09 43.96
C ALA J 41 -15.58 32.62 45.15
N THR J 42 -15.49 31.31 45.34
CA THR J 42 -14.55 30.71 46.27
C THR J 42 -13.34 30.22 45.49
N GLN J 43 -12.15 30.41 46.06
CA GLN J 43 -10.91 30.24 45.29
C GLN J 43 -10.65 28.77 44.98
N ILE J 44 -11.57 28.12 44.28
CA ILE J 44 -11.44 26.70 43.97
C ILE J 44 -10.65 26.62 42.66
N ASN J 45 -9.34 26.43 42.78
CA ASN J 45 -8.49 26.28 41.60
C ASN J 45 -8.53 24.81 41.22
N GLU J 46 -9.58 24.45 40.47
CA GLU J 46 -9.81 23.07 40.08
C GLU J 46 -9.70 22.93 38.56
N GLN J 47 -9.76 21.69 38.08
CA GLN J 47 -9.42 21.43 36.69
C GLN J 47 -10.50 20.67 35.93
N THR J 48 -11.48 20.09 36.61
CA THR J 48 -12.41 19.18 35.97
C THR J 48 -13.87 19.37 36.31
N LEU J 49 -14.19 20.05 37.41
CA LEU J 49 -15.57 20.49 37.56
C LEU J 49 -15.91 21.56 36.56
N SER J 50 -14.91 21.98 35.77
CA SER J 50 -15.12 22.81 34.60
C SER J 50 -15.27 21.99 33.32
N PHE J 51 -14.87 20.72 33.33
CA PHE J 51 -15.05 19.92 32.12
C PHE J 51 -16.34 19.13 32.16
N LEU J 52 -16.68 18.56 33.31
CA LEU J 52 -17.87 17.70 33.34
C LEU J 52 -19.15 18.43 32.95
N PRO J 53 -19.49 19.58 33.55
CA PRO J 53 -20.71 20.27 33.10
C PRO J 53 -20.68 20.66 31.65
N ARG J 54 -19.50 21.03 31.12
CA ARG J 54 -19.41 21.39 29.72
C ARG J 54 -19.76 20.20 28.82
N LEU J 55 -19.27 19.01 29.16
CA LEU J 55 -19.61 17.84 28.37
C LEU J 55 -21.08 17.48 28.51
N LEU J 56 -21.62 17.56 29.73
CA LEU J 56 -23.04 17.26 29.91
C LEU J 56 -23.91 18.20 29.08
N VAL J 57 -23.58 19.50 29.09
CA VAL J 57 -24.37 20.45 28.34
C VAL J 57 -24.17 20.28 26.85
N MET J 58 -22.97 19.88 26.41
CA MET J 58 -22.77 19.61 25.00
C MET J 58 -23.63 18.44 24.53
N LEU J 59 -23.67 17.36 25.31
CA LEU J 59 -24.47 16.21 24.90
C LEU J 59 -25.96 16.53 24.96
N VAL J 60 -26.39 17.29 25.97
CA VAL J 60 -27.79 17.71 26.05
C VAL J 60 -28.14 18.61 24.87
N THR J 61 -27.22 19.49 24.47
CA THR J 61 -27.45 20.35 23.33
C THR J 61 -27.56 19.56 22.04
N LEU J 62 -26.71 18.55 21.87
CA LEU J 62 -26.84 17.66 20.73
C LEU J 62 -28.21 16.99 20.71
N ILE J 63 -28.62 16.42 21.84
CA ILE J 63 -29.90 15.71 21.91
C ILE J 63 -31.05 16.67 21.58
N VAL J 64 -31.01 17.88 22.14
CA VAL J 64 -32.11 18.81 21.95
C VAL J 64 -32.15 19.32 20.52
N ILE J 65 -31.02 19.83 20.02
CA ILE J 65 -30.96 20.37 18.67
C ILE J 65 -31.29 19.29 17.65
N GLY J 66 -30.43 18.28 17.55
CA GLY J 66 -30.79 17.04 16.91
C GLY J 66 -31.47 17.15 15.57
N PRO J 67 -32.76 16.82 15.56
CA PRO J 67 -33.49 16.68 14.29
C PRO J 67 -33.44 17.90 13.38
N TRP J 68 -33.56 19.12 13.91
CA TRP J 68 -33.60 20.26 13.00
C TRP J 68 -32.23 20.65 12.48
N LEU J 69 -31.18 20.44 13.26
CA LEU J 69 -29.82 20.54 12.70
C LEU J 69 -29.61 19.52 11.60
N LEU J 70 -30.05 18.28 11.83
CA LEU J 70 -29.95 17.26 10.80
C LEU J 70 -30.74 17.64 9.56
N LYS J 71 -31.88 18.30 9.72
CA LYS J 71 -32.69 18.69 8.56
C LYS J 71 -32.00 19.80 7.76
N ILE J 72 -31.50 20.83 8.47
CA ILE J 72 -30.70 21.86 7.82
C ILE J 72 -29.58 21.24 7.01
N PHE J 73 -28.82 20.33 7.62
CA PHE J 73 -27.73 19.73 6.87
C PHE J 73 -28.22 18.88 5.72
N MET J 74 -29.35 18.18 5.89
CA MET J 74 -29.83 17.28 4.86
C MET J 74 -30.19 18.06 3.60
N GLU J 75 -30.88 19.18 3.75
CA GLU J 75 -31.31 19.89 2.56
C GLU J 75 -30.25 20.88 2.07
N TYR J 76 -29.23 21.19 2.89
CA TYR J 76 -28.02 21.76 2.30
C TYR J 76 -27.34 20.75 1.37
N MET J 77 -27.16 19.52 1.86
CA MET J 77 -26.58 18.47 1.02
C MET J 77 -27.45 18.21 -0.21
N LEU J 78 -28.76 18.28 -0.04
CA LEU J 78 -29.66 18.05 -1.17
C LEU J 78 -29.56 19.18 -2.19
N SER J 79 -29.46 20.43 -1.71
CA SER J 79 -29.22 21.55 -2.63
C SER J 79 -27.95 21.33 -3.44
N LEU J 80 -26.85 21.01 -2.75
CA LEU J 80 -25.58 20.80 -3.46
C LEU J 80 -25.72 19.69 -4.50
N TYR J 81 -26.25 18.54 -4.10
CA TYR J 81 -26.27 17.39 -4.98
C TYR J 81 -27.35 17.48 -6.07
N THR J 82 -28.30 18.42 -5.95
CA THR J 82 -29.20 18.69 -7.06
C THR J 82 -28.69 19.76 -7.99
N SER J 83 -27.85 20.67 -7.49
CA SER J 83 -27.31 21.73 -8.33
C SER J 83 -26.02 21.34 -9.04
N ILE J 84 -25.37 20.25 -8.62
CA ILE J 84 -24.12 19.83 -9.28
C ILE J 84 -24.23 19.82 -10.81
N PRO J 85 -25.20 19.14 -11.42
CA PRO J 85 -25.20 19.03 -12.89
C PRO J 85 -25.41 20.36 -13.60
N THR J 86 -25.90 21.39 -12.91
CA THR J 86 -26.02 22.70 -13.53
C THR J 86 -24.73 23.48 -13.40
N LEU J 87 -24.18 23.56 -12.18
CA LEU J 87 -22.95 24.30 -11.95
C LEU J 87 -21.73 23.64 -12.59
N ILE J 88 -21.85 22.40 -13.06
CA ILE J 88 -20.80 21.82 -13.88
C ILE J 88 -20.55 22.67 -15.13
N GLY J 89 -21.63 23.12 -15.76
CA GLY J 89 -21.52 23.94 -16.97
C GLY J 89 -22.81 24.60 -17.36
N MET K 1 -34.12 4.51 6.10
CA MET K 1 -33.83 4.73 7.52
C MET K 1 -34.81 5.71 8.14
N THR K 2 -35.38 6.59 7.30
CA THR K 2 -36.35 7.58 7.77
C THR K 2 -35.76 8.40 8.92
N PRO K 3 -34.97 9.44 8.59
CA PRO K 3 -34.05 10.06 9.56
C PRO K 3 -34.51 10.15 11.01
N GLU K 4 -35.83 10.22 11.24
CA GLU K 4 -36.35 10.17 12.60
C GLU K 4 -35.76 9.00 13.40
N VAL K 5 -35.65 7.84 12.75
CA VAL K 5 -35.09 6.66 13.42
C VAL K 5 -33.62 6.88 13.75
N ALA K 6 -32.87 7.50 12.83
CA ALA K 6 -31.45 7.75 13.08
C ALA K 6 -31.27 8.71 14.24
N VAL K 7 -32.10 9.76 14.31
CA VAL K 7 -32.05 10.67 15.45
C VAL K 7 -32.41 9.94 16.73
N ASP K 8 -33.36 8.99 16.66
CA ASP K 8 -33.72 8.22 17.84
C ASP K 8 -32.54 7.43 18.37
N LEU K 9 -31.88 6.68 17.48
CA LEU K 9 -30.71 5.90 17.88
C LEU K 9 -29.60 6.79 18.41
N PHE K 10 -29.40 7.95 17.78
CA PHE K 10 -28.32 8.82 18.21
C PHE K 10 -28.63 9.46 19.56
N ARG K 11 -29.90 9.78 19.81
CA ARG K 11 -30.29 10.27 21.13
C ARG K 11 -30.07 9.20 22.19
N GLU K 12 -30.44 7.96 21.88
CA GLU K 12 -30.20 6.86 22.80
C GLU K 12 -28.72 6.74 23.14
N ALA K 13 -27.86 6.74 22.13
CA ALA K 13 -26.43 6.59 22.35
C ALA K 13 -25.85 7.77 23.13
N LEU K 14 -26.28 8.99 22.81
CA LEU K 14 -25.77 10.14 23.53
C LEU K 14 -26.21 10.13 24.98
N TRP K 15 -27.44 9.71 25.24
CA TRP K 15 -27.90 9.61 26.62
C TRP K 15 -27.13 8.55 27.38
N LEU K 16 -26.79 7.44 26.71
CA LEU K 16 -25.96 6.43 27.37
C LEU K 16 -24.56 6.95 27.68
N THR K 17 -23.97 7.68 26.74
CA THR K 17 -22.67 8.30 26.99
C THR K 17 -22.74 9.24 28.19
N THR K 18 -23.79 10.06 28.24
CA THR K 18 -23.97 10.96 29.38
C THR K 18 -24.07 10.18 30.68
N VAL K 19 -24.89 9.13 30.69
CA VAL K 19 -25.08 8.33 31.90
C VAL K 19 -23.76 7.75 32.37
N LEU K 20 -23.04 7.09 31.46
CA LEU K 20 -21.79 6.43 31.84
C LEU K 20 -20.76 7.43 32.35
N VAL K 21 -20.52 8.51 31.59
CA VAL K 21 -19.50 9.46 31.99
C VAL K 21 -19.88 10.14 33.29
N ALA K 22 -21.17 10.43 33.50
CA ALA K 22 -21.59 11.01 34.76
C ALA K 22 -21.31 10.06 35.92
N ILE K 23 -21.81 8.83 35.82
CA ILE K 23 -21.60 7.85 36.88
C ILE K 23 -20.12 7.70 37.20
N LEU K 24 -19.26 7.80 36.19
CA LEU K 24 -17.84 7.61 36.42
C LEU K 24 -17.16 8.85 37.02
N VAL K 25 -17.56 10.04 36.60
CA VAL K 25 -16.77 11.23 36.93
C VAL K 25 -17.33 12.05 38.10
N VAL K 26 -18.64 12.00 38.36
CA VAL K 26 -19.21 12.81 39.44
C VAL K 26 -18.64 12.48 40.82
N PRO K 27 -18.38 11.22 41.18
CA PRO K 27 -17.75 10.98 42.50
C PRO K 27 -16.39 11.65 42.63
N SER K 28 -15.55 11.59 41.59
CA SER K 28 -14.29 12.32 41.61
C SER K 28 -14.53 13.81 41.73
N LEU K 29 -15.58 14.31 41.08
CA LEU K 29 -15.91 15.73 41.17
C LEU K 29 -16.23 16.12 42.62
N LEU K 30 -17.02 15.30 43.31
CA LEU K 30 -17.38 15.60 44.69
C LEU K 30 -16.16 15.52 45.61
N CYS K 31 -15.32 14.50 45.42
CA CYS K 31 -14.13 14.38 46.25
C CYS K 31 -13.13 15.49 45.96
N GLY K 32 -13.14 16.04 44.74
CA GLY K 32 -12.34 17.22 44.46
C GLY K 32 -12.95 18.49 45.02
N LEU K 33 -14.28 18.49 45.19
CA LEU K 33 -14.93 19.60 45.90
C LEU K 33 -14.56 19.59 47.37
N LEU K 34 -14.49 18.41 47.98
CA LEU K 34 -14.12 18.33 49.39
C LEU K 34 -12.69 18.83 49.62
N VAL K 35 -11.75 18.36 48.82
CA VAL K 35 -10.36 18.78 48.96
C VAL K 35 -10.21 20.22 48.53
N LEU K 52 -4.25 12.93 43.34
CA LEU K 52 -4.15 11.58 43.89
C LEU K 52 -5.46 11.07 44.51
N PRO K 53 -6.20 11.92 45.23
CA PRO K 53 -7.52 11.45 45.72
C PRO K 53 -8.48 11.10 44.60
N ARG K 54 -8.61 11.98 43.61
CA ARG K 54 -9.63 11.79 42.57
C ARG K 54 -9.36 10.54 41.75
N LEU K 55 -8.09 10.22 41.49
CA LEU K 55 -7.78 8.97 40.81
C LEU K 55 -8.19 7.77 41.66
N LEU K 56 -7.98 7.85 42.97
CA LEU K 56 -8.39 6.77 43.86
C LEU K 56 -9.90 6.62 43.87
N VAL K 57 -10.63 7.74 43.82
CA VAL K 57 -12.09 7.67 43.76
C VAL K 57 -12.53 7.04 42.44
N MET K 58 -11.85 7.37 41.34
CA MET K 58 -12.17 6.73 40.08
C MET K 58 -11.94 5.22 40.15
N LEU K 59 -10.86 4.80 40.81
CA LEU K 59 -10.59 3.37 40.95
C LEU K 59 -11.68 2.69 41.78
N VAL K 60 -12.00 3.29 42.93
CA VAL K 60 -13.05 2.74 43.79
C VAL K 60 -14.37 2.66 43.04
N THR K 61 -14.67 3.69 42.24
CA THR K 61 -15.92 3.70 41.48
C THR K 61 -15.94 2.61 40.43
N LEU K 62 -14.85 2.49 39.67
CA LEU K 62 -14.73 1.41 38.71
C LEU K 62 -15.03 0.05 39.36
N ILE K 63 -14.37 -0.22 40.48
CA ILE K 63 -14.49 -1.54 41.08
C ILE K 63 -15.88 -1.75 41.69
N VAL K 64 -16.43 -0.71 42.33
CA VAL K 64 -17.71 -0.88 43.01
C VAL K 64 -18.85 -0.94 42.01
N ILE K 65 -18.68 -0.33 40.84
CA ILE K 65 -19.71 -0.43 39.81
C ILE K 65 -19.59 -1.77 39.09
N GLY K 66 -18.41 -2.07 38.55
CA GLY K 66 -18.09 -3.39 38.06
C GLY K 66 -19.10 -4.00 37.11
N PRO K 67 -19.74 -5.08 37.54
CA PRO K 67 -20.49 -5.91 36.60
C PRO K 67 -21.76 -5.28 36.07
N TRP K 68 -22.47 -4.46 36.87
CA TRP K 68 -23.79 -4.03 36.42
C TRP K 68 -23.71 -2.99 35.30
N LEU K 69 -22.68 -2.14 35.29
CA LEU K 69 -22.54 -1.19 34.19
C LEU K 69 -22.14 -1.89 32.90
N LEU K 70 -21.15 -2.79 32.98
CA LEU K 70 -20.81 -3.61 31.83
C LEU K 70 -22.01 -4.41 31.35
N LYS K 71 -22.87 -4.83 32.27
CA LYS K 71 -24.05 -5.61 31.91
C LYS K 71 -25.11 -4.75 31.23
N ILE K 72 -25.28 -3.51 31.68
CA ILE K 72 -26.22 -2.61 31.02
C ILE K 72 -25.72 -2.26 29.63
N PHE K 73 -24.41 -2.00 29.50
CA PHE K 73 -23.86 -1.78 28.16
C PHE K 73 -23.97 -3.03 27.30
N MET K 74 -23.81 -4.21 27.89
CA MET K 74 -23.97 -5.46 27.13
C MET K 74 -25.40 -5.60 26.65
N GLU K 75 -26.37 -5.30 27.53
CA GLU K 75 -27.77 -5.32 27.14
C GLU K 75 -28.03 -4.36 25.99
N TYR K 76 -27.46 -3.16 26.06
CA TYR K 76 -27.71 -2.16 25.02
C TYR K 76 -27.07 -2.58 23.70
N MET K 77 -25.84 -3.10 23.75
CA MET K 77 -25.18 -3.55 22.53
C MET K 77 -25.95 -4.71 21.90
N LEU K 78 -26.33 -5.68 22.72
CA LEU K 78 -27.17 -6.79 22.27
C LEU K 78 -28.47 -6.28 21.65
N SER K 79 -29.07 -5.26 22.26
CA SER K 79 -30.33 -4.73 21.74
C SER K 79 -30.11 -4.05 20.39
N LEU K 80 -29.08 -3.22 20.29
CA LEU K 80 -28.72 -2.59 19.03
C LEU K 80 -28.62 -3.64 17.93
N TYR K 81 -27.77 -4.64 18.14
CA TYR K 81 -27.55 -5.64 17.10
C TYR K 81 -28.83 -6.40 16.79
N THR K 82 -29.50 -6.94 17.81
CA THR K 82 -30.73 -7.69 17.59
C THR K 82 -31.82 -6.85 16.94
N SER K 83 -31.68 -5.52 16.97
CA SER K 83 -32.66 -4.65 16.35
C SER K 83 -32.30 -4.22 14.93
N ILE K 84 -31.02 -4.26 14.58
CA ILE K 84 -30.56 -3.82 13.26
C ILE K 84 -31.42 -4.34 12.11
N PRO K 85 -31.71 -5.64 12.01
CA PRO K 85 -32.46 -6.13 10.84
C PRO K 85 -33.79 -5.43 10.61
N THR K 86 -34.51 -5.10 11.68
CA THR K 86 -35.80 -4.43 11.50
C THR K 86 -35.62 -2.96 11.21
N LEU K 87 -34.65 -2.30 11.85
CA LEU K 87 -34.44 -0.88 11.61
C LEU K 87 -33.96 -0.62 10.19
N ILE K 88 -33.39 -1.63 9.53
CA ILE K 88 -33.00 -1.46 8.13
C ILE K 88 -34.24 -1.21 7.27
N GLY K 89 -35.26 -2.03 7.43
CA GLY K 89 -36.49 -1.89 6.66
C GLY K 89 -37.05 -3.22 6.18
#